data_6B1U
#
_entry.id   6B1U
#
_cell.length_a   75.827
_cell.length_b   133.897
_cell.length_c   141.725
_cell.angle_alpha   90.00
_cell.angle_beta   92.74
_cell.angle_gamma   90.00
#
_symmetry.space_group_name_H-M   'P 1 21 1'
#
loop_
_entity.id
_entity.type
_entity.pdbx_description
1 polymer "5'-AMP-activated protein kinase catalytic subunit alpha-2"
2 polymer "5'-AMP-activated protein kinase subunit beta-1"
3 polymer "5'-AMP-activated protein kinase subunit gamma-1"
4 non-polymer STAUROSPORINE
5 non-polymer "5-{[6-chloro-5-(2'-hydroxy[1,1'-biphenyl]-4-yl)-1H-imidazo[4,5-b]pyridin-2-yl]oxy}-2-methylbenzoic acid"
6 non-polymer IMIDAZOLE
7 non-polymer 'ADENOSINE MONOPHOSPHATE'
8 water water
#
loop_
_entity_poly.entity_id
_entity_poly.type
_entity_poly.pdbx_seq_one_letter_code
_entity_poly.pdbx_strand_id
1 'polypeptide(L)'
;MGSSHHHHHHSQDPAEKQKHDGRVKIGHYVLGDTLGVGTFGKVKIGEHQLTGHKVAVKILNRQKIRSLDVVGKIKREIQN
LKLFRHPHIIKLYQVISTPTDFFMVMEYVSGGELFDYICKHGRVEEMEARRLFQQILSAVDYCHRHMVVHRDLKPENVLL
DAHMNAKIADFGLSNMMSDGEFLR(TPO)SCGSPNYAAPEVISGRLYAGPEVDIWSCGVILYALLCGTLPFDDEHVPTLF
KKIRGGVFYIPEYLNRSVATLLMHMLQVDPLKRATIKDIREHEWFKQGLPSYLFPEDPSYDANVIDDEAVKEVCEKFECT
ESEVMNSLYSGDPQDQLAVAYHLIIDNRRIMNQASEFYLASSPPSGSFMDDSAMHIPPGLKPHPERMPPLIADSPKARCP
LDALNTTKPKSLAVKKAKWHLGIRSQSKPYDIMAEVYRAMKQLDFEWKVVNAYHLRVRRKNPVTGNYVKMSLQLYLVDNR
SYLLDFKSIDDEVVEQRSGSSTPQRSCSAAGLHRPRSSFDSTTAESHSLSGSLTGSLTGSTLSSVSPRLGSHTMDFFEMC
ASLITTLAR
;
A,C
2 'polypeptide(L)'
;MGNTSSERAALERHGGHKTPRRDSSGGTKDGDRPKILMDSPEDADLFHSEEIKAPEKEEFLAWQHDLEVNDKAPAQARPT
VFRWTGGGKEVYLSGSFNNWSKLPLTR(SEP)HNNFVAILDLPEGEHQYKFFVDGQWTHDPSEPIVTSQLGTVNNIIQVK
KTDFEVFDALMVDSQKCSDVSELSSSPPGPYHQEPYVCKPEERFRAPPILPPHLLQVILNKDTGISCDPALLPEPNHVML
NHLYALSIKDGVMVLSATHRYKKKYVTTLLYKPI
;
B,D
3 'polypeptide(L)'
;MADLNWETVISSDSSPAVENEHPQETPESNNSVYTSFMKSHRCYDLIPTSSKLVVFDTSLQVKKAFFALVTNGVRAAPLW
DSKKQSFVGMLTITDFINILHRYYKSALVQIYELEEHKIETWREVYLQDSFKPLVCISPNASLFDAVSSLIRNKIHRLPV
IDPESGNTLYILTHKRILKFLKLFITEFPKPEFMSKSLEELQIGTYANIAMVRTTTPVYVALGIFVQHRVSALPVVDEKG
RVVDIYSKFDVINLAAEKTYNNLDVSVTKALQHRSHYFEGVLKCYLHETLETIINRLVEAEVHRLVVVDENDVVKGIVSL
SDILQALVLTGGEKKP
;
E,F
#
# COMPACT_ATOMS: atom_id res chain seq x y z
N ASP A 21 -13.84 47.21 -3.52
CA ASP A 21 -12.97 47.48 -4.66
C ASP A 21 -11.85 46.43 -4.78
N GLY A 22 -11.18 46.14 -3.67
CA GLY A 22 -10.09 45.16 -3.59
C GLY A 22 -10.54 43.75 -3.26
N ARG A 23 -11.84 43.46 -3.44
CA ARG A 23 -12.47 42.17 -3.18
C ARG A 23 -12.04 41.13 -4.23
N VAL A 24 -12.15 39.85 -3.87
CA VAL A 24 -11.83 38.72 -4.75
C VAL A 24 -13.02 38.46 -5.67
N LYS A 25 -12.83 38.69 -6.98
CA LYS A 25 -13.86 38.53 -8.01
C LYS A 25 -13.50 37.51 -9.07
N ILE A 26 -14.37 36.53 -9.28
CA ILE A 26 -14.22 35.53 -10.34
C ILE A 26 -15.41 35.72 -11.27
N GLY A 27 -15.11 36.21 -12.47
CA GLY A 27 -16.11 36.59 -13.45
C GLY A 27 -16.67 37.93 -13.01
N HIS A 28 -17.97 37.97 -12.70
CA HIS A 28 -18.63 39.19 -12.20
C HIS A 28 -19.17 38.95 -10.79
N TYR A 29 -18.78 37.82 -10.18
CA TYR A 29 -19.19 37.40 -8.85
C TYR A 29 -18.13 37.66 -7.79
N VAL A 30 -18.57 38.29 -6.69
CA VAL A 30 -17.74 38.59 -5.53
C VAL A 30 -17.83 37.40 -4.56
N LEU A 31 -16.69 36.79 -4.25
CA LEU A 31 -16.62 35.63 -3.37
C LEU A 31 -16.73 36.04 -1.90
N GLY A 32 -17.69 35.42 -1.22
CA GLY A 32 -17.98 35.66 0.19
C GLY A 32 -17.56 34.51 1.10
N ASP A 33 -18.40 34.21 2.10
CA ASP A 33 -18.16 33.15 3.08
C ASP A 33 -18.11 31.75 2.48
N THR A 34 -17.33 30.85 3.13
CA THR A 34 -17.20 29.45 2.74
C THR A 34 -18.48 28.74 3.16
N LEU A 35 -19.17 28.10 2.20
CA LEU A 35 -20.40 27.35 2.46
C LEU A 35 -20.07 26.01 3.12
N GLY A 36 -18.94 25.42 2.71
CA GLY A 36 -18.46 24.15 3.24
C GLY A 36 -17.27 23.59 2.47
N VAL A 37 -16.83 22.39 2.86
CA VAL A 37 -15.71 21.66 2.24
C VAL A 37 -16.25 20.30 1.78
N GLY A 38 -16.20 20.06 0.47
CA GLY A 38 -16.67 18.81 -0.12
C GLY A 38 -15.61 17.74 -0.16
N THR A 39 -15.94 16.60 -0.81
CA THR A 39 -15.03 15.45 -0.99
C THR A 39 -13.76 15.89 -1.74
N PHE A 40 -13.92 16.85 -2.68
CA PHE A 40 -12.85 17.46 -3.45
C PHE A 40 -13.12 18.97 -3.55
N GLY A 41 -12.18 19.78 -3.08
CA GLY A 41 -12.29 21.23 -3.12
C GLY A 41 -12.99 21.90 -1.97
N LYS A 42 -13.28 23.21 -2.15
CA LYS A 42 -13.93 24.12 -1.20
C LYS A 42 -15.09 24.84 -1.89
N VAL A 43 -16.22 25.03 -1.20
CA VAL A 43 -17.38 25.72 -1.78
C VAL A 43 -17.58 27.06 -1.09
N LYS A 44 -17.70 28.15 -1.88
CA LYS A 44 -17.89 29.52 -1.40
C LYS A 44 -19.09 30.18 -2.06
N ILE A 45 -19.78 31.07 -1.33
CA ILE A 45 -20.91 31.81 -1.87
C ILE A 45 -20.37 32.93 -2.77
N GLY A 46 -21.05 33.15 -3.90
CA GLY A 46 -20.72 34.18 -4.88
C GLY A 46 -21.88 35.12 -5.05
N GLU A 47 -21.63 36.44 -5.07
CA GLU A 47 -22.66 37.45 -5.25
C GLU A 47 -22.30 38.39 -6.40
N HIS A 48 -23.21 38.49 -7.41
CA HIS A 48 -23.02 39.32 -8.60
C HIS A 48 -22.81 40.78 -8.25
N GLN A 49 -21.69 41.35 -8.71
CA GLN A 49 -21.25 42.73 -8.48
C GLN A 49 -22.31 43.78 -8.81
N LEU A 50 -23.08 43.56 -9.89
CA LEU A 50 -24.10 44.50 -10.37
C LEU A 50 -25.51 44.22 -9.84
N THR A 51 -25.96 42.95 -9.88
CA THR A 51 -27.33 42.55 -9.50
C THR A 51 -27.50 41.96 -8.10
N GLY A 52 -26.49 41.24 -7.62
CA GLY A 52 -26.54 40.58 -6.33
C GLY A 52 -27.02 39.14 -6.43
N HIS A 53 -27.05 38.59 -7.66
CA HIS A 53 -27.45 37.21 -7.93
C HIS A 53 -26.48 36.26 -7.24
N LYS A 54 -27.03 35.28 -6.50
CA LYS A 54 -26.23 34.35 -5.72
C LYS A 54 -25.98 33.01 -6.39
N VAL A 55 -24.71 32.59 -6.37
CA VAL A 55 -24.21 31.32 -6.93
C VAL A 55 -23.32 30.64 -5.87
N ALA A 56 -23.08 29.33 -6.04
CA ALA A 56 -22.18 28.56 -5.20
C ALA A 56 -20.97 28.19 -6.06
N VAL A 57 -19.77 28.61 -5.63
CA VAL A 57 -18.53 28.39 -6.38
C VAL A 57 -17.65 27.32 -5.73
N LYS A 58 -17.54 26.14 -6.39
CA LYS A 58 -16.67 25.04 -5.95
C LYS A 58 -15.29 25.29 -6.55
N ILE A 59 -14.30 25.57 -5.70
CA ILE A 59 -12.92 25.85 -6.07
C ILE A 59 -12.07 24.57 -5.97
N LEU A 60 -11.56 24.12 -7.12
CA LEU A 60 -10.71 22.93 -7.23
C LEU A 60 -9.26 23.35 -7.51
N ASN A 61 -8.33 22.96 -6.63
CA ASN A 61 -6.91 23.27 -6.81
C ASN A 61 -6.31 22.28 -7.82
N ARG A 62 -5.75 22.82 -8.94
CA ARG A 62 -5.16 22.04 -10.03
C ARG A 62 -4.00 21.15 -9.55
N GLN A 63 -3.14 21.67 -8.65
CA GLN A 63 -2.01 20.93 -8.09
C GLN A 63 -2.47 19.79 -7.17
N LYS A 64 -3.51 20.04 -6.35
CA LYS A 64 -4.10 19.04 -5.44
C LYS A 64 -4.69 17.88 -6.23
N ILE A 65 -5.29 18.18 -7.41
CA ILE A 65 -5.85 17.19 -8.34
C ILE A 65 -4.71 16.36 -8.93
N ARG A 66 -3.62 17.04 -9.38
CA ARG A 66 -2.42 16.40 -9.95
C ARG A 66 -1.73 15.49 -8.95
N SER A 67 -1.58 15.95 -7.69
CA SER A 67 -0.96 15.23 -6.57
C SER A 67 -1.71 13.95 -6.21
N LEU A 68 -3.03 13.94 -6.39
CA LEU A 68 -3.90 12.80 -6.10
C LEU A 68 -4.23 11.96 -7.34
N ASP A 69 -3.81 12.42 -8.55
CA ASP A 69 -4.05 11.79 -9.86
C ASP A 69 -5.56 11.56 -10.13
N VAL A 70 -6.37 12.57 -9.74
CA VAL A 70 -7.83 12.57 -9.85
C VAL A 70 -8.29 13.33 -11.13
N VAL A 71 -7.35 13.63 -12.06
CA VAL A 71 -7.57 14.33 -13.32
C VAL A 71 -8.71 13.69 -14.15
N GLY A 72 -8.73 12.36 -14.22
CA GLY A 72 -9.75 11.58 -14.92
C GLY A 72 -11.14 11.71 -14.31
N LYS A 73 -11.22 11.60 -12.97
CA LYS A 73 -12.48 11.71 -12.20
C LYS A 73 -13.10 13.11 -12.32
N ILE A 74 -12.26 14.18 -12.18
CA ILE A 74 -12.67 15.58 -12.30
C ILE A 74 -13.22 15.85 -13.71
N LYS A 75 -12.57 15.29 -14.76
CA LYS A 75 -12.99 15.40 -16.15
C LYS A 75 -14.38 14.80 -16.37
N ARG A 76 -14.62 13.56 -15.88
CA ARG A 76 -15.91 12.87 -15.99
C ARG A 76 -17.01 13.56 -15.19
N GLU A 77 -16.66 14.12 -14.01
CA GLU A 77 -17.57 14.83 -13.10
C GLU A 77 -18.12 16.11 -13.75
N ILE A 78 -17.26 16.87 -14.45
CA ILE A 78 -17.64 18.11 -15.16
C ILE A 78 -18.54 17.76 -16.36
N GLN A 79 -18.14 16.74 -17.15
CA GLN A 79 -18.87 16.24 -18.31
C GLN A 79 -20.33 15.89 -17.98
N ASN A 80 -20.54 15.18 -16.86
CA ASN A 80 -21.87 14.76 -16.39
C ASN A 80 -22.70 15.92 -15.86
N LEU A 81 -22.12 16.80 -15.02
CA LEU A 81 -22.83 17.95 -14.44
C LEU A 81 -23.27 18.97 -15.50
N LYS A 82 -22.55 19.03 -16.64
CA LYS A 82 -22.87 19.89 -17.78
C LYS A 82 -24.06 19.29 -18.55
N LEU A 83 -24.07 17.94 -18.68
CA LEU A 83 -25.11 17.15 -19.36
C LEU A 83 -26.41 17.10 -18.53
N PHE A 84 -26.28 17.04 -17.19
CA PHE A 84 -27.40 16.95 -16.24
C PHE A 84 -28.31 18.17 -16.25
N ARG A 85 -29.63 17.91 -16.36
CA ARG A 85 -30.68 18.91 -16.39
C ARG A 85 -31.88 18.35 -15.60
N HIS A 86 -31.79 18.41 -14.26
CA HIS A 86 -32.83 17.90 -13.38
C HIS A 86 -33.19 18.90 -12.28
N PRO A 87 -34.51 19.11 -11.98
CA PRO A 87 -34.87 20.08 -10.93
C PRO A 87 -34.45 19.71 -9.50
N HIS A 88 -33.96 18.46 -9.28
CA HIS A 88 -33.56 18.02 -7.95
C HIS A 88 -32.07 17.58 -7.88
N ILE A 89 -31.26 18.16 -8.78
CA ILE A 89 -29.81 18.01 -8.88
C ILE A 89 -29.28 19.43 -9.11
N ILE A 90 -28.26 19.84 -8.32
CA ILE A 90 -27.65 21.17 -8.40
C ILE A 90 -27.11 21.42 -9.82
N LYS A 91 -27.57 22.53 -10.46
CA LYS A 91 -27.15 22.90 -11.82
C LYS A 91 -25.75 23.49 -11.81
N LEU A 92 -24.97 23.17 -12.85
CA LEU A 92 -23.64 23.72 -13.07
C LEU A 92 -23.80 24.72 -14.22
N TYR A 93 -23.62 26.03 -13.93
CA TYR A 93 -23.77 27.08 -14.91
C TYR A 93 -22.57 27.16 -15.84
N GLN A 94 -21.36 27.30 -15.26
CA GLN A 94 -20.11 27.39 -16.01
C GLN A 94 -18.91 26.97 -15.18
N VAL A 95 -17.81 26.61 -15.86
CA VAL A 95 -16.54 26.26 -15.22
C VAL A 95 -15.52 27.28 -15.74
N ILE A 96 -14.93 28.06 -14.81
CA ILE A 96 -13.92 29.07 -15.13
C ILE A 96 -12.54 28.49 -14.81
N SER A 97 -11.72 28.30 -15.85
CA SER A 97 -10.38 27.75 -15.71
C SER A 97 -9.36 28.86 -15.54
N THR A 98 -8.44 28.70 -14.57
CA THR A 98 -7.33 29.63 -14.28
C THR A 98 -6.01 28.80 -14.22
N PRO A 99 -4.80 29.41 -14.23
CA PRO A 99 -3.57 28.59 -14.19
C PRO A 99 -3.35 27.76 -12.92
N THR A 100 -3.97 28.18 -11.79
CA THR A 100 -3.83 27.49 -10.51
C THR A 100 -5.07 26.74 -10.06
N ASP A 101 -6.28 27.25 -10.38
CA ASP A 101 -7.53 26.65 -9.91
C ASP A 101 -8.63 26.53 -10.96
N PHE A 102 -9.66 25.72 -10.65
CA PHE A 102 -10.86 25.52 -11.44
C PHE A 102 -12.03 26.03 -10.61
N PHE A 103 -12.84 26.94 -11.20
CA PHE A 103 -13.97 27.54 -10.50
C PHE A 103 -15.29 27.08 -11.10
N MET A 104 -16.01 26.20 -10.37
CA MET A 104 -17.28 25.67 -10.83
C MET A 104 -18.43 26.51 -10.31
N VAL A 105 -18.98 27.37 -11.18
CA VAL A 105 -20.10 28.25 -10.84
C VAL A 105 -21.39 27.43 -10.91
N MET A 106 -21.99 27.18 -9.75
CA MET A 106 -23.19 26.36 -9.59
C MET A 106 -24.38 27.13 -9.00
N GLU A 107 -25.56 26.53 -9.10
CA GLU A 107 -26.84 27.02 -8.58
C GLU A 107 -26.78 27.07 -7.06
N TYR A 108 -27.18 28.22 -6.46
CA TYR A 108 -27.19 28.41 -5.02
C TYR A 108 -28.58 28.16 -4.44
N VAL A 109 -28.61 27.43 -3.32
CA VAL A 109 -29.82 27.09 -2.55
C VAL A 109 -29.65 27.62 -1.11
N SER A 110 -30.61 28.43 -0.66
CA SER A 110 -30.59 29.14 0.63
C SER A 110 -30.86 28.28 1.89
N GLY A 111 -31.68 27.24 1.77
CA GLY A 111 -32.08 26.37 2.89
C GLY A 111 -31.03 25.49 3.54
N GLY A 112 -29.88 25.34 2.90
CA GLY A 112 -28.77 24.53 3.41
C GLY A 112 -29.03 23.04 3.39
N GLU A 113 -28.29 22.28 4.22
CA GLU A 113 -28.36 20.82 4.34
C GLU A 113 -29.71 20.32 4.88
N LEU A 114 -30.16 19.13 4.40
CA LEU A 114 -31.36 18.44 4.86
C LEU A 114 -31.10 17.93 6.28
N PHE A 115 -29.82 17.59 6.57
CA PHE A 115 -29.33 17.14 7.88
C PHE A 115 -29.70 18.16 8.96
N ASP A 116 -29.44 19.46 8.71
CA ASP A 116 -29.76 20.55 9.62
C ASP A 116 -31.26 20.74 9.83
N TYR A 117 -32.07 20.49 8.79
CA TYR A 117 -33.53 20.58 8.88
C TYR A 117 -34.06 19.47 9.80
N ILE A 118 -33.54 18.24 9.62
CA ILE A 118 -33.90 17.06 10.42
C ILE A 118 -33.60 17.32 11.91
N CYS A 119 -32.42 17.89 12.20
CA CYS A 119 -31.98 18.24 13.55
C CYS A 119 -32.83 19.32 14.21
N LYS A 120 -33.20 20.36 13.43
CA LYS A 120 -34.01 21.50 13.89
C LYS A 120 -35.42 21.07 14.31
N HIS A 121 -36.07 20.21 13.53
CA HIS A 121 -37.43 19.73 13.77
C HIS A 121 -37.52 18.42 14.57
N GLY A 122 -36.38 17.79 14.83
CA GLY A 122 -36.33 16.52 15.54
C GLY A 122 -36.54 15.36 14.59
N ARG A 123 -37.69 15.36 13.90
CA ARG A 123 -38.11 14.40 12.87
C ARG A 123 -39.13 15.07 11.93
N VAL A 124 -39.02 14.76 10.63
CA VAL A 124 -39.89 15.30 9.58
C VAL A 124 -41.22 14.51 9.52
N GLU A 125 -42.36 15.24 9.46
CA GLU A 125 -43.72 14.67 9.37
C GLU A 125 -43.88 13.87 8.07
N GLU A 126 -44.63 12.76 8.13
CA GLU A 126 -44.88 11.81 7.02
C GLU A 126 -45.15 12.46 5.65
N MET A 127 -46.01 13.50 5.60
CA MET A 127 -46.37 14.22 4.37
C MET A 127 -45.15 14.91 3.74
N GLU A 128 -44.44 15.74 4.52
CA GLU A 128 -43.24 16.47 4.09
C GLU A 128 -42.08 15.49 3.79
N ALA A 129 -41.93 14.43 4.62
CA ALA A 129 -40.90 13.39 4.48
C ALA A 129 -41.04 12.65 3.16
N ARG A 130 -42.28 12.24 2.79
CA ARG A 130 -42.59 11.54 1.55
C ARG A 130 -42.28 12.43 0.36
N ARG A 131 -42.77 13.69 0.39
CA ARG A 131 -42.57 14.71 -0.64
C ARG A 131 -41.07 14.87 -0.94
N LEU A 132 -40.25 15.02 0.12
CA LEU A 132 -38.81 15.17 0.00
C LEU A 132 -38.14 13.90 -0.54
N PHE A 133 -38.60 12.71 -0.08
CA PHE A 133 -38.09 11.41 -0.53
C PHE A 133 -38.38 11.18 -2.02
N GLN A 134 -39.61 11.52 -2.47
CA GLN A 134 -40.04 11.42 -3.87
C GLN A 134 -39.13 12.24 -4.78
N GLN A 135 -38.74 13.45 -4.33
CA GLN A 135 -37.84 14.37 -5.05
C GLN A 135 -36.41 13.82 -5.11
N ILE A 136 -35.91 13.26 -3.98
CA ILE A 136 -34.57 12.66 -3.86
C ILE A 136 -34.48 11.45 -4.81
N LEU A 137 -35.46 10.54 -4.73
CA LEU A 137 -35.51 9.34 -5.58
C LEU A 137 -35.63 9.66 -7.08
N SER A 138 -36.29 10.79 -7.43
CA SER A 138 -36.45 11.29 -8.80
C SER A 138 -35.07 11.70 -9.36
N ALA A 139 -34.24 12.32 -8.51
CA ALA A 139 -32.89 12.75 -8.83
C ALA A 139 -31.95 11.55 -8.97
N VAL A 140 -32.07 10.56 -8.06
CA VAL A 140 -31.27 9.32 -8.03
C VAL A 140 -31.53 8.52 -9.30
N ASP A 141 -32.81 8.36 -9.68
CA ASP A 141 -33.25 7.65 -10.89
C ASP A 141 -32.70 8.31 -12.16
N TYR A 142 -32.64 9.66 -12.19
CA TYR A 142 -32.11 10.42 -13.31
C TYR A 142 -30.64 10.08 -13.51
N CYS A 143 -29.87 9.99 -12.41
CA CYS A 143 -28.45 9.64 -12.43
C CYS A 143 -28.24 8.24 -13.00
N HIS A 144 -29.01 7.25 -12.51
CA HIS A 144 -28.94 5.84 -12.91
C HIS A 144 -29.29 5.64 -14.38
N ARG A 145 -30.30 6.37 -14.90
CA ARG A 145 -30.71 6.31 -16.31
C ARG A 145 -29.62 6.90 -17.22
N HIS A 146 -28.77 7.78 -16.65
CA HIS A 146 -27.65 8.42 -17.33
C HIS A 146 -26.33 7.72 -16.99
N MET A 147 -26.44 6.48 -16.46
CA MET A 147 -25.36 5.55 -16.09
C MET A 147 -24.38 6.11 -15.03
N VAL A 148 -24.88 6.95 -14.11
CA VAL A 148 -24.09 7.57 -13.03
C VAL A 148 -24.61 7.13 -11.64
N VAL A 149 -23.70 6.73 -10.76
CA VAL A 149 -23.97 6.32 -9.37
C VAL A 149 -23.41 7.44 -8.48
N HIS A 150 -24.22 7.96 -7.52
CA HIS A 150 -23.78 9.03 -6.61
C HIS A 150 -22.75 8.54 -5.58
N ARG A 151 -23.03 7.39 -4.92
CA ARG A 151 -22.18 6.72 -3.91
C ARG A 151 -21.86 7.53 -2.62
N ASP A 152 -22.50 8.70 -2.43
CA ASP A 152 -22.32 9.53 -1.24
C ASP A 152 -23.63 10.25 -0.87
N LEU A 153 -24.73 9.47 -0.89
CA LEU A 153 -26.05 9.98 -0.57
C LEU A 153 -26.27 9.94 0.94
N LYS A 154 -26.48 11.13 1.51
CA LYS A 154 -26.72 11.40 2.93
C LYS A 154 -27.43 12.77 3.05
N PRO A 155 -28.21 13.05 4.13
CA PRO A 155 -28.89 14.37 4.21
C PRO A 155 -27.96 15.58 4.19
N GLU A 156 -26.66 15.36 4.45
CA GLU A 156 -25.63 16.41 4.41
C GLU A 156 -25.37 16.80 2.96
N ASN A 157 -25.53 15.85 2.02
CA ASN A 157 -25.34 16.05 0.59
C ASN A 157 -26.65 16.31 -0.17
N VAL A 158 -27.76 16.47 0.58
CA VAL A 158 -29.08 16.79 0.06
C VAL A 158 -29.37 18.20 0.56
N LEU A 159 -29.46 19.16 -0.37
CA LEU A 159 -29.70 20.57 -0.04
C LEU A 159 -31.14 20.99 -0.26
N LEU A 160 -31.57 22.06 0.44
CA LEU A 160 -32.93 22.60 0.35
C LEU A 160 -32.93 24.02 -0.19
N ASP A 161 -33.91 24.35 -1.05
CA ASP A 161 -34.05 25.70 -1.58
C ASP A 161 -35.05 26.51 -0.72
N ALA A 162 -35.45 27.72 -1.17
CA ALA A 162 -36.40 28.56 -0.44
C ALA A 162 -37.81 27.96 -0.38
N HIS A 163 -38.18 27.17 -1.41
CA HIS A 163 -39.49 26.52 -1.52
C HIS A 163 -39.51 25.06 -1.00
N MET A 164 -38.51 24.71 -0.17
CA MET A 164 -38.33 23.40 0.50
C MET A 164 -38.19 22.21 -0.48
N ASN A 165 -37.48 22.43 -1.60
CA ASN A 165 -37.22 21.40 -2.60
C ASN A 165 -35.82 20.82 -2.44
N ALA A 166 -35.71 19.48 -2.48
CA ALA A 166 -34.45 18.75 -2.31
C ALA A 166 -33.60 18.81 -3.57
N LYS A 167 -32.27 18.93 -3.40
CA LYS A 167 -31.28 18.99 -4.49
C LYS A 167 -30.01 18.23 -4.08
N ILE A 168 -29.69 17.10 -4.75
CA ILE A 168 -28.47 16.32 -4.46
C ILE A 168 -27.26 17.11 -5.01
N ALA A 169 -26.08 17.11 -4.31
CA ALA A 169 -25.02 18.01 -4.75
C ALA A 169 -23.59 17.46 -4.98
N ASP A 170 -22.97 16.80 -3.99
CA ASP A 170 -21.55 16.42 -4.13
C ASP A 170 -21.31 15.16 -4.98
N PHE A 171 -20.92 15.35 -6.25
CA PHE A 171 -20.62 14.27 -7.19
C PHE A 171 -19.13 13.89 -7.23
N GLY A 172 -18.41 14.15 -6.14
CA GLY A 172 -16.99 13.85 -5.99
C GLY A 172 -16.68 12.37 -5.89
N LEU A 173 -17.54 11.60 -5.19
CA LEU A 173 -17.40 10.15 -5.01
C LEU A 173 -18.21 9.35 -6.03
N SER A 174 -18.78 10.04 -7.02
CA SER A 174 -19.58 9.42 -8.08
C SER A 174 -18.69 8.68 -9.10
N ASN A 175 -19.31 7.77 -9.87
CA ASN A 175 -18.65 7.00 -10.91
C ASN A 175 -19.66 6.55 -11.96
N MET A 176 -19.17 6.29 -13.18
CA MET A 176 -20.00 5.84 -14.28
C MET A 176 -20.00 4.32 -14.39
N MET A 177 -21.19 3.73 -14.55
CA MET A 177 -21.37 2.30 -14.67
C MET A 177 -21.47 1.85 -16.13
N SER A 178 -20.58 0.95 -16.54
CA SER A 178 -20.49 0.42 -17.89
C SER A 178 -20.91 -1.04 -17.97
N ASP A 179 -21.31 -1.48 -19.18
CA ASP A 179 -21.78 -2.84 -19.49
C ASP A 179 -20.73 -3.89 -19.16
N GLY A 180 -21.11 -4.84 -18.31
CA GLY A 180 -20.26 -5.96 -17.89
C GLY A 180 -19.31 -5.69 -16.75
N GLU A 181 -18.99 -4.42 -16.49
CA GLU A 181 -18.05 -4.02 -15.43
C GLU A 181 -18.72 -3.79 -14.08
N PHE A 182 -17.96 -3.94 -12.98
CA PHE A 182 -18.39 -3.74 -11.60
C PHE A 182 -17.60 -2.61 -10.95
N LEU A 183 -18.12 -2.09 -9.81
CA LEU A 183 -17.48 -1.03 -9.03
C LEU A 183 -17.08 -1.62 -7.68
N ARG A 184 -15.91 -1.22 -7.14
CA ARG A 184 -15.45 -1.73 -5.84
C ARG A 184 -15.17 -0.62 -4.81
N SER A 186 -14.42 1.96 -2.05
CA SER A 186 -15.07 2.21 -0.75
C SER A 186 -15.38 3.70 -0.60
N CYS A 187 -16.61 4.09 -0.93
CA CYS A 187 -17.06 5.49 -0.92
C CYS A 187 -18.22 5.78 0.03
N GLY A 188 -18.15 6.94 0.68
CA GLY A 188 -19.18 7.45 1.58
C GLY A 188 -18.93 7.22 3.05
N SER A 189 -19.82 7.81 3.89
CA SER A 189 -19.79 7.69 5.34
C SER A 189 -20.25 6.26 5.70
N PRO A 190 -19.65 5.62 6.74
CA PRO A 190 -20.07 4.24 7.07
C PRO A 190 -21.54 4.06 7.41
N ASN A 191 -22.17 5.09 8.02
CA ASN A 191 -23.58 5.09 8.41
C ASN A 191 -24.57 4.95 7.26
N TYR A 192 -24.18 5.41 6.05
CA TYR A 192 -25.01 5.38 4.86
C TYR A 192 -24.54 4.35 3.81
N ALA A 193 -23.35 3.76 4.04
CA ALA A 193 -22.76 2.76 3.14
C ALA A 193 -23.41 1.39 3.27
N ALA A 194 -23.64 0.71 2.14
CA ALA A 194 -24.25 -0.61 2.03
C ALA A 194 -23.32 -1.72 2.59
N PRO A 195 -23.85 -2.92 2.99
CA PRO A 195 -22.96 -3.97 3.53
C PRO A 195 -21.84 -4.42 2.60
N GLU A 196 -22.07 -4.41 1.27
CA GLU A 196 -21.06 -4.79 0.27
C GLU A 196 -19.92 -3.76 0.19
N VAL A 197 -20.24 -2.47 0.39
CA VAL A 197 -19.30 -1.33 0.36
C VAL A 197 -18.31 -1.46 1.54
N ILE A 198 -18.86 -1.72 2.75
CA ILE A 198 -18.11 -1.92 3.99
C ILE A 198 -17.18 -3.12 3.86
N SER A 199 -17.70 -4.25 3.33
CA SER A 199 -16.98 -5.52 3.13
C SER A 199 -15.85 -5.46 2.09
N GLY A 200 -15.80 -4.38 1.29
CA GLY A 200 -14.79 -4.19 0.25
C GLY A 200 -14.97 -5.12 -0.93
N ARG A 201 -16.23 -5.44 -1.25
CA ARG A 201 -16.64 -6.34 -2.32
C ARG A 201 -17.11 -5.56 -3.55
N LEU A 202 -17.08 -6.24 -4.72
CA LEU A 202 -17.53 -5.70 -6.01
C LEU A 202 -19.06 -5.60 -6.02
N TYR A 203 -19.57 -4.50 -6.55
CA TYR A 203 -21.00 -4.25 -6.64
C TYR A 203 -21.39 -3.61 -7.96
N ALA A 204 -22.64 -3.81 -8.36
CA ALA A 204 -23.16 -3.20 -9.58
C ALA A 204 -23.22 -1.69 -9.58
N GLY A 205 -23.64 -1.10 -8.47
CA GLY A 205 -23.84 0.34 -8.43
C GLY A 205 -25.16 0.82 -7.86
N PRO A 206 -26.25 0.64 -8.57
CA PRO A 206 -27.52 1.27 -8.18
C PRO A 206 -28.07 0.85 -6.82
N GLU A 207 -27.97 -0.44 -6.50
CA GLU A 207 -28.41 -1.01 -5.22
C GLU A 207 -27.74 -0.35 -4.00
N VAL A 208 -26.53 0.20 -4.19
CA VAL A 208 -25.74 0.91 -3.19
C VAL A 208 -26.39 2.27 -2.89
N ASP A 209 -26.87 2.97 -3.93
CA ASP A 209 -27.57 4.26 -3.81
C ASP A 209 -28.93 4.09 -3.15
N ILE A 210 -29.61 2.94 -3.43
CA ILE A 210 -30.92 2.62 -2.85
C ILE A 210 -30.79 2.35 -1.35
N TRP A 211 -29.67 1.72 -0.90
CA TRP A 211 -29.41 1.49 0.53
C TRP A 211 -29.35 2.85 1.22
N SER A 212 -28.48 3.76 0.72
CA SER A 212 -28.27 5.13 1.22
C SER A 212 -29.58 5.91 1.29
N CYS A 213 -30.47 5.76 0.30
CA CYS A 213 -31.79 6.41 0.26
C CYS A 213 -32.71 5.85 1.35
N GLY A 214 -32.54 4.57 1.69
CA GLY A 214 -33.29 3.90 2.74
C GLY A 214 -32.93 4.45 4.11
N VAL A 215 -31.63 4.77 4.29
CA VAL A 215 -31.09 5.36 5.51
C VAL A 215 -31.60 6.81 5.64
N ILE A 216 -31.74 7.54 4.49
CA ILE A 216 -32.24 8.92 4.44
C ILE A 216 -33.72 8.96 4.84
N LEU A 217 -34.53 8.00 4.33
CA LEU A 217 -35.95 7.88 4.64
C LEU A 217 -36.16 7.58 6.14
N TYR A 218 -35.32 6.71 6.71
CA TYR A 218 -35.34 6.38 8.14
C TYR A 218 -35.00 7.65 8.95
N ALA A 219 -33.94 8.39 8.54
CA ALA A 219 -33.51 9.63 9.20
C ALA A 219 -34.51 10.77 9.07
N LEU A 220 -35.28 10.79 7.96
CA LEU A 220 -36.31 11.82 7.76
C LEU A 220 -37.45 11.59 8.74
N LEU A 221 -37.96 10.35 8.77
CA LEU A 221 -39.09 9.93 9.61
C LEU A 221 -38.80 9.77 11.10
N CYS A 222 -37.58 9.31 11.48
CA CYS A 222 -37.21 9.05 12.88
C CYS A 222 -36.33 10.12 13.51
N GLY A 223 -35.49 10.78 12.70
CA GLY A 223 -34.55 11.78 13.19
C GLY A 223 -33.34 11.15 13.87
N THR A 224 -33.10 9.86 13.56
CA THR A 224 -32.00 9.04 14.05
C THR A 224 -31.53 8.08 12.93
N LEU A 225 -30.36 7.47 13.09
CA LEU A 225 -29.79 6.53 12.12
C LEU A 225 -30.22 5.09 12.45
N PRO A 226 -30.51 4.23 11.43
CA PRO A 226 -30.92 2.83 11.73
C PRO A 226 -29.78 1.96 12.25
N PHE A 227 -28.54 2.30 11.87
CA PHE A 227 -27.31 1.63 12.28
C PHE A 227 -26.34 2.69 12.77
N ASP A 228 -26.14 2.75 14.09
CA ASP A 228 -25.28 3.74 14.73
C ASP A 228 -24.58 3.16 15.97
N ASP A 229 -23.26 3.39 16.07
CA ASP A 229 -22.41 2.92 17.16
C ASP A 229 -21.13 3.75 17.24
N GLU A 230 -20.61 3.96 18.47
CA GLU A 230 -19.37 4.68 18.72
C GLU A 230 -18.16 3.83 18.28
N HIS A 231 -18.24 2.50 18.46
CA HIS A 231 -17.22 1.53 18.09
C HIS A 231 -17.45 1.06 16.65
N VAL A 232 -16.57 1.49 15.72
CA VAL A 232 -16.60 1.20 14.28
C VAL A 232 -16.77 -0.33 13.98
N PRO A 233 -15.96 -1.27 14.54
CA PRO A 233 -16.19 -2.70 14.23
C PRO A 233 -17.57 -3.23 14.61
N THR A 234 -18.24 -2.60 15.61
CA THR A 234 -19.60 -2.97 16.04
C THR A 234 -20.62 -2.41 15.02
N LEU A 235 -20.39 -1.17 14.53
CA LEU A 235 -21.22 -0.50 13.53
C LEU A 235 -21.25 -1.31 12.23
N PHE A 236 -20.09 -1.84 11.82
CA PHE A 236 -19.93 -2.68 10.62
C PHE A 236 -20.69 -3.99 10.77
N LYS A 237 -20.64 -4.60 11.98
CA LYS A 237 -21.36 -5.84 12.31
C LYS A 237 -22.88 -5.61 12.27
N LYS A 238 -23.32 -4.40 12.69
CA LYS A 238 -24.73 -3.98 12.72
C LYS A 238 -25.30 -3.87 11.31
N ILE A 239 -24.57 -3.17 10.41
CA ILE A 239 -24.93 -2.97 8.99
C ILE A 239 -25.01 -4.31 8.26
N ARG A 240 -23.96 -5.17 8.42
CA ARG A 240 -23.88 -6.52 7.83
C ARG A 240 -25.02 -7.42 8.32
N GLY A 241 -25.46 -7.19 9.55
CA GLY A 241 -26.58 -7.92 10.17
C GLY A 241 -27.92 -7.45 9.64
N GLY A 242 -27.98 -6.17 9.23
CA GLY A 242 -29.15 -5.50 8.67
C GLY A 242 -30.33 -5.35 9.62
N VAL A 243 -30.14 -5.69 10.90
CA VAL A 243 -31.17 -5.60 11.93
C VAL A 243 -31.20 -4.18 12.47
N PHE A 244 -32.33 -3.50 12.29
CA PHE A 244 -32.57 -2.14 12.75
C PHE A 244 -33.91 -2.04 13.49
N TYR A 245 -34.05 -1.04 14.37
CA TYR A 245 -35.29 -0.84 15.13
C TYR A 245 -36.33 -0.08 14.33
N ILE A 246 -37.58 -0.58 14.32
CA ILE A 246 -38.69 0.09 13.67
C ILE A 246 -39.61 0.71 14.76
N PRO A 247 -39.64 2.07 14.88
CA PRO A 247 -40.46 2.70 15.92
C PRO A 247 -41.96 2.49 15.74
N GLU A 248 -42.70 2.58 16.85
CA GLU A 248 -44.15 2.38 16.91
C GLU A 248 -44.96 3.44 16.16
N TYR A 249 -44.43 4.69 16.04
CA TYR A 249 -45.11 5.80 15.36
C TYR A 249 -45.12 5.66 13.82
N LEU A 250 -44.38 4.70 13.27
CA LEU A 250 -44.33 4.44 11.84
C LEU A 250 -45.30 3.32 11.45
N ASN A 251 -46.17 3.59 10.46
CA ASN A 251 -47.16 2.62 9.98
C ASN A 251 -46.48 1.50 9.17
N ARG A 252 -47.06 0.28 9.21
CA ARG A 252 -46.57 -0.92 8.55
C ARG A 252 -46.19 -0.75 7.07
N SER A 253 -46.87 0.16 6.35
CA SER A 253 -46.61 0.45 4.94
C SER A 253 -45.19 0.98 4.75
N VAL A 254 -44.80 2.05 5.47
CA VAL A 254 -43.44 2.63 5.40
C VAL A 254 -42.39 1.64 5.88
N ALA A 255 -42.72 0.84 6.92
CA ALA A 255 -41.87 -0.17 7.53
C ALA A 255 -41.42 -1.20 6.49
N THR A 256 -42.37 -1.74 5.68
CA THR A 256 -42.07 -2.72 4.62
C THR A 256 -41.16 -2.15 3.55
N LEU A 257 -41.38 -0.86 3.17
CA LEU A 257 -40.58 -0.14 2.18
C LEU A 257 -39.13 0.01 2.66
N LEU A 258 -38.95 0.35 3.96
CA LEU A 258 -37.65 0.51 4.61
C LEU A 258 -36.91 -0.83 4.68
N MET A 259 -37.65 -1.92 5.00
CA MET A 259 -37.11 -3.27 5.13
C MET A 259 -36.69 -3.86 3.79
N HIS A 260 -37.36 -3.45 2.70
CA HIS A 260 -37.07 -3.90 1.33
C HIS A 260 -35.87 -3.13 0.77
N MET A 261 -35.75 -1.83 1.14
CA MET A 261 -34.66 -0.95 0.74
C MET A 261 -33.37 -1.26 1.49
N LEU A 262 -33.48 -1.65 2.77
CA LEU A 262 -32.34 -1.94 3.63
C LEU A 262 -32.07 -3.46 3.76
N GLN A 263 -32.18 -4.17 2.63
CA GLN A 263 -31.89 -5.60 2.56
C GLN A 263 -30.38 -5.81 2.43
N VAL A 264 -29.80 -6.73 3.23
CA VAL A 264 -28.37 -7.06 3.21
C VAL A 264 -28.02 -7.65 1.83
N ASP A 265 -28.89 -8.53 1.31
CA ASP A 265 -28.74 -9.18 0.01
C ASP A 265 -29.01 -8.13 -1.09
N PRO A 266 -28.03 -7.80 -1.96
CA PRO A 266 -28.28 -6.80 -3.02
C PRO A 266 -29.30 -7.30 -4.05
N LEU A 267 -29.44 -8.63 -4.20
CA LEU A 267 -30.38 -9.25 -5.12
C LEU A 267 -31.82 -9.16 -4.63
N LYS A 268 -32.01 -9.23 -3.29
CA LYS A 268 -33.32 -9.15 -2.63
C LYS A 268 -33.75 -7.68 -2.39
N ARG A 269 -32.77 -6.75 -2.44
CA ARG A 269 -32.96 -5.32 -2.23
C ARG A 269 -33.87 -4.69 -3.29
N ALA A 270 -34.69 -3.72 -2.86
CA ALA A 270 -35.62 -2.98 -3.71
C ALA A 270 -34.90 -2.24 -4.83
N THR A 271 -35.57 -2.14 -5.98
CA THR A 271 -35.11 -1.39 -7.15
C THR A 271 -35.94 -0.09 -7.18
N ILE A 272 -35.61 0.88 -8.05
CA ILE A 272 -36.39 2.12 -8.13
C ILE A 272 -37.84 1.80 -8.56
N LYS A 273 -38.00 0.81 -9.48
CA LYS A 273 -39.28 0.32 -9.96
C LYS A 273 -40.13 -0.24 -8.80
N ASP A 274 -39.50 -1.02 -7.88
CA ASP A 274 -40.14 -1.60 -6.69
C ASP A 274 -40.69 -0.50 -5.78
N ILE A 275 -39.87 0.55 -5.54
CA ILE A 275 -40.23 1.70 -4.69
C ILE A 275 -41.38 2.48 -5.33
N ARG A 276 -41.31 2.71 -6.66
CA ARG A 276 -42.34 3.42 -7.44
C ARG A 276 -43.70 2.71 -7.40
N GLU A 277 -43.69 1.37 -7.23
CA GLU A 277 -44.87 0.51 -7.16
C GLU A 277 -45.48 0.46 -5.76
N HIS A 278 -44.68 0.78 -4.72
CA HIS A 278 -45.08 0.75 -3.31
C HIS A 278 -46.22 1.74 -3.02
N GLU A 279 -47.27 1.25 -2.34
CA GLU A 279 -48.48 2.01 -1.99
C GLU A 279 -48.20 3.29 -1.21
N TRP A 280 -47.20 3.28 -0.30
CA TRP A 280 -46.83 4.45 0.49
C TRP A 280 -46.17 5.53 -0.38
N PHE A 281 -45.23 5.13 -1.26
CA PHE A 281 -44.52 6.03 -2.16
C PHE A 281 -45.45 6.67 -3.18
N LYS A 282 -46.43 5.90 -3.70
CA LYS A 282 -47.43 6.32 -4.68
C LYS A 282 -48.33 7.48 -4.25
N GLN A 283 -48.54 7.64 -2.92
CA GLN A 283 -49.40 8.69 -2.36
C GLN A 283 -48.92 10.11 -2.66
N GLY A 284 -49.84 10.97 -3.18
CA GLY A 284 -49.65 12.38 -3.54
C GLY A 284 -48.41 12.65 -4.44
N LEU A 285 -47.94 11.63 -5.17
CA LEU A 285 -46.78 11.70 -6.05
C LEU A 285 -47.06 12.52 -7.32
N PRO A 286 -46.29 13.61 -7.56
CA PRO A 286 -46.48 14.40 -8.80
C PRO A 286 -46.20 13.56 -10.05
N SER A 287 -47.00 13.75 -11.10
CA SER A 287 -46.93 12.97 -12.35
C SER A 287 -45.83 13.41 -13.34
N TYR A 288 -44.87 14.25 -12.91
CA TYR A 288 -43.79 14.74 -13.78
C TYR A 288 -42.38 14.37 -13.30
N LEU A 289 -42.26 13.78 -12.10
CA LEU A 289 -40.97 13.41 -11.52
C LEU A 289 -40.27 12.23 -12.20
N PHE A 290 -41.03 11.22 -12.65
CA PHE A 290 -40.46 10.01 -13.25
C PHE A 290 -40.84 9.78 -14.73
N PRO A 291 -39.93 9.17 -15.55
CA PRO A 291 -40.30 8.88 -16.96
C PRO A 291 -41.39 7.81 -17.06
N GLU A 292 -42.23 7.90 -18.11
CA GLU A 292 -43.39 7.05 -18.43
C GLU A 292 -44.68 7.54 -17.74
N ASP A 293 -44.54 8.49 -16.77
CA ASP A 293 -45.66 9.09 -16.02
C ASP A 293 -46.53 9.99 -16.92
N PRO A 294 -47.82 10.26 -16.55
CA PRO A 294 -48.70 11.04 -17.44
C PRO A 294 -48.26 12.47 -17.85
N SER A 295 -47.43 13.16 -17.05
CA SER A 295 -46.99 14.52 -17.36
C SER A 295 -45.51 14.66 -17.73
N TYR A 296 -44.74 13.55 -17.78
CA TYR A 296 -43.32 13.56 -18.12
C TYR A 296 -43.05 13.96 -19.57
N ASP A 297 -43.75 13.31 -20.54
CA ASP A 297 -43.58 13.57 -21.97
C ASP A 297 -44.03 14.97 -22.40
N ALA A 298 -44.96 15.60 -21.65
CA ALA A 298 -45.50 16.92 -21.93
C ALA A 298 -44.72 18.08 -21.29
N ASN A 299 -44.00 17.83 -20.17
CA ASN A 299 -43.28 18.88 -19.44
C ASN A 299 -41.75 18.71 -19.41
N VAL A 300 -41.23 17.51 -19.69
CA VAL A 300 -39.78 17.25 -19.64
C VAL A 300 -39.21 16.99 -21.05
N ILE A 301 -38.13 17.72 -21.41
CA ILE A 301 -37.45 17.58 -22.70
C ILE A 301 -36.59 16.30 -22.72
N ASP A 302 -36.69 15.51 -23.80
CA ASP A 302 -35.93 14.26 -23.97
C ASP A 302 -34.72 14.49 -24.86
N ASP A 303 -33.50 14.32 -24.29
CA ASP A 303 -32.21 14.50 -24.96
C ASP A 303 -32.02 13.56 -26.15
N GLU A 304 -32.34 12.26 -25.98
CA GLU A 304 -32.24 11.21 -27.00
C GLU A 304 -33.17 11.48 -28.19
N ALA A 305 -34.34 12.09 -27.93
CA ALA A 305 -35.34 12.44 -28.94
C ALA A 305 -34.87 13.63 -29.79
N VAL A 306 -34.22 14.63 -29.15
CA VAL A 306 -33.69 15.83 -29.81
C VAL A 306 -32.50 15.43 -30.71
N LYS A 307 -31.63 14.53 -30.20
CA LYS A 307 -30.46 13.99 -30.91
C LYS A 307 -30.85 13.23 -32.19
N GLU A 308 -32.01 12.54 -32.16
CA GLU A 308 -32.56 11.78 -33.29
C GLU A 308 -33.03 12.73 -34.41
N VAL A 309 -33.48 13.94 -34.02
CA VAL A 309 -33.94 14.99 -34.95
C VAL A 309 -32.72 15.63 -35.65
N CYS A 310 -31.61 15.83 -34.89
CA CYS A 310 -30.35 16.43 -35.34
C CYS A 310 -29.80 15.83 -36.65
N GLU A 311 -29.80 14.48 -36.75
CA GLU A 311 -29.32 13.77 -37.95
C GLU A 311 -30.28 13.90 -39.15
N LYS A 312 -31.58 14.12 -38.88
CA LYS A 312 -32.61 14.28 -39.91
C LYS A 312 -32.71 15.72 -40.43
N PHE A 313 -32.66 16.70 -39.51
CA PHE A 313 -32.73 18.13 -39.82
C PHE A 313 -31.88 18.96 -38.87
N GLU A 317 -28.89 19.49 -36.26
CA GLU A 317 -27.96 19.90 -35.21
C GLU A 317 -28.39 21.19 -34.49
N SER A 318 -29.11 22.07 -35.22
CA SER A 318 -29.60 23.37 -34.73
C SER A 318 -30.64 23.25 -33.60
N GLU A 319 -30.83 24.32 -32.81
CA GLU A 319 -31.77 24.34 -31.70
C GLU A 319 -33.23 24.42 -32.16
N VAL A 320 -34.04 23.47 -31.67
CA VAL A 320 -35.46 23.33 -31.98
C VAL A 320 -36.36 23.87 -30.85
N MET A 321 -35.74 24.60 -29.88
CA MET A 321 -36.43 25.16 -28.70
C MET A 321 -37.42 26.27 -29.05
N ASN A 322 -37.08 27.14 -30.03
CA ASN A 322 -37.92 28.26 -30.47
C ASN A 322 -39.28 27.82 -31.02
N SER A 323 -39.31 26.70 -31.78
CA SER A 323 -40.53 26.14 -32.36
C SER A 323 -41.47 25.56 -31.30
N LEU A 324 -40.90 24.98 -30.22
CA LEU A 324 -41.65 24.41 -29.10
C LEU A 324 -42.20 25.48 -28.15
N TYR A 325 -41.37 26.47 -27.77
CA TYR A 325 -41.79 27.56 -26.89
C TYR A 325 -42.61 28.60 -27.65
N GLN A 330 -48.08 26.14 -34.06
CA GLN A 330 -47.10 25.04 -33.99
C GLN A 330 -46.32 24.93 -35.31
N ASP A 331 -44.97 24.95 -35.21
CA ASP A 331 -44.06 24.86 -36.36
C ASP A 331 -43.78 23.42 -36.77
N GLN A 332 -43.39 23.21 -38.05
CA GLN A 332 -43.08 21.91 -38.66
C GLN A 332 -41.94 21.16 -37.97
N LEU A 333 -40.94 21.90 -37.44
CA LEU A 333 -39.78 21.36 -36.74
C LEU A 333 -40.16 20.77 -35.38
N ALA A 334 -41.16 21.38 -34.70
CA ALA A 334 -41.67 20.95 -33.38
C ALA A 334 -42.42 19.62 -33.45
N VAL A 335 -43.19 19.41 -34.54
CA VAL A 335 -44.00 18.20 -34.81
C VAL A 335 -43.08 16.96 -34.92
N ALA A 336 -41.89 17.14 -35.52
CA ALA A 336 -40.87 16.10 -35.69
C ALA A 336 -40.41 15.51 -34.34
N TYR A 337 -40.24 16.39 -33.32
CA TYR A 337 -39.85 15.99 -31.96
C TYR A 337 -40.97 15.18 -31.29
N HIS A 338 -42.22 15.68 -31.38
CA HIS A 338 -43.40 15.05 -30.79
C HIS A 338 -43.79 13.73 -31.47
N LEU A 339 -43.46 13.55 -32.77
CA LEU A 339 -43.74 12.30 -33.50
C LEU A 339 -42.97 11.13 -32.88
N ILE A 340 -41.67 11.35 -32.56
CA ILE A 340 -40.80 10.36 -31.91
C ILE A 340 -41.35 10.04 -30.50
N ILE A 341 -41.68 11.09 -29.72
CA ILE A 341 -42.24 11.03 -28.36
C ILE A 341 -43.54 10.21 -28.33
N ASP A 342 -44.42 10.42 -29.33
CA ASP A 342 -45.68 9.68 -29.46
C ASP A 342 -45.40 8.21 -29.78
N ASN A 343 -44.58 7.94 -30.83
CA ASN A 343 -44.17 6.60 -31.26
C ASN A 343 -43.50 5.81 -30.14
N ARG A 344 -42.70 6.50 -29.28
CA ARG A 344 -42.01 5.93 -28.12
C ARG A 344 -43.02 5.45 -27.07
N ARG A 345 -44.09 6.24 -26.85
CA ARG A 345 -45.16 5.96 -25.89
C ARG A 345 -45.97 4.71 -26.28
N ILE A 346 -46.32 4.56 -27.59
CA ILE A 346 -47.05 3.41 -28.15
C ILE A 346 -46.27 2.11 -27.92
N MET A 347 -44.95 2.15 -28.20
CA MET A 347 -44.02 1.03 -28.02
C MET A 347 -43.84 0.68 -26.54
N ASN A 348 -43.89 1.70 -25.65
CA ASN A 348 -43.76 1.49 -24.20
C ASN A 348 -45.07 0.99 -23.58
N GLN A 349 -46.23 1.37 -24.15
CA GLN A 349 -47.55 0.94 -23.68
C GLN A 349 -47.79 -0.54 -23.97
N ALA A 350 -47.17 -1.06 -25.05
CA ALA A 350 -47.25 -2.46 -25.45
C ALA A 350 -46.06 -3.19 -24.79
N SER A 351 -46.13 -3.31 -23.44
CA SER A 351 -45.10 -3.91 -22.60
C SER A 351 -44.84 -5.39 -22.91
N GLU A 352 -45.93 -6.15 -23.21
CA GLU A 352 -45.86 -7.59 -23.53
C GLU A 352 -45.28 -7.91 -24.90
N PHE A 353 -45.13 -6.89 -25.75
CA PHE A 353 -44.59 -7.01 -27.10
C PHE A 353 -43.06 -6.86 -27.15
N TYR A 354 -42.46 -6.07 -26.23
CA TYR A 354 -41.00 -5.84 -26.20
C TYR A 354 -40.25 -6.57 -25.09
N LEU A 355 -40.95 -6.91 -24.00
CA LEU A 355 -40.36 -7.64 -22.86
C LEU A 355 -41.23 -8.80 -22.40
N ALA A 356 -40.60 -9.83 -21.81
CA ALA A 356 -41.29 -10.99 -21.29
C ALA A 356 -41.78 -10.71 -19.87
N SER A 357 -43.00 -11.18 -19.56
CA SER A 357 -43.65 -11.04 -18.25
C SER A 357 -42.99 -11.97 -17.22
N SER A 358 -43.19 -11.69 -15.92
CA SER A 358 -42.66 -12.51 -14.83
C SER A 358 -43.56 -13.76 -14.62
N PRO A 359 -43.00 -14.96 -14.37
CA PRO A 359 -43.85 -16.15 -14.18
C PRO A 359 -44.56 -16.18 -12.82
N LEU A 376 -55.21 -16.82 -18.01
CA LEU A 376 -54.59 -16.44 -19.27
C LEU A 376 -54.22 -17.66 -20.12
N LYS A 377 -54.63 -17.64 -21.41
CA LYS A 377 -54.37 -18.72 -22.37
C LYS A 377 -52.88 -18.71 -22.78
N PRO A 378 -52.26 -19.89 -23.04
CA PRO A 378 -50.83 -19.87 -23.44
C PRO A 378 -50.65 -19.41 -24.86
N HIS A 379 -49.44 -18.90 -25.18
CA HIS A 379 -49.08 -18.43 -26.52
C HIS A 379 -49.14 -19.64 -27.46
N PRO A 380 -49.73 -19.52 -28.68
CA PRO A 380 -49.83 -20.68 -29.58
C PRO A 380 -48.50 -21.35 -29.97
N GLU A 381 -47.40 -20.58 -29.92
CA GLU A 381 -46.05 -21.06 -30.25
C GLU A 381 -45.28 -21.65 -29.06
N ARG A 382 -45.92 -21.81 -27.88
CA ARG A 382 -45.26 -22.41 -26.70
C ARG A 382 -45.00 -23.88 -26.99
N MET A 383 -43.73 -24.28 -26.89
CA MET A 383 -43.32 -25.65 -27.19
C MET A 383 -43.38 -26.57 -25.98
N PRO A 384 -43.92 -27.82 -26.17
CA PRO A 384 -44.00 -28.77 -25.04
C PRO A 384 -42.61 -29.23 -24.56
N PRO A 385 -42.46 -29.82 -23.35
CA PRO A 385 -41.13 -30.25 -22.92
C PRO A 385 -40.65 -31.50 -23.66
N LEU A 386 -39.32 -31.62 -23.84
CA LEU A 386 -38.67 -32.76 -24.50
C LEU A 386 -38.86 -34.04 -23.66
N ILE A 387 -38.85 -35.23 -24.33
CA ILE A 387 -39.03 -36.56 -23.74
C ILE A 387 -40.45 -36.73 -23.18
N LYS A 411 -33.23 -34.21 -18.30
CA LYS A 411 -34.16 -33.15 -18.66
C LYS A 411 -33.98 -31.89 -17.80
N LYS A 412 -34.27 -30.71 -18.40
CA LYS A 412 -34.16 -29.36 -17.80
C LYS A 412 -32.73 -29.06 -17.33
N ALA A 413 -31.82 -28.83 -18.30
CA ALA A 413 -30.41 -28.53 -18.06
C ALA A 413 -30.22 -27.08 -17.65
N LYS A 414 -29.43 -26.85 -16.60
CA LYS A 414 -29.16 -25.52 -16.04
C LYS A 414 -27.86 -24.90 -16.58
N TRP A 415 -27.91 -23.59 -16.85
CA TRP A 415 -26.81 -22.79 -17.37
C TRP A 415 -25.92 -22.27 -16.23
N HIS A 416 -24.63 -22.10 -16.50
CA HIS A 416 -23.66 -21.62 -15.52
C HIS A 416 -22.64 -20.66 -16.11
N LEU A 417 -22.15 -19.71 -15.30
CA LEU A 417 -21.14 -18.72 -15.68
C LEU A 417 -19.78 -19.42 -15.84
N GLY A 418 -19.12 -19.15 -16.97
CA GLY A 418 -17.80 -19.68 -17.34
C GLY A 418 -17.53 -21.13 -17.00
N ILE A 419 -16.38 -21.38 -16.36
CA ILE A 419 -15.93 -22.71 -15.93
C ILE A 419 -15.40 -22.69 -14.49
N ARG A 420 -15.87 -23.64 -13.66
CA ARG A 420 -15.49 -23.78 -12.25
C ARG A 420 -14.32 -24.74 -12.02
N SER A 421 -13.51 -24.48 -10.99
CA SER A 421 -12.37 -25.30 -10.59
C SER A 421 -12.17 -25.27 -9.08
N GLN A 422 -11.96 -26.46 -8.47
CA GLN A 422 -11.76 -26.58 -7.02
C GLN A 422 -10.28 -26.52 -6.60
N SER A 423 -9.35 -26.56 -7.58
CA SER A 423 -7.90 -26.48 -7.34
C SER A 423 -7.42 -25.09 -6.88
N LYS A 424 -6.11 -24.97 -6.56
CA LYS A 424 -5.48 -23.72 -6.11
C LYS A 424 -5.55 -22.60 -7.18
N PRO A 425 -5.76 -21.31 -6.80
CA PRO A 425 -5.86 -20.24 -7.82
C PRO A 425 -4.62 -20.03 -8.69
N TYR A 426 -3.42 -20.25 -8.12
CA TYR A 426 -2.14 -20.13 -8.84
C TYR A 426 -2.01 -21.24 -9.88
N ASP A 427 -2.51 -22.46 -9.54
CA ASP A 427 -2.51 -23.63 -10.42
C ASP A 427 -3.49 -23.47 -11.59
N ILE A 428 -4.64 -22.78 -11.34
CA ILE A 428 -5.66 -22.50 -12.36
C ILE A 428 -5.05 -21.54 -13.39
N MET A 429 -4.49 -20.41 -12.91
CA MET A 429 -3.86 -19.39 -13.75
C MET A 429 -2.73 -19.94 -14.61
N ALA A 430 -1.89 -20.82 -14.03
CA ALA A 430 -0.78 -21.49 -14.74
C ALA A 430 -1.30 -22.33 -15.91
N GLU A 431 -2.44 -23.00 -15.73
CA GLU A 431 -3.09 -23.83 -16.75
C GLU A 431 -3.68 -22.96 -17.86
N VAL A 432 -4.09 -21.71 -17.54
CA VAL A 432 -4.65 -20.73 -18.48
C VAL A 432 -3.57 -20.26 -19.46
N TYR A 433 -2.40 -19.81 -18.94
CA TYR A 433 -1.27 -19.33 -19.74
C TYR A 433 -0.76 -20.37 -20.75
N ARG A 434 -0.76 -21.67 -20.36
CA ARG A 434 -0.33 -22.78 -21.21
C ARG A 434 -1.35 -23.03 -22.33
N ALA A 435 -2.65 -23.01 -21.99
CA ALA A 435 -3.76 -23.21 -22.92
C ALA A 435 -3.79 -22.15 -24.02
N MET A 436 -3.54 -20.88 -23.66
CA MET A 436 -3.51 -19.73 -24.57
C MET A 436 -2.35 -19.83 -25.56
N LYS A 437 -1.13 -20.18 -25.06
CA LYS A 437 0.10 -20.33 -25.84
C LYS A 437 -0.03 -21.38 -26.95
N GLN A 438 -0.75 -22.48 -26.69
CA GLN A 438 -0.99 -23.56 -27.66
C GLN A 438 -1.90 -23.10 -28.79
N LEU A 439 -2.91 -22.26 -28.46
CA LEU A 439 -3.91 -21.74 -29.40
C LEU A 439 -3.48 -20.43 -30.12
N ASP A 440 -2.21 -20.01 -29.93
CA ASP A 440 -1.56 -18.83 -30.51
C ASP A 440 -2.29 -17.52 -30.15
N PHE A 441 -2.48 -17.30 -28.85
CA PHE A 441 -3.15 -16.12 -28.28
C PHE A 441 -2.10 -15.13 -27.78
N GLU A 442 -2.45 -13.83 -27.73
CA GLU A 442 -1.60 -12.75 -27.23
C GLU A 442 -2.34 -12.09 -26.09
N TRP A 443 -1.73 -12.05 -24.89
CA TRP A 443 -2.38 -11.47 -23.70
C TRP A 443 -1.58 -10.37 -23.00
N LYS A 444 -2.30 -9.53 -22.22
CA LYS A 444 -1.78 -8.43 -21.41
C LYS A 444 -2.13 -8.72 -19.94
N VAL A 445 -1.12 -8.71 -19.06
CA VAL A 445 -1.31 -8.96 -17.63
C VAL A 445 -1.58 -7.64 -16.89
N VAL A 446 -2.86 -7.34 -16.65
CA VAL A 446 -3.28 -6.12 -15.94
C VAL A 446 -3.36 -6.36 -14.41
N ASN A 447 -3.54 -7.63 -14.02
CA ASN A 447 -3.66 -8.12 -12.64
C ASN A 447 -3.34 -9.63 -12.63
N ALA A 448 -2.98 -10.19 -11.45
CA ALA A 448 -2.66 -11.62 -11.30
C ALA A 448 -3.81 -12.56 -11.65
N TYR A 449 -5.06 -12.06 -11.58
CA TYR A 449 -6.27 -12.82 -11.89
C TYR A 449 -7.14 -12.17 -12.99
N HIS A 450 -6.65 -11.09 -13.63
CA HIS A 450 -7.34 -10.39 -14.71
C HIS A 450 -6.42 -10.23 -15.92
N LEU A 451 -6.81 -10.85 -17.06
CA LEU A 451 -6.06 -10.82 -18.32
C LEU A 451 -6.89 -10.25 -19.46
N ARG A 452 -6.22 -9.64 -20.46
CA ARG A 452 -6.84 -9.11 -21.66
C ARG A 452 -6.26 -9.89 -22.84
N VAL A 453 -7.03 -10.87 -23.35
CA VAL A 453 -6.60 -11.77 -24.42
C VAL A 453 -7.03 -11.30 -25.81
N ARG A 454 -6.21 -11.66 -26.83
CA ARG A 454 -6.40 -11.33 -28.24
C ARG A 454 -5.97 -12.50 -29.15
N ARG A 455 -6.71 -12.70 -30.25
CA ARG A 455 -6.47 -13.74 -31.25
C ARG A 455 -6.95 -13.23 -32.62
N LYS A 456 -6.08 -13.30 -33.64
CA LYS A 456 -6.42 -12.88 -34.99
C LYS A 456 -7.23 -13.98 -35.69
N ASN A 457 -8.39 -13.60 -36.27
CA ASN A 457 -9.25 -14.54 -37.00
C ASN A 457 -8.62 -14.80 -38.39
N PRO A 458 -8.37 -16.08 -38.78
CA PRO A 458 -7.70 -16.33 -40.07
C PRO A 458 -8.52 -16.01 -41.32
N VAL A 459 -9.85 -16.21 -41.27
CA VAL A 459 -10.72 -15.98 -42.42
C VAL A 459 -11.00 -14.48 -42.62
N THR A 460 -11.48 -13.78 -41.58
CA THR A 460 -11.86 -12.37 -41.65
C THR A 460 -10.66 -11.39 -41.56
N GLY A 461 -9.56 -11.82 -40.96
CA GLY A 461 -8.36 -11.01 -40.79
C GLY A 461 -8.51 -9.90 -39.77
N ASN A 462 -9.41 -10.10 -38.78
CA ASN A 462 -9.71 -9.16 -37.70
C ASN A 462 -9.34 -9.77 -36.35
N TYR A 463 -8.96 -8.94 -35.38
CA TYR A 463 -8.61 -9.39 -34.04
C TYR A 463 -9.84 -9.59 -33.16
N VAL A 464 -9.83 -10.67 -32.36
CA VAL A 464 -10.91 -11.04 -31.43
C VAL A 464 -10.38 -10.82 -30.01
N LYS A 465 -11.03 -9.93 -29.25
CA LYS A 465 -10.61 -9.59 -27.89
C LYS A 465 -11.61 -10.00 -26.82
N MET A 466 -11.09 -10.53 -25.71
CA MET A 466 -11.86 -10.94 -24.54
C MET A 466 -11.06 -10.73 -23.25
N SER A 467 -11.77 -10.56 -22.13
CA SER A 467 -11.18 -10.36 -20.81
C SER A 467 -11.44 -11.57 -19.91
N LEU A 468 -10.36 -12.11 -19.31
CA LEU A 468 -10.44 -13.26 -18.39
C LEU A 468 -10.26 -12.79 -16.96
N GLN A 469 -11.18 -13.20 -16.07
CA GLN A 469 -11.12 -12.84 -14.65
C GLN A 469 -11.44 -14.04 -13.76
N LEU A 470 -10.54 -14.33 -12.79
CA LEU A 470 -10.75 -15.40 -11.83
C LEU A 470 -11.45 -14.87 -10.59
N TYR A 471 -12.52 -15.55 -10.16
CA TYR A 471 -13.34 -15.19 -9.00
C TYR A 471 -13.38 -16.29 -7.94
N LEU A 472 -13.69 -15.91 -6.68
CA LEU A 472 -13.83 -16.83 -5.55
C LEU A 472 -15.32 -17.11 -5.34
N VAL A 473 -15.72 -18.38 -5.45
CA VAL A 473 -17.12 -18.80 -5.27
C VAL A 473 -17.35 -19.04 -3.77
N ASP A 474 -16.63 -20.02 -3.20
CA ASP A 474 -16.69 -20.41 -1.80
C ASP A 474 -15.27 -20.66 -1.27
N ASN A 475 -15.13 -21.33 -0.12
CA ASN A 475 -13.85 -21.64 0.51
C ASN A 475 -12.95 -22.57 -0.34
N ARG A 476 -13.56 -23.51 -1.09
CA ARG A 476 -12.84 -24.46 -1.93
C ARG A 476 -13.09 -24.28 -3.44
N SER A 477 -14.14 -23.52 -3.83
CA SER A 477 -14.50 -23.31 -5.23
C SER A 477 -14.03 -21.97 -5.81
N TYR A 478 -13.64 -21.99 -7.10
CA TYR A 478 -13.19 -20.84 -7.88
C TYR A 478 -13.94 -20.80 -9.23
N LEU A 479 -13.87 -19.68 -9.96
CA LEU A 479 -14.57 -19.50 -11.24
C LEU A 479 -13.80 -18.63 -12.23
N LEU A 480 -13.66 -19.11 -13.48
CA LEU A 480 -13.00 -18.37 -14.56
C LEU A 480 -14.06 -17.72 -15.45
N ASP A 481 -14.18 -16.39 -15.35
CA ASP A 481 -15.14 -15.58 -16.10
C ASP A 481 -14.61 -15.12 -17.44
N PHE A 482 -15.45 -15.20 -18.48
CA PHE A 482 -15.15 -14.79 -19.87
C PHE A 482 -16.08 -13.62 -20.20
N LYS A 483 -15.50 -12.53 -20.72
CA LYS A 483 -16.22 -11.30 -21.04
C LYS A 483 -15.71 -10.73 -22.37
N SER A 484 -16.61 -10.53 -23.35
CA SER A 484 -16.25 -9.98 -24.67
C SER A 484 -15.87 -8.50 -24.62
N ILE A 485 -15.00 -8.08 -25.54
CA ILE A 485 -14.55 -6.69 -25.68
C ILE A 485 -14.96 -6.19 -27.06
N ASP A 486 -15.82 -5.16 -27.09
CA ASP A 486 -16.32 -4.55 -28.33
C ASP A 486 -15.83 -3.11 -28.49
N ASP A 487 -15.33 -2.77 -29.70
CA ASP A 487 -14.83 -1.44 -30.04
C ASP A 487 -15.37 -0.99 -31.39
N PRO A 543 -17.04 -7.23 -36.74
CA PRO A 543 -16.62 -7.96 -37.94
C PRO A 543 -17.63 -7.86 -39.08
N ARG A 544 -17.23 -7.22 -40.20
CA ARG A 544 -18.07 -7.06 -41.39
C ARG A 544 -18.27 -8.37 -42.15
N LEU A 545 -17.18 -9.15 -42.33
CA LEU A 545 -17.23 -10.45 -43.03
C LEU A 545 -17.82 -11.55 -42.14
N GLY A 546 -17.43 -11.57 -40.86
CA GLY A 546 -17.89 -12.56 -39.88
C GLY A 546 -19.00 -12.05 -38.98
N SER A 547 -18.92 -12.41 -37.70
CA SER A 547 -19.85 -12.01 -36.64
C SER A 547 -19.08 -11.87 -35.33
N HIS A 548 -19.28 -10.75 -34.62
CA HIS A 548 -18.60 -10.42 -33.37
C HIS A 548 -18.88 -11.43 -32.26
N THR A 549 -20.16 -11.76 -32.04
CA THR A 549 -20.61 -12.69 -31.01
C THR A 549 -20.13 -14.13 -31.30
N MET A 550 -20.09 -14.51 -32.58
CA MET A 550 -19.61 -15.83 -33.01
C MET A 550 -18.10 -15.95 -32.77
N ASP A 551 -17.38 -14.84 -32.95
CA ASP A 551 -15.94 -14.75 -32.73
C ASP A 551 -15.59 -14.95 -31.26
N PHE A 552 -16.41 -14.37 -30.36
CA PHE A 552 -16.25 -14.48 -28.91
C PHE A 552 -16.51 -15.91 -28.45
N PHE A 553 -17.64 -16.50 -28.90
CA PHE A 553 -18.02 -17.88 -28.58
C PHE A 553 -16.95 -18.87 -29.05
N GLU A 554 -16.45 -18.69 -30.30
CA GLU A 554 -15.41 -19.54 -30.88
C GLU A 554 -14.07 -19.45 -30.15
N MET A 555 -13.72 -18.25 -29.64
CA MET A 555 -12.48 -18.04 -28.89
C MET A 555 -12.60 -18.71 -27.51
N CYS A 556 -13.80 -18.62 -26.89
CA CYS A 556 -14.12 -19.23 -25.60
C CYS A 556 -14.08 -20.74 -25.69
N ALA A 557 -14.73 -21.31 -26.73
CA ALA A 557 -14.81 -22.74 -27.01
C ALA A 557 -13.43 -23.39 -27.10
N SER A 558 -12.48 -22.73 -27.81
CA SER A 558 -11.10 -23.19 -27.99
C SER A 558 -10.39 -23.32 -26.65
N LEU A 559 -10.56 -22.31 -25.77
CA LEU A 559 -9.97 -22.28 -24.44
C LEU A 559 -10.62 -23.25 -23.45
N ILE A 560 -11.96 -23.40 -23.50
CA ILE A 560 -12.71 -24.31 -22.62
C ILE A 560 -12.29 -25.77 -22.86
N THR A 561 -12.27 -26.19 -24.15
CA THR A 561 -11.89 -27.54 -24.58
C THR A 561 -10.45 -27.89 -24.17
N THR A 562 -9.51 -26.95 -24.31
CA THR A 562 -8.09 -27.13 -23.95
C THR A 562 -7.95 -27.31 -22.42
N LEU A 563 -8.60 -26.45 -21.63
CA LEU A 563 -8.57 -26.50 -20.17
C LEU A 563 -9.37 -27.69 -19.64
N ARG B 78 -7.49 37.47 -18.93
CA ARG B 78 -7.66 36.15 -18.32
C ARG B 78 -7.36 36.18 -16.81
N PRO B 79 -8.24 35.59 -15.96
CA PRO B 79 -8.00 35.64 -14.50
C PRO B 79 -6.88 34.74 -13.97
N THR B 80 -6.00 35.31 -13.12
CA THR B 80 -4.87 34.61 -12.50
C THR B 80 -4.93 34.78 -10.98
N VAL B 81 -4.89 33.66 -10.24
CA VAL B 81 -4.98 33.62 -8.78
C VAL B 81 -3.60 33.73 -8.09
N PHE B 82 -3.54 34.59 -7.06
CA PHE B 82 -2.36 34.79 -6.22
C PHE B 82 -2.80 34.61 -4.76
N ARG B 83 -2.56 33.40 -4.22
CA ARG B 83 -2.95 32.97 -2.88
C ARG B 83 -1.75 32.80 -1.95
N TRP B 84 -1.87 33.32 -0.72
CA TRP B 84 -0.85 33.19 0.32
C TRP B 84 -1.35 32.22 1.40
N THR B 85 -0.82 30.98 1.36
CA THR B 85 -1.18 29.90 2.30
C THR B 85 -0.63 30.14 3.70
N GLY B 86 0.52 30.82 3.78
CA GLY B 86 1.21 31.13 5.02
C GLY B 86 0.46 32.09 5.94
N GLY B 87 1.00 32.26 7.14
CA GLY B 87 0.41 33.15 8.14
C GLY B 87 0.83 34.60 7.99
N GLY B 88 0.22 35.46 8.80
CA GLY B 88 0.51 36.89 8.81
C GLY B 88 -0.68 37.78 9.13
N LYS B 89 -0.40 39.06 9.43
CA LYS B 89 -1.40 40.08 9.76
C LYS B 89 -1.62 41.03 8.58
N GLU B 90 -0.53 41.36 7.87
CA GLU B 90 -0.55 42.26 6.70
C GLU B 90 0.29 41.64 5.57
N VAL B 91 -0.36 41.35 4.42
CA VAL B 91 0.29 40.74 3.25
C VAL B 91 0.06 41.60 2.01
N TYR B 92 1.15 41.86 1.25
CA TYR B 92 1.16 42.63 0.01
C TYR B 92 1.72 41.80 -1.15
N LEU B 93 1.35 42.15 -2.40
CA LEU B 93 1.84 41.50 -3.62
C LEU B 93 2.49 42.54 -4.54
N SER B 94 3.68 42.20 -5.07
CA SER B 94 4.44 43.04 -6.00
C SER B 94 5.10 42.15 -7.05
N GLY B 95 5.01 42.58 -8.31
CA GLY B 95 5.57 41.83 -9.43
C GLY B 95 5.86 42.68 -10.65
N SER B 96 6.28 42.00 -11.74
CA SER B 96 6.59 42.63 -13.04
C SER B 96 5.34 43.25 -13.68
N PHE B 97 4.16 42.71 -13.33
CA PHE B 97 2.85 43.14 -13.81
C PHE B 97 2.36 44.48 -13.24
N ASN B 98 2.96 44.94 -12.11
CA ASN B 98 2.59 46.21 -11.49
C ASN B 98 3.83 47.08 -11.10
N ASN B 99 4.92 46.96 -11.91
CA ASN B 99 6.20 47.68 -11.76
C ASN B 99 6.82 47.56 -10.34
N TRP B 100 6.60 46.40 -9.69
CA TRP B 100 7.07 46.03 -8.34
C TRP B 100 6.58 47.00 -7.25
N SER B 101 5.25 47.25 -7.24
CA SER B 101 4.56 48.10 -6.26
C SER B 101 3.72 47.22 -5.33
N LYS B 102 3.62 47.59 -4.04
CA LYS B 102 2.89 46.82 -3.02
C LYS B 102 1.35 46.94 -3.15
N LEU B 103 0.69 45.80 -3.49
CA LEU B 103 -0.76 45.67 -3.63
C LEU B 103 -1.35 44.92 -2.42
N PRO B 104 -2.24 45.55 -1.61
CA PRO B 104 -2.81 44.85 -0.44
C PRO B 104 -3.73 43.70 -0.79
N LEU B 105 -3.51 42.54 -0.14
CA LEU B 105 -4.33 41.34 -0.35
C LEU B 105 -5.38 41.24 0.75
N THR B 106 -6.63 40.93 0.36
CA THR B 106 -7.72 40.76 1.31
C THR B 106 -7.66 39.35 1.88
N ARG B 107 -7.94 39.23 3.19
CA ARG B 107 -7.88 37.96 3.92
C ARG B 107 -9.27 37.40 4.19
N HIS B 109 -10.35 33.69 6.31
CA HIS B 109 -10.06 33.24 7.67
C HIS B 109 -8.57 32.91 7.81
N ASN B 110 -7.95 32.37 6.74
CA ASN B 110 -6.53 31.99 6.73
C ASN B 110 -5.81 32.40 5.44
N ASN B 111 -6.54 32.52 4.31
CA ASN B 111 -5.97 32.87 3.00
C ASN B 111 -5.98 34.37 2.68
N PHE B 112 -4.91 34.84 2.02
CA PHE B 112 -4.72 36.20 1.51
C PHE B 112 -4.72 36.06 -0.01
N VAL B 113 -5.76 36.58 -0.71
CA VAL B 113 -5.92 36.37 -2.15
C VAL B 113 -6.17 37.66 -2.96
N ALA B 114 -5.84 37.57 -4.27
CA ALA B 114 -6.07 38.55 -5.33
C ALA B 114 -6.21 37.83 -6.67
N ILE B 115 -7.24 38.19 -7.45
CA ILE B 115 -7.47 37.64 -8.79
C ILE B 115 -7.30 38.78 -9.78
N LEU B 116 -6.20 38.74 -10.56
CA LEU B 116 -5.84 39.76 -11.53
C LEU B 116 -5.91 39.25 -12.96
N ASP B 117 -6.29 40.14 -13.91
CA ASP B 117 -6.37 39.82 -15.33
C ASP B 117 -4.95 39.99 -15.90
N LEU B 118 -4.36 38.89 -16.41
CA LEU B 118 -2.99 38.91 -16.91
C LEU B 118 -2.80 38.34 -18.32
N PRO B 119 -1.92 38.95 -19.17
CA PRO B 119 -1.68 38.38 -20.50
C PRO B 119 -0.76 37.16 -20.46
N GLU B 120 -0.72 36.39 -21.58
CA GLU B 120 0.11 35.20 -21.75
C GLU B 120 1.59 35.53 -21.63
N GLY B 121 2.34 34.67 -20.93
CA GLY B 121 3.79 34.83 -20.76
C GLY B 121 4.28 34.66 -19.34
N GLU B 122 5.60 34.82 -19.16
CA GLU B 122 6.28 34.70 -17.87
C GLU B 122 6.03 35.92 -16.99
N HIS B 123 5.71 35.69 -15.71
CA HIS B 123 5.46 36.75 -14.74
C HIS B 123 6.19 36.48 -13.44
N GLN B 124 7.01 37.45 -12.99
CA GLN B 124 7.78 37.36 -11.74
C GLN B 124 7.04 38.11 -10.65
N TYR B 125 6.99 37.54 -9.41
CA TYR B 125 6.30 38.16 -8.27
C TYR B 125 6.88 37.76 -6.91
N LYS B 126 6.63 38.61 -5.89
CA LYS B 126 7.07 38.45 -4.50
C LYS B 126 5.90 38.71 -3.53
N PHE B 127 6.14 38.48 -2.23
CA PHE B 127 5.17 38.71 -1.17
C PHE B 127 5.79 39.48 -0.01
N PHE B 128 5.10 40.52 0.48
CA PHE B 128 5.57 41.34 1.59
C PHE B 128 4.69 41.07 2.81
N VAL B 129 5.15 40.15 3.67
CA VAL B 129 4.43 39.71 4.86
C VAL B 129 5.05 40.30 6.14
N ASP B 130 4.21 40.99 6.94
CA ASP B 130 4.53 41.64 8.22
C ASP B 130 5.86 42.43 8.21
N GLY B 131 6.07 43.21 7.14
CA GLY B 131 7.26 44.02 6.97
C GLY B 131 8.51 43.26 6.55
N GLN B 132 8.35 42.04 6.01
CA GLN B 132 9.45 41.17 5.58
C GLN B 132 9.21 40.59 4.19
N TRP B 133 10.28 40.53 3.36
CA TRP B 133 10.22 39.97 2.01
C TRP B 133 10.31 38.45 2.05
N THR B 134 9.34 37.77 1.41
CA THR B 134 9.27 36.31 1.35
C THR B 134 8.63 35.84 0.03
N HIS B 135 8.64 34.52 -0.21
CA HIS B 135 8.10 33.88 -1.40
C HIS B 135 7.37 32.57 -1.04
N ASP B 136 6.49 32.11 -1.95
CA ASP B 136 5.77 30.85 -1.76
C ASP B 136 6.70 29.67 -2.13
N PRO B 137 6.98 28.73 -1.19
CA PRO B 137 7.90 27.62 -1.53
C PRO B 137 7.31 26.57 -2.48
N SER B 138 5.97 26.46 -2.53
CA SER B 138 5.23 25.52 -3.40
C SER B 138 5.24 25.94 -4.88
N GLU B 139 5.58 27.21 -5.17
CA GLU B 139 5.63 27.76 -6.53
C GLU B 139 7.08 27.79 -7.09
N PRO B 140 7.29 27.77 -8.43
CA PRO B 140 8.67 27.79 -8.96
C PRO B 140 9.50 29.01 -8.55
N ILE B 141 10.77 28.75 -8.19
CA ILE B 141 11.75 29.72 -7.71
C ILE B 141 12.67 30.22 -8.84
N VAL B 142 12.92 31.55 -8.90
CA VAL B 142 13.80 32.21 -9.86
C VAL B 142 14.64 33.27 -9.11
N THR B 143 15.97 33.16 -9.19
CA THR B 143 16.92 34.09 -8.56
C THR B 143 17.57 34.98 -9.62
N SER B 144 17.49 36.31 -9.41
CA SER B 144 18.06 37.32 -10.32
C SER B 144 19.60 37.37 -10.25
N GLN B 145 20.21 38.24 -11.09
CA GLN B 145 21.65 38.46 -11.17
C GLN B 145 22.25 38.93 -9.84
N LEU B 146 21.49 39.74 -9.06
CA LEU B 146 21.93 40.23 -7.75
C LEU B 146 21.71 39.22 -6.63
N GLY B 147 20.53 38.60 -6.60
CA GLY B 147 20.20 37.59 -5.59
C GLY B 147 18.78 37.58 -5.07
N THR B 148 17.91 38.46 -5.59
CA THR B 148 16.50 38.52 -5.17
C THR B 148 15.73 37.30 -5.69
N VAL B 149 14.90 36.70 -4.81
CA VAL B 149 14.09 35.52 -5.10
C VAL B 149 12.66 35.95 -5.49
N ASN B 150 12.25 35.60 -6.71
CA ASN B 150 10.92 35.90 -7.25
C ASN B 150 10.28 34.62 -7.78
N ASN B 151 8.98 34.44 -7.50
CA ASN B 151 8.24 33.28 -8.00
C ASN B 151 7.89 33.49 -9.46
N ILE B 152 7.98 32.44 -10.29
CA ILE B 152 7.66 32.56 -11.71
C ILE B 152 6.40 31.74 -12.05
N ILE B 153 5.50 32.35 -12.82
CA ILE B 153 4.26 31.72 -13.26
C ILE B 153 4.08 31.94 -14.77
N GLN B 154 3.89 30.84 -15.50
CA GLN B 154 3.70 30.84 -16.95
C GLN B 154 2.20 30.79 -17.26
N VAL B 155 1.64 31.91 -17.76
CA VAL B 155 0.23 32.00 -18.12
C VAL B 155 0.11 31.47 -19.56
N LYS B 156 -0.50 30.29 -19.72
CA LYS B 156 -0.66 29.62 -21.00
C LYS B 156 -2.08 29.70 -21.55
N LYS B 157 -2.24 29.47 -22.88
CA LYS B 157 -3.52 29.50 -23.59
C LYS B 157 -4.42 28.34 -23.13
N THR B 158 -3.81 27.22 -22.71
CA THR B 158 -4.49 26.02 -22.21
C THR B 158 -5.12 26.28 -20.84
N ASP B 159 -4.55 27.21 -20.05
CA ASP B 159 -5.02 27.57 -18.71
C ASP B 159 -6.38 28.28 -18.68
N PHE B 160 -6.81 28.86 -19.83
CA PHE B 160 -8.09 29.59 -19.94
C PHE B 160 -9.30 28.67 -20.17
N GLU B 161 -9.13 27.56 -20.92
CA GLU B 161 -10.19 26.59 -21.21
C GLU B 161 -10.00 25.33 -20.36
N VAL B 162 -11.10 24.89 -19.70
CA VAL B 162 -11.18 23.75 -18.77
C VAL B 162 -10.65 22.43 -19.33
N PHE B 163 -11.23 21.98 -20.47
CA PHE B 163 -10.88 20.71 -21.12
C PHE B 163 -9.45 20.69 -21.67
N ASP B 164 -8.91 21.86 -22.04
CA ASP B 164 -7.53 22.00 -22.52
C ASP B 164 -6.58 21.93 -21.32
N ALA B 165 -6.96 22.57 -20.19
CA ALA B 165 -6.19 22.59 -18.93
C ALA B 165 -6.15 21.18 -18.31
N LEU B 166 -7.25 20.42 -18.45
CA LEU B 166 -7.36 19.05 -17.94
C LEU B 166 -6.52 18.08 -18.78
N MET B 167 -6.32 18.40 -20.08
CA MET B 167 -5.51 17.61 -21.00
C MET B 167 -4.02 17.75 -20.66
N VAL B 168 -3.59 18.97 -20.23
CA VAL B 168 -2.21 19.28 -19.83
C VAL B 168 -1.91 18.62 -18.48
N ASP B 169 -2.89 18.66 -17.56
CA ASP B 169 -2.78 18.06 -16.22
C ASP B 169 -2.72 16.53 -16.27
N SER B 170 -3.41 15.91 -17.25
CA SER B 170 -3.43 14.45 -17.43
C SER B 170 -2.10 13.91 -17.95
N GLN B 171 -1.52 14.56 -18.98
CA GLN B 171 -0.23 14.16 -19.57
C GLN B 171 0.96 14.41 -18.63
N LYS B 172 0.81 15.35 -17.67
CA LYS B 172 1.84 15.68 -16.67
C LYS B 172 2.00 14.52 -15.68
N CYS B 173 0.87 13.88 -15.30
CA CYS B 173 0.83 12.73 -14.38
C CYS B 173 1.53 11.51 -14.99
N SER B 174 1.41 11.33 -16.33
CA SER B 174 2.02 10.25 -17.10
C SER B 174 3.55 10.33 -17.08
N ASP B 175 4.11 11.56 -17.04
CA ASP B 175 5.55 11.82 -17.00
C ASP B 175 6.10 11.66 -15.59
N GLY B 185 1.30 -1.38 -22.33
CA GLY B 185 2.31 -1.69 -23.32
C GLY B 185 1.82 -2.59 -24.45
N PRO B 186 2.70 -3.43 -25.04
CA PRO B 186 2.27 -4.29 -26.15
C PRO B 186 1.76 -5.69 -25.74
N TYR B 187 1.07 -6.38 -26.67
CA TYR B 187 0.56 -7.73 -26.45
C TYR B 187 1.71 -8.75 -26.53
N HIS B 188 1.74 -9.69 -25.58
CA HIS B 188 2.79 -10.70 -25.48
C HIS B 188 2.26 -12.12 -25.20
N GLN B 189 3.12 -13.13 -25.40
CA GLN B 189 2.80 -14.54 -25.16
C GLN B 189 3.61 -15.08 -23.95
N GLU B 190 4.01 -14.18 -23.02
CA GLU B 190 4.78 -14.51 -21.82
C GLU B 190 3.91 -14.58 -20.56
N PRO B 191 3.98 -15.67 -19.76
CA PRO B 191 3.16 -15.77 -18.55
C PRO B 191 3.65 -14.88 -17.41
N TYR B 192 2.70 -14.30 -16.66
CA TYR B 192 2.98 -13.42 -15.52
C TYR B 192 3.39 -14.20 -14.27
N VAL B 193 4.36 -13.66 -13.54
CA VAL B 193 4.88 -14.25 -12.32
C VAL B 193 3.87 -14.18 -11.18
N CYS B 194 3.99 -15.08 -10.22
CA CYS B 194 2.99 -15.17 -9.17
C CYS B 194 2.86 -13.90 -8.33
N LYS B 195 3.98 -13.31 -7.92
CA LYS B 195 3.91 -12.09 -7.13
C LYS B 195 5.21 -11.29 -7.14
N PRO B 196 5.11 -9.93 -6.80
CA PRO B 196 6.41 -9.25 -6.69
C PRO B 196 7.20 -9.84 -5.53
N GLU B 197 6.47 -10.09 -4.44
CA GLU B 197 6.99 -10.76 -3.27
C GLU B 197 5.95 -11.82 -3.03
N GLU B 198 6.30 -12.91 -2.36
CA GLU B 198 5.40 -14.06 -2.34
C GLU B 198 4.06 -13.63 -1.79
N ARG B 199 3.00 -14.00 -2.52
CA ARG B 199 1.66 -13.59 -2.19
C ARG B 199 0.68 -14.75 -2.11
N PHE B 200 -0.09 -14.81 -1.03
CA PHE B 200 -1.16 -15.77 -0.90
C PHE B 200 -2.48 -15.08 -1.22
N ARG B 201 -2.38 -13.85 -1.68
CA ARG B 201 -3.56 -13.01 -1.98
C ARG B 201 -4.57 -13.78 -2.85
N ALA B 202 -5.81 -13.85 -2.38
CA ALA B 202 -6.92 -14.57 -3.02
C ALA B 202 -7.59 -13.77 -4.15
N PRO B 203 -8.18 -14.44 -5.18
CA PRO B 203 -8.88 -13.68 -6.25
C PRO B 203 -10.16 -13.02 -5.71
N PRO B 204 -10.67 -11.92 -6.34
CA PRO B 204 -11.88 -11.25 -5.79
C PRO B 204 -13.11 -12.13 -5.71
N ILE B 205 -13.94 -11.92 -4.66
CA ILE B 205 -15.18 -12.67 -4.44
C ILE B 205 -16.17 -12.39 -5.57
N LEU B 206 -16.74 -13.47 -6.15
CA LEU B 206 -17.70 -13.42 -7.26
C LEU B 206 -18.94 -12.59 -6.91
N PRO B 207 -19.29 -11.58 -7.74
CA PRO B 207 -20.48 -10.76 -7.45
C PRO B 207 -21.78 -11.57 -7.66
N PRO B 208 -22.74 -11.47 -6.71
CA PRO B 208 -23.98 -12.28 -6.83
C PRO B 208 -24.85 -12.03 -8.06
N HIS B 209 -24.72 -10.84 -8.67
CA HIS B 209 -25.47 -10.42 -9.87
C HIS B 209 -25.24 -11.35 -11.07
N LEU B 210 -24.01 -11.87 -11.21
CA LEU B 210 -23.62 -12.76 -12.30
C LEU B 210 -24.26 -14.14 -12.20
N LEU B 211 -24.73 -14.52 -10.99
CA LEU B 211 -25.41 -15.79 -10.74
C LEU B 211 -26.88 -15.78 -11.20
N GLN B 212 -27.40 -14.58 -11.53
CA GLN B 212 -28.76 -14.39 -12.05
C GLN B 212 -28.76 -14.74 -13.54
N VAL B 213 -28.88 -16.05 -13.85
CA VAL B 213 -28.86 -16.56 -15.22
C VAL B 213 -30.22 -16.33 -15.88
N ILE B 214 -30.22 -15.55 -16.99
CA ILE B 214 -31.41 -15.19 -17.76
C ILE B 214 -32.10 -16.39 -18.41
N LEU B 215 -31.32 -17.42 -18.83
CA LEU B 215 -31.87 -18.60 -19.50
C LEU B 215 -32.42 -19.67 -18.54
N ASN B 216 -32.09 -19.58 -17.25
CA ASN B 216 -32.60 -20.50 -16.22
C ASN B 216 -33.97 -20.04 -15.70
N LYS B 217 -34.32 -18.76 -15.95
CA LYS B 217 -35.58 -18.15 -15.55
C LYS B 217 -36.73 -18.51 -16.48
N ASP B 218 -37.95 -18.67 -15.91
CA ASP B 218 -39.18 -18.95 -16.65
C ASP B 218 -39.74 -17.64 -17.21
N THR B 219 -40.25 -17.73 -18.44
CA THR B 219 -40.88 -16.64 -19.19
C THR B 219 -42.24 -16.12 -18.74
N GLY B 220 -43.14 -17.05 -18.44
CA GLY B 220 -44.55 -16.75 -18.33
C GLY B 220 -45.20 -17.14 -19.63
N ILE B 221 -46.19 -18.02 -19.56
CA ILE B 221 -46.76 -18.73 -20.72
C ILE B 221 -47.47 -17.86 -21.75
N SER B 222 -48.05 -16.76 -21.31
CA SER B 222 -48.86 -15.92 -22.19
C SER B 222 -48.05 -15.37 -23.35
N CYS B 223 -46.80 -15.03 -23.10
CA CYS B 223 -45.99 -14.30 -24.08
C CYS B 223 -45.16 -15.17 -25.02
N ASP B 224 -44.63 -14.53 -26.09
CA ASP B 224 -43.76 -15.08 -27.14
C ASP B 224 -42.57 -15.82 -26.49
N PRO B 225 -42.26 -17.07 -26.93
CA PRO B 225 -41.15 -17.80 -26.31
C PRO B 225 -39.74 -17.23 -26.58
N ALA B 226 -39.61 -16.34 -27.58
CA ALA B 226 -38.36 -15.69 -27.92
C ALA B 226 -38.06 -14.56 -26.93
N LEU B 227 -39.11 -13.95 -26.35
CA LEU B 227 -38.97 -12.85 -25.39
C LEU B 227 -38.28 -13.26 -24.09
N LEU B 228 -37.51 -12.31 -23.54
CA LEU B 228 -36.76 -12.44 -22.29
C LEU B 228 -36.93 -11.17 -21.46
N PRO B 229 -36.66 -11.19 -20.12
CA PRO B 229 -36.78 -9.93 -19.35
C PRO B 229 -35.58 -9.01 -19.61
N GLU B 230 -35.69 -7.73 -19.21
CA GLU B 230 -34.59 -6.76 -19.39
C GLU B 230 -33.39 -7.17 -18.54
N PRO B 231 -32.19 -7.34 -19.13
CA PRO B 231 -31.05 -7.79 -18.32
C PRO B 231 -30.38 -6.66 -17.55
N ASN B 232 -29.61 -7.02 -16.50
CA ASN B 232 -28.83 -6.07 -15.72
C ASN B 232 -27.61 -5.74 -16.58
N HIS B 233 -27.29 -4.45 -16.74
CA HIS B 233 -26.15 -4.00 -17.57
C HIS B 233 -24.84 -4.72 -17.22
N VAL B 234 -24.72 -5.15 -15.97
CA VAL B 234 -23.58 -5.81 -15.36
C VAL B 234 -23.38 -7.26 -15.86
N MET B 235 -24.45 -7.94 -16.33
CA MET B 235 -24.38 -9.32 -16.83
C MET B 235 -24.02 -9.38 -18.33
N LEU B 236 -24.09 -8.23 -19.03
CA LEU B 236 -23.80 -8.10 -20.46
C LEU B 236 -22.36 -8.46 -20.78
N ASN B 237 -22.15 -9.10 -21.95
CA ASN B 237 -20.86 -9.55 -22.50
C ASN B 237 -20.27 -10.78 -21.80
N HIS B 238 -20.84 -11.20 -20.63
CA HIS B 238 -20.38 -12.37 -19.87
C HIS B 238 -20.82 -13.68 -20.49
N LEU B 239 -19.94 -14.68 -20.46
CA LEU B 239 -20.22 -15.99 -21.03
C LEU B 239 -20.93 -16.91 -20.03
N TYR B 240 -21.95 -17.61 -20.54
CA TYR B 240 -22.74 -18.60 -19.82
C TYR B 240 -22.74 -19.86 -20.67
N ALA B 241 -22.70 -21.03 -20.03
CA ALA B 241 -22.60 -22.31 -20.74
C ALA B 241 -23.36 -23.45 -20.07
N LEU B 242 -23.67 -24.48 -20.88
CA LEU B 242 -24.31 -25.72 -20.44
C LEU B 242 -23.20 -26.77 -20.34
N SER B 243 -23.42 -27.82 -19.53
CA SER B 243 -22.46 -28.92 -19.39
C SER B 243 -22.47 -29.72 -20.71
N ILE B 244 -21.25 -30.01 -21.23
CA ILE B 244 -21.01 -30.75 -22.48
C ILE B 244 -21.72 -32.11 -22.43
N LYS B 245 -22.60 -32.37 -23.42
CA LYS B 245 -23.36 -33.61 -23.55
C LYS B 245 -23.34 -34.08 -25.00
N ASP B 246 -22.97 -35.37 -25.21
CA ASP B 246 -22.85 -36.04 -26.52
C ASP B 246 -21.90 -35.28 -27.49
N GLY B 247 -20.76 -34.85 -26.96
CA GLY B 247 -19.72 -34.14 -27.71
C GLY B 247 -20.09 -32.78 -28.28
N VAL B 248 -21.18 -32.16 -27.81
CA VAL B 248 -21.59 -30.84 -28.29
C VAL B 248 -21.67 -29.83 -27.13
N MET B 249 -21.01 -28.66 -27.30
CA MET B 249 -21.01 -27.63 -26.26
C MET B 249 -21.92 -26.45 -26.64
N VAL B 250 -22.62 -25.92 -25.63
CA VAL B 250 -23.55 -24.80 -25.80
C VAL B 250 -23.07 -23.58 -25.04
N LEU B 251 -22.89 -22.48 -25.76
CA LEU B 251 -22.45 -21.21 -25.18
C LEU B 251 -23.48 -20.13 -25.43
N SER B 252 -23.64 -19.23 -24.44
CA SER B 252 -24.55 -18.10 -24.52
C SER B 252 -23.94 -16.86 -23.85
N ALA B 253 -24.47 -15.67 -24.21
CA ALA B 253 -24.07 -14.35 -23.70
C ALA B 253 -25.11 -13.33 -24.13
N THR B 254 -25.31 -12.29 -23.31
CA THR B 254 -26.26 -11.22 -23.60
C THR B 254 -25.48 -9.99 -24.07
N HIS B 255 -25.78 -9.52 -25.30
CA HIS B 255 -25.14 -8.38 -25.93
C HIS B 255 -26.14 -7.30 -26.27
N ARG B 256 -25.66 -6.06 -26.27
CA ARG B 256 -26.46 -4.86 -26.55
C ARG B 256 -26.31 -4.41 -28.01
N TYR B 257 -27.43 -4.00 -28.61
CA TYR B 257 -27.52 -3.37 -29.92
C TYR B 257 -28.41 -2.14 -29.71
N LYS B 258 -27.78 -0.95 -29.61
CA LYS B 258 -28.42 0.35 -29.34
C LYS B 258 -29.15 0.30 -27.98
N LYS B 259 -30.48 0.43 -27.94
CA LYS B 259 -31.25 0.37 -26.68
C LYS B 259 -31.91 -1.02 -26.48
N LYS B 260 -31.47 -2.03 -27.24
CA LYS B 260 -31.99 -3.39 -27.22
C LYS B 260 -30.93 -4.45 -26.88
N TYR B 261 -31.37 -5.61 -26.37
CA TYR B 261 -30.51 -6.72 -25.93
C TYR B 261 -30.85 -8.03 -26.60
N VAL B 262 -29.80 -8.78 -27.04
CA VAL B 262 -29.94 -10.08 -27.69
C VAL B 262 -29.13 -11.11 -26.90
N THR B 263 -29.77 -12.21 -26.49
CA THR B 263 -29.14 -13.32 -25.79
C THR B 263 -28.97 -14.43 -26.81
N THR B 264 -27.80 -14.47 -27.47
CA THR B 264 -27.49 -15.48 -28.49
C THR B 264 -26.99 -16.77 -27.85
N LEU B 265 -27.40 -17.90 -28.42
CA LEU B 265 -27.01 -19.26 -28.00
C LEU B 265 -26.33 -19.89 -29.20
N LEU B 266 -25.23 -20.63 -28.97
CA LEU B 266 -24.52 -21.32 -30.06
C LEU B 266 -24.27 -22.77 -29.70
N TYR B 267 -24.74 -23.67 -30.57
CA TYR B 267 -24.58 -25.12 -30.45
C TYR B 267 -23.49 -25.52 -31.44
N LYS B 268 -22.33 -25.96 -30.92
CA LYS B 268 -21.21 -26.39 -31.75
C LYS B 268 -20.52 -27.63 -31.19
N PRO B 269 -20.18 -28.62 -32.03
CA PRO B 269 -19.50 -29.82 -31.52
C PRO B 269 -18.10 -29.50 -31.00
N ILE B 270 -17.73 -30.11 -29.85
CA ILE B 270 -16.43 -29.92 -29.20
C ILE B 270 -15.38 -30.88 -29.75
N GLY C 22 4.94 -33.40 53.36
CA GLY C 22 5.16 -32.57 54.54
C GLY C 22 5.87 -31.26 54.21
N ARG C 23 7.23 -31.33 54.07
CA ARG C 23 8.10 -30.20 53.76
C ARG C 23 7.82 -29.59 52.38
N VAL C 24 8.31 -28.35 52.15
CA VAL C 24 8.11 -27.62 50.89
C VAL C 24 9.34 -27.80 49.99
N LYS C 25 9.13 -28.38 48.80
CA LYS C 25 10.22 -28.69 47.86
C LYS C 25 9.97 -28.17 46.44
N ILE C 26 11.01 -27.55 45.85
CA ILE C 26 11.01 -27.08 44.47
C ILE C 26 12.26 -27.63 43.79
N GLY C 27 12.04 -28.40 42.73
CA GLY C 27 13.10 -29.10 42.01
C GLY C 27 13.58 -30.24 42.87
N HIS C 28 14.82 -30.14 43.35
CA HIS C 28 15.44 -31.12 44.24
C HIS C 28 15.78 -30.47 45.59
N TYR C 29 15.42 -29.19 45.74
CA TYR C 29 15.71 -28.36 46.92
C TYR C 29 14.52 -28.14 47.85
N VAL C 30 14.73 -28.37 49.16
CA VAL C 30 13.74 -28.13 50.20
C VAL C 30 13.88 -26.67 50.68
N LEU C 31 12.79 -25.91 50.60
CA LEU C 31 12.78 -24.50 50.96
C LEU C 31 12.72 -24.29 52.46
N GLY C 32 13.70 -23.54 52.98
CA GLY C 32 13.83 -23.23 54.39
C GLY C 32 13.56 -21.77 54.72
N ASP C 33 14.40 -21.20 55.59
CA ASP C 33 14.29 -19.82 56.07
C ASP C 33 14.49 -18.75 54.99
N THR C 34 13.74 -17.64 55.13
CA THR C 34 13.81 -16.48 54.25
C THR C 34 15.13 -15.75 54.52
N LEU C 35 15.94 -15.57 53.46
CA LEU C 35 17.22 -14.86 53.54
C LEU C 35 17.01 -13.35 53.62
N GLY C 36 16.01 -12.87 52.90
CA GLY C 36 15.64 -11.47 52.86
C GLY C 36 14.61 -11.14 51.79
N VAL C 37 14.14 -9.90 51.79
CA VAL C 37 13.18 -9.40 50.80
C VAL C 37 13.91 -8.38 49.95
N GLY C 38 14.01 -8.67 48.66
CA GLY C 38 14.68 -7.79 47.70
C GLY C 38 13.82 -6.65 47.23
N THR C 39 14.24 -5.97 46.15
CA THR C 39 13.47 -4.86 45.59
C THR C 39 12.18 -5.39 44.95
N PHE C 40 12.26 -6.59 44.37
CA PHE C 40 11.14 -7.29 43.75
C PHE C 40 11.27 -8.80 43.97
N GLY C 41 10.48 -9.34 44.91
CA GLY C 41 10.48 -10.77 45.23
C GLY C 41 10.91 -11.11 46.65
N LYS C 42 10.86 -12.42 46.98
CA LYS C 42 11.24 -12.98 48.27
C LYS C 42 12.37 -13.98 48.04
N VAL C 43 13.45 -13.90 48.84
CA VAL C 43 14.58 -14.82 48.69
C VAL C 43 14.61 -15.80 49.88
N LYS C 44 14.54 -17.10 49.57
CA LYS C 44 14.55 -18.17 50.57
C LYS C 44 15.73 -19.09 50.34
N ILE C 45 16.24 -19.71 51.41
CA ILE C 45 17.32 -20.69 51.25
C ILE C 45 16.72 -22.05 50.81
N GLY C 46 17.48 -22.77 50.01
CA GLY C 46 17.13 -24.09 49.52
C GLY C 46 18.24 -25.08 49.80
N GLU C 47 17.89 -26.28 50.30
CA GLU C 47 18.85 -27.34 50.60
C GLU C 47 18.50 -28.60 49.84
N HIS C 48 19.49 -29.19 49.13
CA HIS C 48 19.29 -30.41 48.32
C HIS C 48 18.81 -31.57 49.19
N GLN C 49 17.73 -32.25 48.75
CA GLN C 49 17.13 -33.35 49.50
C GLN C 49 18.10 -34.53 49.75
N LEU C 50 19.08 -34.76 48.85
CA LEU C 50 20.03 -35.86 48.99
C LEU C 50 21.40 -35.46 49.58
N THR C 51 21.98 -34.36 49.07
CA THR C 51 23.31 -33.90 49.47
C THR C 51 23.36 -32.77 50.51
N GLY C 52 22.28 -32.00 50.61
CA GLY C 52 22.20 -30.86 51.52
C GLY C 52 22.85 -29.60 50.97
N HIS C 53 23.16 -29.60 49.66
CA HIS C 53 23.76 -28.48 48.93
C HIS C 53 22.84 -27.27 49.05
N LYS C 54 23.43 -26.11 49.40
CA LYS C 54 22.68 -24.88 49.59
C LYS C 54 22.64 -23.97 48.36
N VAL C 55 21.45 -23.43 48.07
CA VAL C 55 21.17 -22.48 46.98
C VAL C 55 20.31 -21.35 47.56
N ALA C 56 20.22 -20.23 46.84
CA ALA C 56 19.34 -19.13 47.22
C ALA C 56 18.23 -19.07 46.16
N VAL C 57 16.98 -19.25 46.59
CA VAL C 57 15.82 -19.28 45.70
C VAL C 57 15.04 -17.95 45.76
N LYS C 58 15.02 -17.21 44.65
CA LYS C 58 14.28 -15.96 44.51
C LYS C 58 12.89 -16.28 43.93
N ILE C 59 11.84 -15.95 44.68
CA ILE C 59 10.45 -16.22 44.31
C ILE C 59 9.76 -14.96 43.79
N LEU C 60 9.29 -15.03 42.54
CA LEU C 60 8.57 -13.96 41.86
C LEU C 60 7.17 -14.44 41.57
N ASN C 61 6.16 -13.73 42.11
CA ASN C 61 4.75 -14.05 41.89
C ASN C 61 4.33 -13.53 40.52
N ARG C 62 3.76 -14.42 39.68
CA ARG C 62 3.32 -14.12 38.31
C ARG C 62 2.21 -13.06 38.26
N GLN C 63 1.32 -13.02 39.26
CA GLN C 63 0.24 -12.05 39.32
C GLN C 63 0.74 -10.64 39.63
N LYS C 64 1.69 -10.51 40.58
CA LYS C 64 2.29 -9.23 40.97
C LYS C 64 3.01 -8.58 39.79
N ILE C 65 3.64 -9.41 38.92
CA ILE C 65 4.33 -8.97 37.70
C ILE C 65 3.30 -8.38 36.73
N ARG C 66 2.21 -9.13 36.46
CA ARG C 66 1.11 -8.74 35.55
C ARG C 66 0.43 -7.45 36.02
N SER C 67 0.11 -7.36 37.34
CA SER C 67 -0.54 -6.22 37.99
C SER C 67 0.26 -4.92 37.83
N LEU C 68 1.59 -5.01 37.95
CA LEU C 68 2.50 -3.87 37.82
C LEU C 68 2.98 -3.64 36.37
N ASP C 69 2.60 -4.55 35.43
CA ASP C 69 2.95 -4.52 34.00
C ASP C 69 4.49 -4.49 33.80
N VAL C 70 5.19 -5.36 34.55
CA VAL C 70 6.67 -5.46 34.60
C VAL C 70 7.17 -6.75 33.84
N VAL C 71 6.28 -7.39 33.05
CA VAL C 71 6.56 -8.61 32.26
C VAL C 71 7.86 -8.49 31.43
N GLY C 72 7.96 -7.43 30.64
CA GLY C 72 9.12 -7.15 29.80
C GLY C 72 10.40 -6.92 30.58
N LYS C 73 10.29 -6.20 31.72
CA LYS C 73 11.41 -5.89 32.61
C LYS C 73 11.95 -7.18 33.23
N ILE C 74 11.04 -8.07 33.69
CA ILE C 74 11.35 -9.37 34.29
C ILE C 74 11.97 -10.31 33.23
N LYS C 75 11.46 -10.24 31.97
CA LYS C 75 11.97 -11.03 30.84
C LYS C 75 13.44 -10.67 30.58
N ARG C 76 13.75 -9.35 30.51
CA ARG C 76 15.11 -8.84 30.30
C ARG C 76 16.03 -9.17 31.47
N GLU C 77 15.53 -9.08 32.73
CA GLU C 77 16.27 -9.41 33.96
C GLU C 77 16.72 -10.88 33.96
N ILE C 78 15.80 -11.80 33.62
CA ILE C 78 16.04 -13.24 33.54
C ILE C 78 17.03 -13.57 32.41
N GLN C 79 16.85 -12.94 31.22
CA GLN C 79 17.72 -13.12 30.05
C GLN C 79 19.16 -12.70 30.34
N ASN C 80 19.34 -11.57 31.07
CA ASN C 80 20.65 -11.06 31.46
C ASN C 80 21.32 -12.00 32.47
N LEU C 81 20.61 -12.41 33.53
CA LEU C 81 21.16 -13.33 34.54
C LEU C 81 21.50 -14.73 34.00
N LYS C 82 20.82 -15.17 32.92
CA LYS C 82 21.08 -16.45 32.26
C LYS C 82 22.39 -16.35 31.45
N LEU C 83 22.61 -15.17 30.83
CA LEU C 83 23.78 -14.85 30.01
C LEU C 83 25.03 -14.51 30.85
N PHE C 84 24.86 -13.77 31.95
CA PHE C 84 25.92 -13.33 32.84
C PHE C 84 26.75 -14.47 33.42
N ARG C 85 28.06 -14.38 33.22
CA ARG C 85 29.08 -15.32 33.68
C ARG C 85 30.27 -14.48 34.14
N HIS C 86 30.37 -14.27 35.46
CA HIS C 86 31.41 -13.47 36.11
C HIS C 86 31.63 -13.99 37.53
N PRO C 87 32.89 -14.09 38.02
CA PRO C 87 33.11 -14.61 39.38
C PRO C 87 32.61 -13.71 40.53
N HIS C 88 32.23 -12.45 40.24
CA HIS C 88 31.81 -11.50 41.28
C HIS C 88 30.36 -10.99 41.08
N ILE C 89 29.53 -11.83 40.45
CA ILE C 89 28.09 -11.63 40.27
C ILE C 89 27.44 -12.97 40.62
N ILE C 90 26.39 -12.97 41.46
CA ILE C 90 25.66 -14.17 41.87
C ILE C 90 25.16 -14.89 40.63
N LYS C 91 25.56 -16.16 40.48
CA LYS C 91 25.19 -16.97 39.31
C LYS C 91 23.79 -17.53 39.44
N LEU C 92 23.05 -17.54 38.33
CA LEU C 92 21.72 -18.13 38.23
C LEU C 92 21.89 -19.53 37.63
N TYR C 93 21.50 -20.57 38.39
CA TYR C 93 21.62 -21.96 37.97
C TYR C 93 20.47 -22.41 37.07
N GLN C 94 19.21 -22.16 37.48
CA GLN C 94 18.01 -22.50 36.73
C GLN C 94 16.81 -21.65 37.15
N VAL C 95 15.74 -21.67 36.33
CA VAL C 95 14.48 -20.99 36.60
C VAL C 95 13.38 -22.04 36.53
N ILE C 96 12.70 -22.28 37.67
CA ILE C 96 11.60 -23.24 37.76
C ILE C 96 10.29 -22.46 37.69
N SER C 97 9.55 -22.67 36.59
CA SER C 97 8.26 -22.01 36.35
C SER C 97 7.10 -22.89 36.82
N THR C 98 6.12 -22.28 37.51
CA THR C 98 4.91 -22.93 38.03
C THR C 98 3.69 -22.11 37.57
N PRO C 99 2.42 -22.62 37.64
CA PRO C 99 1.27 -21.80 37.18
C PRO C 99 1.06 -20.45 37.88
N THR C 100 1.67 -20.24 39.07
CA THR C 100 1.48 -19.02 39.85
C THR C 100 2.77 -18.24 40.13
N ASP C 101 3.94 -18.93 40.16
CA ASP C 101 5.21 -18.30 40.53
C ASP C 101 6.43 -18.77 39.72
N PHE C 102 7.53 -18.00 39.81
CA PHE C 102 8.82 -18.30 39.20
C PHE C 102 9.84 -18.49 40.32
N PHE C 103 10.68 -19.53 40.22
CA PHE C 103 11.71 -19.83 41.22
C PHE C 103 13.09 -19.72 40.58
N MET C 104 13.83 -18.68 40.97
CA MET C 104 15.17 -18.42 40.45
C MET C 104 16.20 -19.01 41.39
N VAL C 105 16.69 -20.22 41.03
CA VAL C 105 17.67 -20.98 41.79
C VAL C 105 19.03 -20.37 41.50
N MET C 106 19.59 -19.67 42.49
CA MET C 106 20.85 -18.94 42.39
C MET C 106 21.94 -19.49 43.31
N GLU C 107 23.18 -19.02 43.13
CA GLU C 107 24.35 -19.40 43.91
C GLU C 107 24.20 -18.89 45.34
N TYR C 108 24.34 -19.78 46.35
CA TYR C 108 24.30 -19.38 47.76
C TYR C 108 25.68 -18.96 48.23
N VAL C 109 25.72 -17.86 48.97
CA VAL C 109 26.93 -17.23 49.51
C VAL C 109 26.76 -17.09 51.03
N SER C 110 27.56 -17.86 51.80
CA SER C 110 27.50 -18.02 53.26
C SER C 110 27.93 -16.82 54.13
N GLY C 111 28.87 -16.00 53.66
CA GLY C 111 29.40 -14.88 54.42
C GLY C 111 28.50 -13.66 54.64
N GLY C 112 27.29 -13.70 54.09
CA GLY C 112 26.31 -12.63 54.21
C GLY C 112 26.68 -11.31 53.55
N GLU C 113 26.00 -10.23 53.97
CA GLU C 113 26.18 -8.86 53.47
C GLU C 113 27.54 -8.27 53.80
N LEU C 114 28.03 -7.33 52.95
CA LEU C 114 29.26 -6.57 53.18
C LEU C 114 28.95 -5.54 54.27
N PHE C 115 27.70 -5.06 54.33
CA PHE C 115 27.19 -4.10 55.32
C PHE C 115 27.44 -4.61 56.73
N ASP C 116 27.07 -5.88 57.02
CA ASP C 116 27.26 -6.52 58.32
C ASP C 116 28.76 -6.68 58.64
N TYR C 117 29.61 -6.86 57.62
CA TYR C 117 31.06 -7.00 57.78
C TYR C 117 31.71 -5.66 58.19
N ILE C 118 31.22 -4.53 57.61
CA ILE C 118 31.69 -3.17 57.92
C ILE C 118 31.21 -2.78 59.34
N CYS C 119 30.10 -3.37 59.80
CA CYS C 119 29.58 -3.15 61.16
C CYS C 119 30.32 -4.03 62.17
N LYS C 120 30.79 -5.23 61.74
CA LYS C 120 31.56 -6.17 62.57
C LYS C 120 32.95 -5.57 62.79
N HIS C 121 33.74 -5.46 61.72
CA HIS C 121 35.06 -4.83 61.74
C HIS C 121 34.78 -3.36 61.51
N GLY C 122 35.02 -2.54 62.53
CA GLY C 122 34.79 -1.10 62.50
C GLY C 122 35.30 -0.37 61.28
N ARG C 123 36.47 -0.79 60.76
CA ARG C 123 37.13 -0.20 59.60
C ARG C 123 37.92 -1.28 58.84
N VAL C 124 37.76 -1.33 57.51
CA VAL C 124 38.49 -2.30 56.68
C VAL C 124 39.84 -1.71 56.28
N GLU C 125 40.92 -2.50 56.49
CA GLU C 125 42.31 -2.14 56.18
C GLU C 125 42.46 -1.86 54.68
N GLU C 126 43.29 -0.84 54.33
CA GLU C 126 43.58 -0.37 52.96
C GLU C 126 43.78 -1.52 51.96
N MET C 127 44.62 -2.51 52.33
CA MET C 127 44.94 -3.69 51.50
C MET C 127 43.69 -4.50 51.16
N GLU C 128 42.88 -4.85 52.17
CA GLU C 128 41.65 -5.64 52.03
C GLU C 128 40.54 -4.85 51.35
N ALA C 129 40.36 -3.56 51.70
CA ALA C 129 39.36 -2.66 51.13
C ALA C 129 39.56 -2.47 49.63
N ARG C 130 40.84 -2.40 49.18
CA ARG C 130 41.23 -2.26 47.77
C ARG C 130 40.85 -3.54 47.01
N ARG C 131 41.20 -4.71 47.57
CA ARG C 131 40.91 -6.04 47.03
C ARG C 131 39.41 -6.23 46.76
N LEU C 132 38.56 -5.86 47.74
CA LEU C 132 37.10 -5.98 47.61
C LEU C 132 36.56 -5.03 46.54
N PHE C 133 37.05 -3.77 46.52
CA PHE C 133 36.67 -2.73 45.57
C PHE C 133 37.02 -3.14 44.14
N GLN C 134 38.24 -3.69 43.95
CA GLN C 134 38.73 -4.18 42.66
C GLN C 134 37.79 -5.25 42.10
N GLN C 135 37.24 -6.12 42.97
CA GLN C 135 36.30 -7.19 42.64
C GLN C 135 34.93 -6.60 42.28
N ILE C 136 34.41 -5.68 43.12
CA ILE C 136 33.12 -5.01 42.90
C ILE C 136 33.15 -4.24 41.57
N LEU C 137 34.18 -3.39 41.36
CA LEU C 137 34.32 -2.61 40.13
C LEU C 137 34.44 -3.49 38.88
N SER C 138 35.07 -4.67 39.01
CA SER C 138 35.22 -5.67 37.93
C SER C 138 33.84 -6.19 37.51
N ALA C 139 32.95 -6.44 38.49
CA ALA C 139 31.58 -6.90 38.28
C ALA C 139 30.72 -5.80 37.66
N VAL C 140 30.84 -4.55 38.16
CA VAL C 140 30.12 -3.38 37.65
C VAL C 140 30.53 -3.11 36.19
N ASP C 141 31.84 -3.22 35.88
CA ASP C 141 32.40 -3.04 34.53
C ASP C 141 31.84 -4.07 33.55
N TYR C 142 31.70 -5.34 34.01
CA TYR C 142 31.13 -6.44 33.22
C TYR C 142 29.69 -6.12 32.85
N CYS C 143 28.91 -5.58 33.80
CA CYS C 143 27.52 -5.18 33.60
C CYS C 143 27.42 -4.14 32.50
N HIS C 144 28.20 -3.05 32.62
CA HIS C 144 28.22 -1.91 31.70
C HIS C 144 28.61 -2.32 30.27
N ARG C 145 29.58 -3.25 30.15
CA ARG C 145 30.04 -3.81 28.87
C ARG C 145 28.94 -4.67 28.22
N HIS C 146 27.94 -5.11 29.02
CA HIS C 146 26.79 -5.92 28.61
C HIS C 146 25.49 -5.10 28.54
N MET C 147 25.64 -3.76 28.54
CA MET C 147 24.61 -2.73 28.44
C MET C 147 23.61 -2.73 29.60
N VAL C 148 24.00 -3.32 30.74
CA VAL C 148 23.15 -3.37 31.94
C VAL C 148 23.74 -2.43 32.99
N VAL C 149 22.89 -1.63 33.63
CA VAL C 149 23.27 -0.75 34.73
C VAL C 149 22.52 -1.22 35.99
N HIS C 150 23.26 -1.49 37.10
CA HIS C 150 22.72 -2.01 38.36
C HIS C 150 21.72 -1.08 39.05
N ARG C 151 22.10 0.20 39.26
CA ARG C 151 21.29 1.28 39.87
C ARG C 151 20.90 1.06 41.36
N ASP C 152 21.41 0.00 42.01
CA ASP C 152 21.13 -0.27 43.43
C ASP C 152 22.36 -0.83 44.16
N LEU C 153 23.54 -0.28 43.84
CA LEU C 153 24.80 -0.70 44.45
C LEU C 153 24.94 -0.10 45.84
N LYS C 154 25.10 -0.96 46.85
CA LYS C 154 25.27 -0.63 48.26
C LYS C 154 25.86 -1.84 49.00
N PRO C 155 26.59 -1.67 50.14
CA PRO C 155 27.14 -2.85 50.85
C PRO C 155 26.12 -3.92 51.21
N GLU C 156 24.82 -3.56 51.29
CA GLU C 156 23.72 -4.49 51.59
C GLU C 156 23.47 -5.44 50.40
N ASN C 157 23.74 -4.96 49.17
CA ASN C 157 23.58 -5.73 47.93
C ASN C 157 24.88 -6.38 47.46
N VAL C 158 25.97 -6.20 48.23
CA VAL C 158 27.27 -6.83 47.96
C VAL C 158 27.42 -7.92 49.02
N LEU C 159 27.31 -9.18 48.59
CA LEU C 159 27.41 -10.34 49.47
C LEU C 159 28.84 -10.89 49.44
N LEU C 160 29.24 -11.66 50.47
CA LEU C 160 30.59 -12.23 50.58
C LEU C 160 30.58 -13.74 50.71
N ASP C 161 31.46 -14.45 50.00
CA ASP C 161 31.52 -15.91 50.14
C ASP C 161 32.43 -16.32 51.30
N ALA C 162 32.64 -17.64 51.48
CA ALA C 162 33.48 -18.23 52.53
C ALA C 162 34.95 -17.80 52.45
N HIS C 163 35.42 -17.43 51.24
CA HIS C 163 36.80 -16.98 51.00
C HIS C 163 36.93 -15.45 50.89
N MET C 164 35.91 -14.72 51.38
CA MET C 164 35.80 -13.26 51.43
C MET C 164 35.78 -12.59 50.03
N ASN C 165 35.22 -13.28 49.02
CA ASN C 165 35.10 -12.71 47.67
C ASN C 165 33.76 -12.01 47.55
N ALA C 166 33.76 -10.79 46.97
CA ALA C 166 32.54 -9.99 46.78
C ALA C 166 31.68 -10.52 45.64
N LYS C 167 30.34 -10.43 45.82
CA LYS C 167 29.34 -10.88 44.84
C LYS C 167 28.15 -9.92 44.86
N ILE C 168 27.87 -9.22 43.74
CA ILE C 168 26.70 -8.32 43.66
C ILE C 168 25.45 -9.17 43.36
N ALA C 169 24.25 -8.80 43.87
CA ALA C 169 23.10 -9.71 43.69
C ALA C 169 21.74 -9.14 43.22
N ASP C 170 21.20 -8.09 43.85
CA ASP C 170 19.85 -7.64 43.51
C ASP C 170 19.75 -6.82 42.22
N PHE C 171 19.32 -7.45 41.11
CA PHE C 171 19.17 -6.80 39.81
C PHE C 171 17.73 -6.34 39.52
N GLY C 172 16.94 -6.15 40.58
CA GLY C 172 15.54 -5.72 40.50
C GLY C 172 15.39 -4.29 40.01
N LEU C 173 16.32 -3.41 40.39
CA LEU C 173 16.32 -1.99 39.99
C LEU C 173 17.20 -1.72 38.76
N SER C 174 17.73 -2.80 38.15
CA SER C 174 18.58 -2.70 36.96
C SER C 174 17.77 -2.36 35.71
N ASN C 175 18.46 -1.85 34.67
CA ASN C 175 17.87 -1.47 33.40
C ASN C 175 18.88 -1.52 32.26
N MET C 176 18.39 -1.71 31.02
CA MET C 176 19.22 -1.76 29.82
C MET C 176 19.54 -0.35 29.35
N MET C 177 20.74 -0.17 28.78
CA MET C 177 21.20 1.10 28.23
C MET C 177 21.06 0.98 26.73
N SER C 178 20.13 1.75 26.16
CA SER C 178 19.82 1.76 24.72
C SER C 178 20.41 2.99 24.04
N ASP C 179 20.76 2.85 22.75
CA ASP C 179 21.32 3.93 21.93
C ASP C 179 20.33 5.09 21.84
N GLY C 180 20.79 6.27 22.25
CA GLY C 180 19.99 7.49 22.22
C GLY C 180 19.10 7.73 23.42
N GLU C 181 18.64 6.65 24.06
CA GLU C 181 17.74 6.71 25.22
C GLU C 181 18.45 7.11 26.51
N PHE C 182 17.69 7.71 27.44
CA PHE C 182 18.14 8.14 28.77
C PHE C 182 17.30 7.45 29.84
N LEU C 183 17.85 7.35 31.06
CA LEU C 183 17.13 6.72 32.16
C LEU C 183 16.73 7.76 33.22
N ARG C 184 15.50 7.69 33.69
CA ARG C 184 15.08 8.42 34.85
C ARG C 184 14.24 7.48 35.70
N SER C 186 13.36 6.66 40.13
CA SER C 186 13.64 7.04 41.51
C SER C 186 14.66 6.12 42.14
N CYS C 187 14.46 4.83 41.92
CA CYS C 187 15.42 3.79 42.31
C CYS C 187 15.76 3.64 43.81
N GLY C 188 17.06 3.60 44.11
CA GLY C 188 17.61 3.08 45.33
C GLY C 188 17.71 3.96 46.55
N SER C 189 18.41 3.46 47.55
CA SER C 189 18.57 4.15 48.82
C SER C 189 19.23 5.49 48.60
N PRO C 190 18.76 6.51 49.31
CA PRO C 190 19.23 7.89 49.07
C PRO C 190 20.70 8.14 49.42
N ASN C 191 21.23 7.40 50.42
CA ASN C 191 22.62 7.50 50.89
C ASN C 191 23.64 7.08 49.83
N TYR C 192 23.22 6.23 48.87
CA TYR C 192 24.07 5.70 47.81
C TYR C 192 23.68 6.24 46.42
N ALA C 193 22.59 7.02 46.36
CA ALA C 193 22.09 7.60 45.12
C ALA C 193 22.72 8.94 44.75
N ALA C 194 23.08 9.07 43.45
CA ALA C 194 23.73 10.21 42.82
C ALA C 194 22.89 11.51 42.85
N PRO C 195 23.51 12.72 42.77
CA PRO C 195 22.70 13.96 42.81
C PRO C 195 21.67 14.14 41.70
N GLU C 196 21.91 13.54 40.52
CA GLU C 196 21.00 13.61 39.36
C GLU C 196 19.71 12.79 39.58
N VAL C 197 19.82 11.62 40.24
CA VAL C 197 18.67 10.75 40.53
C VAL C 197 17.84 11.30 41.70
N ILE C 198 18.48 12.10 42.58
CA ILE C 198 17.87 12.76 43.74
C ILE C 198 17.06 13.96 43.27
N SER C 199 17.56 14.66 42.22
CA SER C 199 16.94 15.83 41.62
C SER C 199 15.83 15.42 40.63
N GLY C 200 15.75 14.12 40.35
CA GLY C 200 14.77 13.53 39.42
C GLY C 200 15.08 13.85 37.97
N ARG C 201 16.37 14.03 37.65
CA ARG C 201 16.86 14.34 36.30
C ARG C 201 17.14 13.07 35.50
N LEU C 202 17.26 13.22 34.16
CA LEU C 202 17.59 12.14 33.24
C LEU C 202 19.10 11.90 33.28
N TYR C 203 19.51 10.64 33.29
CA TYR C 203 20.92 10.28 33.38
C TYR C 203 21.29 9.20 32.37
N ALA C 204 22.56 9.12 32.03
CA ALA C 204 23.07 8.06 31.16
C ALA C 204 23.01 6.67 31.76
N GLY C 205 23.38 6.53 33.02
CA GLY C 205 23.48 5.21 33.61
C GLY C 205 24.76 4.92 34.35
N PRO C 206 25.86 4.76 33.62
CA PRO C 206 27.09 4.26 34.22
C PRO C 206 27.62 5.14 35.34
N GLU C 207 27.52 6.45 35.20
CA GLU C 207 28.02 7.37 36.21
C GLU C 207 27.29 7.21 37.54
N VAL C 208 26.02 6.82 37.47
CA VAL C 208 25.20 6.62 38.67
C VAL C 208 25.79 5.45 39.47
N ASP C 209 26.19 4.37 38.76
CA ASP C 209 26.82 3.18 39.36
C ASP C 209 28.20 3.52 39.92
N ILE C 210 28.97 4.36 39.21
CA ILE C 210 30.31 4.79 39.64
C ILE C 210 30.22 5.60 40.95
N TRP C 211 29.22 6.51 41.05
CA TRP C 211 28.96 7.32 42.25
C TRP C 211 28.71 6.40 43.44
N SER C 212 27.80 5.41 43.29
CA SER C 212 27.44 4.41 44.30
C SER C 212 28.66 3.61 44.78
N CYS C 213 29.60 3.32 43.86
CA CYS C 213 30.86 2.61 44.15
C CYS C 213 31.82 3.48 44.96
N GLY C 214 31.72 4.81 44.77
CA GLY C 214 32.49 5.80 45.51
C GLY C 214 32.07 5.81 46.97
N VAL C 215 30.75 5.65 47.22
CA VAL C 215 30.15 5.57 48.55
C VAL C 215 30.56 4.22 49.19
N ILE C 216 30.56 3.12 48.39
CA ILE C 216 30.98 1.78 48.83
C ILE C 216 32.46 1.80 49.27
N LEU C 217 33.33 2.47 48.47
CA LEU C 217 34.76 2.62 48.78
C LEU C 217 34.96 3.41 50.07
N TYR C 218 34.20 4.52 50.25
CA TYR C 218 34.27 5.37 51.45
C TYR C 218 33.81 4.58 52.69
N ALA C 219 32.67 3.84 52.58
CA ALA C 219 32.11 3.02 53.66
C ALA C 219 33.08 1.93 54.13
N LEU C 220 33.81 1.31 53.18
CA LEU C 220 34.83 0.29 53.48
C LEU C 220 36.02 0.88 54.22
N LEU C 221 36.57 2.01 53.70
CA LEU C 221 37.76 2.67 54.25
C LEU C 221 37.55 3.44 55.54
N CYS C 222 36.35 3.99 55.76
CA CYS C 222 36.07 4.81 56.94
C CYS C 222 35.22 4.10 57.99
N GLY C 223 34.22 3.36 57.54
CA GLY C 223 33.28 2.67 58.43
C GLY C 223 32.00 3.45 58.61
N THR C 224 31.96 4.68 58.07
CA THR C 224 30.81 5.60 58.11
C THR C 224 30.43 6.03 56.68
N LEU C 225 29.22 6.60 56.52
CA LEU C 225 28.73 7.10 55.23
C LEU C 225 29.26 8.52 54.98
N PRO C 226 29.61 8.90 53.73
CA PRO C 226 30.13 10.26 53.49
C PRO C 226 29.07 11.35 53.65
N PHE C 227 27.82 11.01 53.34
CA PHE C 227 26.67 11.91 53.44
C PHE C 227 25.57 11.19 54.20
N ASP C 228 25.37 11.58 55.47
CA ASP C 228 24.35 10.99 56.34
C ASP C 228 23.77 11.99 57.32
N ASP C 229 22.43 12.04 57.37
CA ASP C 229 21.65 12.89 58.26
C ASP C 229 20.26 12.32 58.46
N GLU C 230 19.71 12.47 59.69
CA GLU C 230 18.36 12.00 60.05
C GLU C 230 17.28 12.73 59.24
N HIS C 231 17.52 14.03 58.93
CA HIS C 231 16.62 14.88 58.17
C HIS C 231 16.87 14.67 56.67
N VAL C 232 15.89 14.07 55.97
CA VAL C 232 15.93 13.75 54.54
C VAL C 232 16.18 14.98 53.62
N PRO C 233 15.50 16.16 53.77
CA PRO C 233 15.80 17.28 52.87
C PRO C 233 17.24 17.82 52.98
N THR C 234 17.81 17.79 54.20
CA THR C 234 19.18 18.23 54.47
C THR C 234 20.19 17.20 53.91
N LEU C 235 19.84 15.90 53.99
CA LEU C 235 20.64 14.79 53.44
C LEU C 235 20.75 14.96 51.93
N PHE C 236 19.64 15.38 51.29
CA PHE C 236 19.50 15.66 49.85
C PHE C 236 20.33 16.87 49.43
N LYS C 237 20.47 17.87 50.32
CA LYS C 237 21.25 19.08 50.07
C LYS C 237 22.75 18.81 50.12
N LYS C 238 23.19 17.95 51.07
CA LYS C 238 24.60 17.57 51.26
C LYS C 238 25.17 16.82 50.06
N ILE C 239 24.39 15.89 49.48
CA ILE C 239 24.79 15.11 48.30
C ILE C 239 24.82 16.01 47.06
N ARG C 240 23.79 16.86 46.88
CA ARG C 240 23.67 17.83 45.78
C ARG C 240 24.85 18.81 45.75
N GLY C 241 25.37 19.13 46.95
CA GLY C 241 26.53 19.99 47.13
C GLY C 241 27.84 19.23 46.96
N GLY C 242 27.85 17.98 47.42
CA GLY C 242 29.00 17.08 47.32
C GLY C 242 30.16 17.42 48.24
N VAL C 243 29.87 17.75 49.50
CA VAL C 243 30.89 18.06 50.50
C VAL C 243 30.92 16.93 51.54
N PHE C 244 31.99 16.14 51.52
CA PHE C 244 32.18 15.01 52.42
C PHE C 244 33.53 15.10 53.14
N TYR C 245 33.58 14.64 54.41
CA TYR C 245 34.78 14.67 55.23
C TYR C 245 35.81 13.62 54.80
N ILE C 246 37.03 14.07 54.50
CA ILE C 246 38.13 13.17 54.14
C ILE C 246 39.05 13.11 55.38
N PRO C 247 39.02 12.00 56.16
CA PRO C 247 39.84 11.94 57.39
C PRO C 247 41.36 11.92 57.15
N GLU C 248 42.13 12.31 58.18
CA GLU C 248 43.59 12.38 58.13
C GLU C 248 44.27 11.02 58.03
N TYR C 249 43.67 9.95 58.60
CA TYR C 249 44.24 8.60 58.55
C TYR C 249 44.21 8.01 57.14
N LEU C 250 43.25 8.49 56.31
CA LEU C 250 43.04 8.08 54.94
C LEU C 250 44.20 8.54 54.06
N ASN C 251 44.74 7.61 53.25
CA ASN C 251 45.85 7.85 52.31
C ASN C 251 45.44 8.90 51.27
N ARG C 252 46.32 9.91 51.04
CA ARG C 252 46.10 11.03 50.14
C ARG C 252 45.82 10.63 48.67
N SER C 253 46.28 9.44 48.26
CA SER C 253 46.06 8.91 46.91
C SER C 253 44.60 8.48 46.73
N VAL C 254 44.00 7.80 47.74
CA VAL C 254 42.59 7.37 47.72
C VAL C 254 41.66 8.57 47.69
N ALA C 255 42.02 9.63 48.45
CA ALA C 255 41.28 10.88 48.55
C ALA C 255 40.95 11.45 47.18
N THR C 256 41.95 11.49 46.25
CA THR C 256 41.77 11.97 44.88
C THR C 256 40.82 11.09 44.07
N LEU C 257 40.91 9.75 44.26
CA LEU C 257 40.04 8.77 43.60
C LEU C 257 38.60 8.92 44.08
N LEU C 258 38.40 9.09 45.41
CA LEU C 258 37.10 9.31 46.03
C LEU C 258 36.48 10.63 45.56
N MET C 259 37.29 11.70 45.49
CA MET C 259 36.87 13.03 45.04
C MET C 259 36.43 13.04 43.58
N HIS C 260 37.05 12.20 42.74
CA HIS C 260 36.74 12.07 41.30
C HIS C 260 35.51 11.17 41.07
N MET C 261 35.32 10.15 41.92
CA MET C 261 34.17 9.23 41.87
C MET C 261 32.92 9.91 42.46
N LEU C 262 33.11 10.77 43.45
CA LEU C 262 32.02 11.49 44.11
C LEU C 262 31.92 12.94 43.63
N GLN C 263 32.25 13.17 42.35
CA GLN C 263 32.17 14.46 41.68
C GLN C 263 30.71 14.72 41.32
N VAL C 264 30.16 15.89 41.70
CA VAL C 264 28.76 16.27 41.49
C VAL C 264 28.38 16.29 39.98
N ASP C 265 29.17 16.97 39.13
CA ASP C 265 28.93 17.05 37.69
C ASP C 265 29.14 15.67 37.04
N PRO C 266 28.08 15.05 36.45
CA PRO C 266 28.24 13.71 35.85
C PRO C 266 29.30 13.62 34.75
N LEU C 267 29.54 14.74 34.02
CA LEU C 267 30.53 14.80 32.94
C LEU C 267 31.96 14.88 33.50
N LYS C 268 32.13 15.48 34.70
CA LYS C 268 33.41 15.59 35.39
C LYS C 268 33.72 14.35 36.26
N ARG C 269 32.70 13.52 36.55
CA ARG C 269 32.80 12.31 37.36
C ARG C 269 33.68 11.26 36.68
N ALA C 270 34.44 10.50 37.48
CA ALA C 270 35.34 9.44 37.03
C ALA C 270 34.61 8.33 36.28
N THR C 271 35.32 7.67 35.35
CA THR C 271 34.83 6.54 34.57
C THR C 271 35.60 5.30 35.03
N ILE C 272 35.21 4.10 34.57
CA ILE C 272 35.93 2.86 34.92
C ILE C 272 37.39 2.96 34.39
N LYS C 273 37.58 3.58 33.20
CA LYS C 273 38.90 3.82 32.59
C LYS C 273 39.74 4.73 33.49
N ASP C 274 39.14 5.80 34.04
CA ASP C 274 39.79 6.73 34.96
C ASP C 274 40.24 6.03 36.25
N ILE C 275 39.36 5.18 36.83
CA ILE C 275 39.63 4.42 38.04
C ILE C 275 40.75 3.39 37.80
N ARG C 276 40.68 2.63 36.67
CA ARG C 276 41.68 1.64 36.27
C ARG C 276 43.09 2.24 36.08
N GLU C 277 43.16 3.52 35.65
CA GLU C 277 44.38 4.28 35.43
C GLU C 277 44.98 4.86 36.71
N HIS C 278 44.18 4.97 37.79
CA HIS C 278 44.59 5.53 39.09
C HIS C 278 45.64 4.65 39.79
N GLU C 279 46.68 5.29 40.34
CA GLU C 279 47.81 4.65 41.02
C GLU C 279 47.41 3.81 42.24
N TRP C 280 46.37 4.24 42.99
CA TRP C 280 45.89 3.50 44.17
C TRP C 280 45.17 2.22 43.77
N PHE C 281 44.36 2.28 42.71
CA PHE C 281 43.59 1.14 42.21
C PHE C 281 44.49 0.09 41.53
N LYS C 282 45.59 0.54 40.89
CA LYS C 282 46.56 -0.32 40.20
C LYS C 282 47.31 -1.26 41.14
N GLN C 283 47.53 -0.84 42.41
CA GLN C 283 48.25 -1.58 43.45
C GLN C 283 47.63 -2.94 43.73
N GLY C 284 48.44 -4.01 43.60
CA GLY C 284 48.06 -5.42 43.81
C GLY C 284 46.84 -5.88 43.00
N LEU C 285 46.58 -5.23 41.85
CA LEU C 285 45.45 -5.56 41.00
C LEU C 285 45.71 -6.85 40.20
N PRO C 286 44.88 -7.91 40.38
CA PRO C 286 45.07 -9.13 39.58
C PRO C 286 44.81 -8.85 38.11
N SER C 287 45.71 -9.32 37.23
CA SER C 287 45.69 -9.06 35.78
C SER C 287 44.56 -9.78 34.98
N TYR C 288 43.63 -10.49 35.65
CA TYR C 288 42.54 -11.21 34.99
C TYR C 288 41.13 -10.59 35.19
N LEU C 289 41.03 -9.53 36.01
CA LEU C 289 39.75 -8.89 36.34
C LEU C 289 39.15 -8.04 35.21
N PHE C 290 39.96 -7.24 34.53
CA PHE C 290 39.48 -6.34 33.49
C PHE C 290 39.96 -6.68 32.08
N PRO C 291 39.15 -6.42 31.01
CA PRO C 291 39.61 -6.73 29.65
C PRO C 291 40.83 -5.93 29.21
N GLU C 292 41.64 -6.50 28.29
CA GLU C 292 42.88 -5.94 27.73
C GLU C 292 44.08 -6.01 28.70
N ASP C 293 43.87 -6.54 29.93
CA ASP C 293 44.92 -6.73 30.93
C ASP C 293 45.72 -8.03 30.62
N PRO C 294 46.98 -8.19 31.12
CA PRO C 294 47.79 -9.36 30.73
C PRO C 294 47.22 -10.78 30.90
N SER C 295 46.51 -11.09 32.01
CA SER C 295 45.96 -12.44 32.25
C SER C 295 44.55 -12.68 31.69
N TYR C 296 43.80 -11.60 31.38
CA TYR C 296 42.42 -11.65 30.90
C TYR C 296 42.17 -12.59 29.70
N ASP C 297 42.85 -12.36 28.55
CA ASP C 297 42.64 -13.13 27.31
C ASP C 297 42.87 -14.64 27.44
N ALA C 298 43.81 -15.06 28.32
CA ALA C 298 44.15 -16.47 28.52
C ALA C 298 43.27 -17.21 29.54
N ASN C 299 42.55 -16.47 30.40
CA ASN C 299 41.74 -17.09 31.45
C ASN C 299 40.24 -16.75 31.41
N VAL C 300 39.87 -15.64 30.75
CA VAL C 300 38.48 -15.21 30.65
C VAL C 300 37.96 -15.43 29.23
N ILE C 301 36.82 -16.12 29.11
CA ILE C 301 36.19 -16.45 27.83
C ILE C 301 35.34 -15.28 27.30
N ASP C 302 35.52 -14.97 26.00
CA ASP C 302 34.79 -13.92 25.30
C ASP C 302 33.60 -14.55 24.58
N ASP C 303 32.37 -14.17 25.01
CA ASP C 303 31.10 -14.69 24.47
C ASP C 303 30.90 -14.37 22.99
N GLU C 304 31.30 -13.16 22.55
CA GLU C 304 31.21 -12.67 21.16
C GLU C 304 32.10 -13.51 20.24
N ALA C 305 33.31 -13.89 20.73
CA ALA C 305 34.27 -14.70 20.00
C ALA C 305 33.80 -16.15 19.88
N VAL C 306 33.05 -16.63 20.89
CA VAL C 306 32.46 -17.97 20.94
C VAL C 306 31.35 -18.08 19.87
N LYS C 307 30.42 -17.09 19.83
CA LYS C 307 29.33 -17.00 18.87
C LYS C 307 29.83 -16.88 17.43
N GLU C 308 31.04 -16.30 17.24
CA GLU C 308 31.70 -16.12 15.94
C GLU C 308 32.15 -17.47 15.37
N VAL C 309 32.64 -18.38 16.24
CA VAL C 309 33.09 -19.74 15.87
C VAL C 309 31.86 -20.59 15.52
N CYS C 310 30.75 -20.41 16.27
CA CYS C 310 29.48 -21.10 16.09
C CYS C 310 28.83 -20.79 14.72
N GLU C 311 29.10 -19.60 14.16
CA GLU C 311 28.59 -19.17 12.87
C GLU C 311 29.38 -19.81 11.72
N LYS C 312 30.73 -19.82 11.84
CA LYS C 312 31.64 -20.36 10.82
C LYS C 312 31.71 -21.89 10.79
N PHE C 313 31.68 -22.55 11.96
CA PHE C 313 31.79 -24.00 12.06
C PHE C 313 30.45 -24.74 12.23
N GLU C 314 29.35 -24.01 12.53
CA GLU C 314 28.00 -24.55 12.75
C GLU C 314 27.99 -25.58 13.90
N CYS C 315 28.65 -25.21 15.01
CA CYS C 315 28.82 -26.03 16.22
C CYS C 315 28.14 -25.41 17.44
N THR C 316 27.94 -26.22 18.50
CA THR C 316 27.31 -25.78 19.75
C THR C 316 28.26 -24.98 20.64
N GLU C 317 27.69 -24.14 21.54
CA GLU C 317 28.38 -23.27 22.50
C GLU C 317 29.22 -24.10 23.49
N SER C 318 28.69 -25.25 23.94
CA SER C 318 29.38 -26.15 24.88
C SER C 318 30.51 -26.95 24.22
N GLU C 319 30.45 -27.12 22.89
CA GLU C 319 31.44 -27.86 22.10
C GLU C 319 32.76 -27.10 21.95
N VAL C 320 32.69 -25.79 21.63
CA VAL C 320 33.85 -24.91 21.45
C VAL C 320 34.59 -24.70 22.79
N MET C 321 33.83 -24.61 23.90
CA MET C 321 34.40 -24.45 25.25
C MET C 321 35.10 -25.74 25.71
N ASN C 322 34.57 -26.91 25.27
CA ASN C 322 35.14 -28.24 25.54
C ASN C 322 36.47 -28.40 24.79
N SER C 323 36.57 -27.78 23.60
CA SER C 323 37.76 -27.77 22.74
C SER C 323 38.89 -26.94 23.37
N LEU C 324 38.53 -25.96 24.23
CA LEU C 324 39.46 -25.08 24.94
C LEU C 324 39.87 -25.67 26.29
N TYR C 325 38.87 -26.07 27.12
CA TYR C 325 39.07 -26.64 28.45
C TYR C 325 39.87 -27.95 28.48
N SER C 326 39.78 -28.76 27.40
CA SER C 326 40.48 -30.03 27.29
C SER C 326 41.23 -30.17 25.97
N GLY C 327 42.42 -30.75 26.04
CA GLY C 327 43.26 -31.02 24.88
C GLY C 327 44.14 -29.88 24.42
N ASP C 328 45.19 -30.23 23.65
CA ASP C 328 46.18 -29.32 23.06
C ASP C 328 45.55 -28.46 21.94
N PRO C 329 46.09 -27.26 21.63
CA PRO C 329 45.47 -26.44 20.56
C PRO C 329 45.80 -26.93 19.14
N GLN C 330 45.17 -28.05 18.77
CA GLN C 330 45.28 -28.69 17.45
C GLN C 330 43.89 -28.75 16.81
N ASP C 331 42.84 -28.71 17.67
CA ASP C 331 41.44 -28.74 17.27
C ASP C 331 41.06 -27.46 16.53
N GLN C 332 40.34 -27.60 15.41
CA GLN C 332 39.88 -26.50 14.54
C GLN C 332 39.08 -25.43 15.28
N LEU C 333 38.26 -25.83 16.27
CA LEU C 333 37.42 -24.93 17.07
C LEU C 333 38.24 -24.04 18.01
N ALA C 334 39.24 -24.63 18.72
CA ALA C 334 40.11 -23.93 19.67
C ALA C 334 41.07 -22.93 19.00
N VAL C 335 41.65 -23.32 17.83
CA VAL C 335 42.58 -22.45 17.09
C VAL C 335 41.85 -21.26 16.47
N ALA C 336 40.57 -21.44 16.10
CA ALA C 336 39.72 -20.40 15.54
C ALA C 336 39.37 -19.36 16.60
N TYR C 337 39.12 -19.80 17.86
CA TYR C 337 38.82 -18.93 18.99
C TYR C 337 39.99 -18.00 19.31
N HIS C 338 41.19 -18.57 19.54
CA HIS C 338 42.42 -17.85 19.87
C HIS C 338 42.85 -16.89 18.77
N LEU C 339 42.59 -17.22 17.49
CA LEU C 339 42.91 -16.36 16.35
C LEU C 339 42.08 -15.07 16.41
N ILE C 340 40.77 -15.17 16.75
CA ILE C 340 39.88 -14.01 16.89
C ILE C 340 40.43 -13.09 17.99
N ILE C 341 40.81 -13.68 19.14
CA ILE C 341 41.36 -13.00 20.32
C ILE C 341 42.71 -12.34 19.99
N ASP C 342 43.59 -13.04 19.24
CA ASP C 342 44.91 -12.55 18.81
C ASP C 342 44.77 -11.37 17.85
N ASN C 343 43.81 -11.44 16.90
CA ASN C 343 43.51 -10.39 15.93
C ASN C 343 42.93 -9.19 16.64
N ARG C 344 42.11 -9.43 17.69
CA ARG C 344 41.47 -8.41 18.51
C ARG C 344 42.55 -7.59 19.23
N ARG C 345 43.62 -8.26 19.72
CA ARG C 345 44.74 -7.62 20.41
C ARG C 345 45.50 -6.66 19.47
N ILE C 346 45.81 -7.12 18.23
CA ILE C 346 46.50 -6.34 17.20
C ILE C 346 45.75 -5.03 16.92
N MET C 347 44.42 -5.13 16.71
CA MET C 347 43.53 -4.00 16.43
C MET C 347 43.41 -3.06 17.64
N ASN C 348 43.29 -3.62 18.87
CA ASN C 348 43.20 -2.86 20.13
C ASN C 348 44.48 -2.09 20.43
N GLN C 349 45.64 -2.68 20.11
CA GLN C 349 46.96 -2.05 20.33
C GLN C 349 47.29 -0.97 19.30
N ALA C 350 46.41 -0.78 18.31
CA ALA C 350 46.51 0.25 17.27
C ALA C 350 45.32 1.22 17.46
N SER C 351 45.22 1.81 18.67
CA SER C 351 44.16 2.74 19.08
C SER C 351 44.12 4.02 18.23
N GLU C 352 45.30 4.53 17.82
CA GLU C 352 45.48 5.72 16.97
C GLU C 352 45.02 5.51 15.50
N PHE C 353 44.70 4.26 15.13
CA PHE C 353 44.23 3.85 13.80
C PHE C 353 42.70 3.70 13.78
N TYR C 354 42.08 3.43 14.95
CA TYR C 354 40.63 3.26 15.09
C TYR C 354 39.91 4.43 15.77
N LEU C 355 40.59 5.15 16.67
CA LEU C 355 40.03 6.31 17.38
C LEU C 355 40.98 7.50 17.32
N ALA C 356 40.42 8.71 17.37
CA ALA C 356 41.22 9.93 17.37
C ALA C 356 41.75 10.23 18.77
N SER C 357 42.87 10.91 18.87
CA SER C 357 43.39 11.28 20.17
C SER C 357 42.76 12.58 20.66
N SER C 358 43.46 13.25 21.55
CA SER C 358 43.03 14.55 22.05
C SER C 358 44.20 15.50 21.95
N PRO C 359 43.92 16.79 21.87
CA PRO C 359 44.99 17.79 21.78
C PRO C 359 45.43 18.26 23.16
N MET C 370 57.95 27.14 32.84
CA MET C 370 58.51 27.21 31.50
C MET C 370 58.24 25.92 30.78
N HIS C 371 57.84 26.04 29.51
CA HIS C 371 57.48 24.87 28.73
C HIS C 371 58.14 24.89 27.37
N ILE C 372 58.36 23.70 26.82
CA ILE C 372 58.92 23.54 25.50
C ILE C 372 57.84 22.99 24.57
N PRO C 373 57.57 23.62 23.44
CA PRO C 373 56.42 23.19 22.63
C PRO C 373 56.61 21.76 22.14
N PRO C 374 55.58 20.93 22.11
CA PRO C 374 55.75 19.54 21.68
C PRO C 374 56.11 19.38 20.21
N GLY C 375 56.96 18.39 19.92
CA GLY C 375 57.36 18.10 18.55
C GLY C 375 56.51 17.05 17.86
N LEU C 376 55.17 17.12 18.05
CA LEU C 376 54.21 16.21 17.42
C LEU C 376 54.01 16.64 15.97
N LYS C 377 54.35 15.73 15.03
CA LYS C 377 54.25 16.00 13.60
C LYS C 377 52.81 15.86 13.08
N PRO C 378 52.32 16.81 12.24
CA PRO C 378 50.95 16.69 11.73
C PRO C 378 50.78 15.59 10.67
N HIS C 379 49.53 15.16 10.43
CA HIS C 379 49.18 14.15 9.45
C HIS C 379 49.25 14.79 8.05
N PRO C 380 49.79 14.08 7.01
CA PRO C 380 49.87 14.69 5.66
C PRO C 380 48.54 15.18 5.07
N GLU C 381 47.42 14.52 5.43
CA GLU C 381 46.08 14.84 4.94
C GLU C 381 45.35 15.93 5.75
N ARG C 382 46.00 16.53 6.80
CA ARG C 382 45.37 17.59 7.61
C ARG C 382 45.12 18.83 6.77
N MET C 383 43.85 19.25 6.71
CA MET C 383 43.42 20.40 5.92
C MET C 383 43.83 21.74 6.53
N PRO C 384 44.37 22.67 5.70
CA PRO C 384 44.71 24.00 6.22
C PRO C 384 43.43 24.80 6.52
N PRO C 385 43.46 25.88 7.32
CA PRO C 385 42.20 26.61 7.61
C PRO C 385 41.67 27.37 6.39
N LEU C 386 40.33 27.46 6.27
CA LEU C 386 39.67 28.18 5.19
C LEU C 386 39.75 29.67 5.51
N ILE C 387 40.30 30.46 4.56
CA ILE C 387 40.46 31.91 4.73
C ILE C 387 39.25 32.64 4.14
N ALA C 388 38.77 33.69 4.83
CA ALA C 388 37.63 34.51 4.38
C ALA C 388 38.11 35.62 3.43
N ASP C 389 37.38 35.84 2.33
CA ASP C 389 37.68 36.88 1.33
C ASP C 389 36.42 37.49 0.73
N ALA C 409 40.78 34.78 7.71
CA ALA C 409 40.44 33.42 8.14
C ALA C 409 38.97 33.28 8.56
N VAL C 410 38.30 32.23 8.08
CA VAL C 410 36.89 31.93 8.39
C VAL C 410 36.80 31.45 9.84
N LYS C 411 35.91 32.07 10.64
CA LYS C 411 35.66 31.71 12.03
C LYS C 411 34.99 30.34 12.09
N LYS C 412 35.56 29.42 12.91
CA LYS C 412 35.05 28.06 13.08
C LYS C 412 33.65 28.08 13.70
N ALA C 413 32.63 27.73 12.89
CA ALA C 413 31.23 27.71 13.32
C ALA C 413 30.97 26.50 14.21
N LYS C 414 30.29 26.73 15.35
CA LYS C 414 29.98 25.69 16.33
C LYS C 414 28.65 25.01 16.10
N TRP C 415 28.64 23.68 16.21
CA TRP C 415 27.48 22.81 16.06
C TRP C 415 26.62 22.84 17.34
N HIS C 416 25.33 22.53 17.21
CA HIS C 416 24.40 22.53 18.33
C HIS C 416 23.32 21.46 18.17
N LEU C 417 22.73 21.00 19.29
CA LEU C 417 21.67 20.00 19.25
C LEU C 417 20.35 20.68 18.83
N GLY C 418 19.61 20.01 17.94
CA GLY C 418 18.31 20.44 17.41
C GLY C 418 18.12 21.93 17.16
N ILE C 419 16.95 22.46 17.58
CA ILE C 419 16.60 23.88 17.42
C ILE C 419 16.06 24.46 18.73
N ARG C 420 16.55 25.66 19.12
CA ARG C 420 16.16 26.36 20.34
C ARG C 420 15.05 27.39 20.12
N SER C 421 14.18 27.57 21.13
CA SER C 421 13.07 28.54 21.11
C SER C 421 12.90 29.22 22.46
N GLN C 422 12.74 30.56 22.45
CA GLN C 422 12.58 31.40 23.63
C GLN C 422 11.10 31.53 24.06
N SER C 423 10.16 31.14 23.16
CA SER C 423 8.71 31.19 23.40
C SER C 423 8.20 30.16 24.42
N LYS C 424 6.92 30.25 24.81
CA LYS C 424 6.27 29.35 25.78
C LYS C 424 6.20 27.90 25.27
N PRO C 425 6.33 26.86 26.16
CA PRO C 425 6.29 25.46 25.69
C PRO C 425 5.01 25.03 24.96
N TYR C 426 3.85 25.55 25.40
CA TYR C 426 2.53 25.30 24.82
C TYR C 426 2.49 25.78 23.36
N ASP C 427 3.08 26.98 23.12
CA ASP C 427 3.16 27.61 21.79
C ASP C 427 4.14 26.88 20.86
N ILE C 428 5.26 26.37 21.40
CA ILE C 428 6.27 25.61 20.62
C ILE C 428 5.62 24.35 20.06
N MET C 429 5.01 23.54 20.94
CA MET C 429 4.33 22.29 20.58
C MET C 429 3.22 22.52 19.56
N ALA C 430 2.40 23.58 19.75
CA ALA C 430 1.32 23.97 18.86
C ALA C 430 1.85 24.25 17.44
N GLU C 431 3.00 24.96 17.34
CA GLU C 431 3.67 25.28 16.08
C GLU C 431 4.23 24.02 15.40
N VAL C 432 4.64 23.01 16.20
CA VAL C 432 5.15 21.71 15.71
C VAL C 432 3.98 20.92 15.09
N TYR C 433 2.82 20.88 15.79
CA TYR C 433 1.60 20.19 15.33
C TYR C 433 1.09 20.71 13.99
N ARG C 434 1.14 22.04 13.78
CA ARG C 434 0.69 22.68 12.53
C ARG C 434 1.65 22.43 11.37
N ALA C 435 2.97 22.37 11.66
CA ALA C 435 4.03 22.14 10.69
C ALA C 435 3.97 20.73 10.09
N MET C 436 3.69 19.73 10.93
CA MET C 436 3.59 18.32 10.55
C MET C 436 2.44 18.04 9.58
N LYS C 437 1.28 18.73 9.78
CA LYS C 437 0.09 18.61 8.95
C LYS C 437 0.34 19.09 7.51
N GLN C 438 1.15 20.16 7.34
CA GLN C 438 1.50 20.74 6.05
C GLN C 438 2.42 19.80 5.25
N LEU C 439 3.28 19.05 5.97
CA LEU C 439 4.24 18.10 5.40
C LEU C 439 3.67 16.68 5.28
N ASP C 440 2.37 16.51 5.60
CA ASP C 440 1.61 15.25 5.57
C ASP C 440 2.27 14.17 6.45
N PHE C 441 2.52 14.53 7.73
CA PHE C 441 3.14 13.64 8.72
C PHE C 441 2.06 13.02 9.61
N GLU C 442 2.15 11.71 9.85
CA GLU C 442 1.25 10.96 10.73
C GLU C 442 2.06 10.70 12.01
N TRP C 443 1.47 10.99 13.19
CA TRP C 443 2.20 10.89 14.46
C TRP C 443 1.37 10.39 15.65
N LYS C 444 2.07 9.78 16.62
CA LYS C 444 1.53 9.24 17.88
C LYS C 444 1.97 10.13 19.04
N VAL C 445 1.11 10.26 20.07
CA VAL C 445 1.41 11.08 21.25
C VAL C 445 1.83 10.17 22.40
N VAL C 446 3.08 10.35 22.88
CA VAL C 446 3.61 9.59 24.03
C VAL C 446 3.22 10.37 25.30
N ASN C 447 3.50 11.68 25.28
CA ASN C 447 3.16 12.68 26.32
C ASN C 447 3.12 14.07 25.67
N ALA C 448 2.84 15.11 26.48
CA ALA C 448 2.74 16.50 26.00
C ALA C 448 4.01 17.04 25.31
N TYR C 449 5.18 16.49 25.64
CA TYR C 449 6.45 16.92 25.07
C TYR C 449 7.17 15.84 24.23
N HIS C 450 6.68 14.58 24.26
CA HIS C 450 7.27 13.49 23.49
C HIS C 450 6.31 12.95 22.42
N LEU C 451 6.75 13.00 21.15
CA LEU C 451 6.01 12.55 19.98
C LEU C 451 6.82 11.56 19.14
N ARG C 452 6.11 10.64 18.44
CA ARG C 452 6.68 9.67 17.52
C ARG C 452 6.04 9.92 16.17
N VAL C 453 6.82 10.51 15.23
CA VAL C 453 6.36 10.92 13.90
C VAL C 453 6.79 9.94 12.80
N ARG C 454 5.97 9.82 11.73
CA ARG C 454 6.26 8.97 10.57
C ARG C 454 5.75 9.57 9.25
N ARG C 455 6.42 9.23 8.14
CA ARG C 455 6.09 9.67 6.77
C ARG C 455 6.55 8.62 5.75
N LYS C 456 5.65 8.20 4.84
CA LYS C 456 5.96 7.22 3.79
C LYS C 456 6.73 7.91 2.66
N ASN C 457 7.93 7.39 2.35
CA ASN C 457 8.81 7.91 1.29
C ASN C 457 8.22 7.57 -0.10
N PRO C 458 8.08 8.55 -1.01
CA PRO C 458 7.48 8.26 -2.33
C PRO C 458 8.34 7.43 -3.29
N VAL C 459 9.68 7.46 -3.14
CA VAL C 459 10.59 6.74 -4.03
C VAL C 459 10.84 5.30 -3.57
N THR C 460 11.33 5.10 -2.33
CA THR C 460 11.64 3.76 -1.82
C THR C 460 10.37 2.99 -1.38
N GLY C 461 9.29 3.72 -1.09
CA GLY C 461 8.02 3.14 -0.66
C GLY C 461 8.04 2.61 0.75
N ASN C 462 8.85 3.20 1.63
CA ASN C 462 8.98 2.80 3.04
C ASN C 462 8.73 3.97 4.00
N TYR C 463 8.20 3.65 5.20
CA TYR C 463 7.92 4.65 6.23
C TYR C 463 9.19 5.10 6.93
N VAL C 464 9.30 6.41 7.20
CA VAL C 464 10.44 7.05 7.86
C VAL C 464 9.97 7.52 9.24
N LYS C 465 10.51 6.90 10.31
CA LYS C 465 10.13 7.21 11.69
C LYS C 465 11.17 8.04 12.45
N MET C 466 10.70 8.94 13.34
CA MET C 466 11.53 9.80 14.20
C MET C 466 10.81 10.21 15.50
N SER C 467 11.59 10.45 16.57
CA SER C 467 11.10 10.86 17.88
C SER C 467 11.41 12.34 18.18
N LEU C 468 10.39 13.09 18.64
CA LEU C 468 10.49 14.51 19.00
C LEU C 468 10.34 14.68 20.51
N GLN C 469 11.25 15.44 21.13
CA GLN C 469 11.24 15.70 22.57
C GLN C 469 11.69 17.12 22.88
N LEU C 470 10.85 17.88 23.61
CA LEU C 470 11.17 19.24 24.02
C LEU C 470 11.79 19.22 25.41
N TYR C 471 12.87 19.97 25.57
CA TYR C 471 13.64 19.99 26.80
C TYR C 471 13.76 21.42 27.26
N LEU C 472 14.03 21.61 28.54
CA LEU C 472 14.22 22.95 29.07
C LEU C 472 15.69 23.20 29.29
N VAL C 473 16.19 24.30 28.75
CA VAL C 473 17.59 24.66 28.93
C VAL C 473 17.69 25.97 29.70
N ASP C 474 18.46 25.98 30.77
CA ASP C 474 18.68 27.20 31.52
C ASP C 474 17.31 27.76 31.90
N ASN C 475 17.10 29.05 31.70
CA ASN C 475 15.81 29.66 31.98
C ASN C 475 15.22 30.38 30.78
N ARG C 476 13.98 30.06 30.47
CA ARG C 476 13.27 30.73 29.40
C ARG C 476 13.80 30.26 28.05
N SER C 477 14.58 29.20 28.07
CA SER C 477 15.13 28.63 26.85
C SER C 477 14.67 27.20 26.69
N TYR C 478 14.15 26.87 25.51
CA TYR C 478 13.65 25.54 25.26
C TYR C 478 14.26 24.92 24.01
N LEU C 479 14.55 23.64 24.06
CA LEU C 479 15.22 22.96 22.95
C LEU C 479 14.41 21.78 22.42
N LEU C 480 14.28 21.70 21.09
CA LEU C 480 13.55 20.61 20.45
C LEU C 480 14.55 19.60 19.89
N ASP C 481 14.56 18.40 20.48
CA ASP C 481 15.44 17.29 20.13
C ASP C 481 14.79 16.39 19.08
N PHE C 482 15.59 16.00 18.08
CA PHE C 482 15.20 15.10 16.99
C PHE C 482 16.05 13.83 17.12
N LYS C 483 15.38 12.66 17.12
CA LYS C 483 16.06 11.35 17.26
C LYS C 483 15.51 10.35 16.25
N SER C 484 16.41 9.58 15.58
CA SER C 484 16.00 8.57 14.59
C SER C 484 15.53 7.27 15.23
N ILE C 485 14.56 6.59 14.58
CA ILE C 485 14.01 5.30 15.03
C ILE C 485 14.47 4.21 14.05
N ASP C 486 15.16 3.17 14.59
CA ASP C 486 15.69 2.04 13.82
C ASP C 486 14.56 1.15 13.27
N ASP C 487 14.84 0.39 12.19
CA ASP C 487 13.88 -0.50 11.55
C ASP C 487 13.54 -1.72 12.42
N PRO C 543 17.87 -5.93 -0.54
CA PRO C 543 18.43 -4.70 0.05
C PRO C 543 17.50 -3.48 -0.05
N ARG C 544 17.79 -2.43 0.74
CA ARG C 544 17.03 -1.19 0.77
C ARG C 544 17.47 -0.26 -0.38
N LEU C 545 16.49 0.41 -1.04
CA LEU C 545 16.74 1.32 -2.15
C LEU C 545 17.30 2.68 -1.70
N GLY C 546 16.76 3.22 -0.60
CA GLY C 546 17.17 4.50 -0.05
C GLY C 546 18.35 4.41 0.88
N SER C 547 18.29 5.16 1.99
CA SER C 547 19.30 5.20 3.06
C SER C 547 18.62 5.70 4.33
N HIS C 548 18.74 4.91 5.42
CA HIS C 548 18.13 5.20 6.72
C HIS C 548 18.51 6.57 7.29
N THR C 549 19.82 6.87 7.32
CA THR C 549 20.40 8.13 7.82
C THR C 549 19.97 9.33 6.97
N MET C 550 19.96 9.18 5.64
CA MET C 550 19.56 10.21 4.69
C MET C 550 18.06 10.51 4.82
N ASP C 551 17.24 9.45 5.08
CA ASP C 551 15.79 9.55 5.28
C ASP C 551 15.48 10.37 6.53
N PHE C 552 16.31 10.22 7.58
CA PHE C 552 16.18 10.93 8.85
C PHE C 552 16.48 12.42 8.66
N PHE C 553 17.63 12.75 8.03
CA PHE C 553 18.03 14.12 7.75
C PHE C 553 17.03 14.85 6.87
N GLU C 554 16.51 14.17 5.82
CA GLU C 554 15.52 14.74 4.90
C GLU C 554 14.20 15.06 5.60
N MET C 555 13.72 14.15 6.48
CA MET C 555 12.49 14.34 7.25
C MET C 555 12.69 15.47 8.27
N CYS C 556 13.91 15.56 8.86
CA CYS C 556 14.32 16.61 9.81
C CYS C 556 14.33 17.97 9.10
N ALA C 557 14.92 18.01 7.88
CA ALA C 557 15.04 19.19 7.02
C ALA C 557 13.70 19.81 6.71
N SER C 558 12.68 18.97 6.45
CA SER C 558 11.31 19.36 6.15
C SER C 558 10.67 20.06 7.36
N LEU C 559 10.82 19.47 8.56
CA LEU C 559 10.26 20.01 9.80
C LEU C 559 10.92 21.31 10.26
N ILE C 560 12.25 21.44 10.07
CA ILE C 560 13.02 22.64 10.46
C ILE C 560 12.66 23.84 9.57
N THR C 561 12.71 23.67 8.22
CA THR C 561 12.41 24.72 7.24
C THR C 561 10.96 25.23 7.31
N THR C 562 9.99 24.34 7.68
CA THR C 562 8.57 24.69 7.81
C THR C 562 8.37 25.55 9.08
N LEU C 563 8.96 25.12 10.21
CA LEU C 563 8.89 25.81 11.50
C LEU C 563 9.53 27.20 11.46
N ALA C 564 10.59 27.37 10.64
CA ALA C 564 11.29 28.64 10.45
C ALA C 564 10.43 29.63 9.67
N ARG C 565 9.67 29.13 8.66
CA ARG C 565 8.78 29.92 7.81
C ARG C 565 7.53 30.35 8.57
N GLN D 76 9.43 -34.55 40.47
CA GLN D 76 8.30 -33.66 40.22
C GLN D 76 8.37 -33.10 38.79
N ALA D 77 7.33 -33.38 37.97
CA ALA D 77 7.25 -32.95 36.57
C ALA D 77 6.43 -31.67 36.36
N ARG D 78 5.31 -31.52 37.10
CA ARG D 78 4.43 -30.35 36.99
C ARG D 78 4.12 -29.73 38.38
N PRO D 79 5.09 -29.00 38.99
CA PRO D 79 4.84 -28.42 40.32
C PRO D 79 3.81 -27.29 40.34
N THR D 80 2.83 -27.37 41.27
CA THR D 80 1.75 -26.39 41.44
C THR D 80 1.71 -25.92 42.89
N VAL D 81 1.85 -24.60 43.10
CA VAL D 81 1.85 -23.96 44.41
C VAL D 81 0.43 -23.64 44.89
N PHE D 82 0.12 -24.02 46.15
CA PHE D 82 -1.14 -23.72 46.83
C PHE D 82 -0.77 -22.93 48.09
N ARG D 83 -0.82 -21.60 48.00
CA ARG D 83 -0.45 -20.70 49.09
C ARG D 83 -1.67 -20.03 49.72
N TRP D 84 -1.75 -20.09 51.06
CA TRP D 84 -2.82 -19.45 51.82
C TRP D 84 -2.21 -18.26 52.56
N THR D 85 -2.70 -17.05 52.24
CA THR D 85 -2.22 -15.78 52.83
C THR D 85 -3.26 -15.13 53.76
N GLY D 86 -4.40 -15.79 53.94
CA GLY D 86 -5.50 -15.30 54.77
C GLY D 86 -5.44 -15.58 56.26
N GLY D 87 -4.28 -16.03 56.75
CA GLY D 87 -4.04 -16.33 58.16
C GLY D 87 -4.82 -17.49 58.75
N GLY D 88 -4.59 -17.76 60.03
CA GLY D 88 -5.23 -18.84 60.78
C GLY D 88 -4.27 -19.66 61.62
N LYS D 89 -4.83 -20.58 62.43
CA LYS D 89 -4.03 -21.46 63.29
C LYS D 89 -3.70 -22.78 62.59
N GLU D 90 -4.68 -23.32 61.83
CA GLU D 90 -4.53 -24.56 61.08
C GLU D 90 -5.26 -24.50 59.74
N VAL D 91 -4.52 -24.72 58.64
CA VAL D 91 -5.04 -24.67 57.27
C VAL D 91 -4.81 -26.01 56.54
N TYR D 92 -5.87 -26.52 55.89
CA TYR D 92 -5.86 -27.75 55.10
C TYR D 92 -6.23 -27.47 53.65
N LEU D 93 -5.69 -28.26 52.72
CA LEU D 93 -6.02 -28.14 51.30
C LEU D 93 -6.79 -29.39 50.84
N SER D 94 -7.98 -29.17 50.27
CA SER D 94 -8.85 -30.21 49.72
C SER D 94 -9.10 -29.89 48.26
N GLY D 95 -9.22 -30.93 47.43
CA GLY D 95 -9.45 -30.77 46.00
C GLY D 95 -9.79 -32.05 45.28
N SER D 96 -10.16 -31.92 43.99
CA SER D 96 -10.50 -33.03 43.11
C SER D 96 -9.29 -33.97 42.87
N PHE D 97 -8.07 -33.43 42.99
CA PHE D 97 -6.81 -34.13 42.85
C PHE D 97 -6.53 -35.11 43.99
N ASN D 98 -7.03 -34.82 45.22
CA ASN D 98 -6.84 -35.67 46.41
C ASN D 98 -8.14 -36.29 46.95
N ASN D 99 -9.21 -36.29 46.11
CA ASN D 99 -10.55 -36.82 46.43
C ASN D 99 -11.21 -36.11 47.64
N TRP D 100 -10.94 -34.78 47.76
CA TRP D 100 -11.47 -33.85 48.76
C TRP D 100 -11.10 -34.22 50.22
N SER D 101 -9.94 -34.87 50.41
CA SER D 101 -9.42 -35.19 51.72
C SER D 101 -8.58 -33.99 52.20
N LYS D 102 -8.38 -33.85 53.52
CA LYS D 102 -7.65 -32.73 54.11
C LYS D 102 -6.14 -32.93 54.12
N LEU D 103 -5.41 -32.13 53.32
CA LEU D 103 -3.96 -32.15 53.25
C LEU D 103 -3.42 -31.01 54.13
N PRO D 104 -2.75 -31.32 55.27
CA PRO D 104 -2.24 -30.24 56.15
C PRO D 104 -1.14 -29.42 55.51
N LEU D 105 -1.26 -28.08 55.60
CA LEU D 105 -0.29 -27.15 55.02
C LEU D 105 0.74 -26.71 56.05
N THR D 106 2.00 -26.70 55.62
CA THR D 106 3.10 -26.18 56.42
C THR D 106 3.05 -24.67 56.44
N ARG D 107 3.37 -24.08 57.59
CA ARG D 107 3.33 -22.64 57.70
C ARG D 107 4.72 -22.08 57.88
N HIS D 109 5.95 -18.01 58.06
CA HIS D 109 5.59 -17.02 59.07
C HIS D 109 4.14 -16.60 58.97
N ASN D 110 3.69 -16.31 57.76
CA ASN D 110 2.28 -16.00 57.53
C ASN D 110 1.66 -16.84 56.43
N ASN D 111 2.48 -17.65 55.77
CA ASN D 111 2.08 -18.36 54.56
C ASN D 111 1.95 -19.85 54.77
N PHE D 112 0.86 -20.43 54.25
CA PHE D 112 0.63 -21.87 54.38
C PHE D 112 0.78 -22.42 52.96
N VAL D 113 1.74 -23.33 52.74
CA VAL D 113 2.01 -23.83 51.38
C VAL D 113 2.04 -25.33 51.23
N ALA D 114 1.84 -25.76 49.98
CA ALA D 114 1.93 -27.12 49.46
C ALA D 114 2.27 -27.03 47.98
N ILE D 115 3.34 -27.72 47.57
CA ILE D 115 3.73 -27.79 46.16
C ILE D 115 3.43 -29.22 45.71
N LEU D 116 2.37 -29.37 44.89
CA LEU D 116 1.92 -30.67 44.39
C LEU D 116 2.16 -30.85 42.89
N ASP D 117 2.50 -32.09 42.50
CA ASP D 117 2.72 -32.48 41.10
C ASP D 117 1.34 -32.80 40.54
N LEU D 118 0.82 -31.89 39.70
CA LEU D 118 -0.52 -32.03 39.12
C LEU D 118 -0.51 -32.21 37.61
N PRO D 119 -1.39 -33.06 37.02
CA PRO D 119 -1.42 -33.18 35.56
C PRO D 119 -2.00 -31.92 34.91
N GLU D 120 -1.82 -31.77 33.58
CA GLU D 120 -2.34 -30.63 32.85
C GLU D 120 -3.87 -30.68 32.79
N GLY D 121 -4.50 -29.52 32.88
CA GLY D 121 -5.94 -29.38 32.82
C GLY D 121 -6.58 -28.65 33.97
N GLU D 122 -7.92 -28.76 34.07
CA GLU D 122 -8.75 -28.14 35.08
C GLU D 122 -8.70 -28.89 36.40
N HIS D 123 -8.57 -28.15 37.51
CA HIS D 123 -8.51 -28.69 38.87
C HIS D 123 -9.30 -27.81 39.82
N GLN D 124 -10.18 -28.40 40.63
CA GLN D 124 -10.99 -27.68 41.61
C GLN D 124 -10.48 -27.95 43.03
N TYR D 125 -10.43 -26.90 43.87
CA TYR D 125 -9.93 -26.99 45.24
C TYR D 125 -10.57 -26.00 46.22
N LYS D 126 -10.45 -26.29 47.53
CA LYS D 126 -10.95 -25.48 48.64
C LYS D 126 -9.91 -25.47 49.77
N PHE D 127 -10.13 -24.62 50.76
CA PHE D 127 -9.29 -24.52 51.95
C PHE D 127 -10.15 -24.75 53.18
N PHE D 128 -9.59 -25.41 54.20
CA PHE D 128 -10.28 -25.67 55.45
C PHE D 128 -9.48 -24.99 56.55
N VAL D 129 -9.86 -23.75 56.86
CA VAL D 129 -9.18 -22.91 57.85
C VAL D 129 -9.97 -22.94 59.15
N ASP D 130 -9.30 -23.39 60.23
CA ASP D 130 -9.80 -23.48 61.62
C ASP D 130 -11.26 -24.00 61.72
N GLY D 131 -11.50 -25.14 61.10
CA GLY D 131 -12.80 -25.81 61.10
C GLY D 131 -13.84 -25.30 60.13
N GLN D 132 -13.47 -24.33 59.25
CA GLN D 132 -14.39 -23.75 58.28
C GLN D 132 -13.89 -23.82 56.84
N TRP D 133 -14.80 -24.09 55.89
CA TRP D 133 -14.52 -24.12 54.47
C TRP D 133 -14.41 -22.70 53.93
N THR D 134 -13.27 -22.38 53.32
CA THR D 134 -12.98 -21.06 52.73
C THR D 134 -12.33 -21.19 51.35
N HIS D 135 -12.31 -20.08 50.60
CA HIS D 135 -11.69 -20.02 49.27
C HIS D 135 -10.84 -18.76 49.14
N ASP D 136 -9.82 -18.79 48.26
CA ASP D 136 -8.96 -17.65 47.97
C ASP D 136 -9.75 -16.70 47.05
N PRO D 137 -10.08 -15.46 47.51
CA PRO D 137 -10.90 -14.55 46.69
C PRO D 137 -10.20 -13.99 45.46
N SER D 138 -8.85 -14.00 45.45
CA SER D 138 -8.05 -13.52 44.34
C SER D 138 -8.16 -14.46 43.13
N GLU D 139 -8.15 -15.79 43.37
CA GLU D 139 -8.25 -16.83 42.35
C GLU D 139 -9.70 -17.04 41.87
N PRO D 140 -9.94 -17.52 40.62
CA PRO D 140 -11.33 -17.71 40.15
C PRO D 140 -12.11 -18.79 40.90
N ILE D 141 -13.43 -18.60 41.03
CA ILE D 141 -14.32 -19.53 41.74
C ILE D 141 -15.42 -20.12 40.84
N VAL D 142 -15.95 -21.29 41.24
CA VAL D 142 -17.02 -22.04 40.59
C VAL D 142 -18.04 -22.46 41.64
N THR D 143 -19.32 -22.12 41.42
CA THR D 143 -20.42 -22.47 42.31
C THR D 143 -21.13 -23.71 41.76
N SER D 144 -21.09 -24.82 42.52
CA SER D 144 -21.70 -26.10 42.14
C SER D 144 -23.22 -26.05 42.23
N GLN D 145 -23.89 -27.10 41.70
CA GLN D 145 -25.35 -27.24 41.70
C GLN D 145 -25.95 -27.20 43.11
N LEU D 146 -25.23 -27.77 44.10
CA LEU D 146 -25.68 -27.83 45.49
C LEU D 146 -25.20 -26.65 46.36
N GLY D 147 -24.60 -25.64 45.71
CA GLY D 147 -24.17 -24.41 46.37
C GLY D 147 -22.73 -24.27 46.82
N THR D 148 -21.92 -25.36 46.77
CA THR D 148 -20.50 -25.29 47.20
C THR D 148 -19.68 -24.38 46.28
N VAL D 149 -18.78 -23.59 46.88
CA VAL D 149 -17.90 -22.67 46.16
C VAL D 149 -16.46 -23.19 46.19
N ASN D 150 -15.99 -23.64 45.02
CA ASN D 150 -14.65 -24.18 44.84
C ASN D 150 -13.81 -23.20 44.04
N ASN D 151 -12.50 -23.13 44.35
CA ASN D 151 -11.56 -22.34 43.58
C ASN D 151 -11.25 -23.16 42.34
N ILE D 152 -10.83 -22.49 41.25
CA ILE D 152 -10.52 -23.19 40.01
C ILE D 152 -9.18 -22.70 39.44
N ILE D 153 -8.34 -23.65 39.03
CA ILE D 153 -7.04 -23.37 38.42
C ILE D 153 -6.85 -24.20 37.17
N GLN D 154 -6.21 -23.60 36.15
CA GLN D 154 -5.92 -24.25 34.90
C GLN D 154 -4.41 -24.50 34.84
N VAL D 155 -4.02 -25.79 34.85
CA VAL D 155 -2.62 -26.20 34.76
C VAL D 155 -2.33 -26.35 33.27
N LYS D 156 -1.64 -25.35 32.69
CA LYS D 156 -1.32 -25.29 31.26
C LYS D 156 0.13 -25.72 31.00
N LYS D 157 0.45 -26.13 29.76
CA LYS D 157 1.80 -26.54 29.37
C LYS D 157 2.78 -25.35 29.40
N THR D 158 2.28 -24.14 29.06
CA THR D 158 3.05 -22.89 29.04
C THR D 158 3.53 -22.46 30.42
N ASP D 159 2.91 -22.99 31.49
CA ASP D 159 3.24 -22.68 32.88
C ASP D 159 4.55 -23.30 33.38
N PHE D 160 5.15 -24.24 32.61
CA PHE D 160 6.34 -24.93 33.09
C PHE D 160 7.63 -24.60 32.31
N GLU D 161 7.61 -23.46 31.60
CA GLU D 161 8.75 -22.88 30.89
C GLU D 161 8.61 -21.36 31.04
N VAL D 162 9.57 -20.73 31.74
CA VAL D 162 9.59 -19.30 32.10
C VAL D 162 9.31 -18.37 30.91
N PHE D 163 9.95 -18.60 29.74
CA PHE D 163 9.77 -17.75 28.56
C PHE D 163 8.38 -17.92 27.93
N ASP D 164 7.83 -19.15 27.94
CA ASP D 164 6.47 -19.44 27.44
C ASP D 164 5.44 -18.82 28.39
N ALA D 165 5.73 -18.88 29.71
CA ALA D 165 4.90 -18.31 30.77
C ALA D 165 4.92 -16.78 30.71
N LEU D 166 6.08 -16.17 30.40
CA LEU D 166 6.21 -14.71 30.26
C LEU D 166 5.52 -14.23 29.00
N MET D 167 5.46 -15.07 27.95
CA MET D 167 4.81 -14.78 26.67
C MET D 167 3.28 -14.76 26.85
N VAL D 168 2.72 -15.73 27.60
CA VAL D 168 1.28 -15.83 27.86
C VAL D 168 0.83 -14.74 28.87
N ASP D 169 1.74 -14.30 29.75
CA ASP D 169 1.48 -13.23 30.73
C ASP D 169 1.48 -11.88 30.00
N SER D 170 2.29 -11.77 28.93
CA SER D 170 2.40 -10.59 28.08
C SER D 170 1.10 -10.39 27.29
N GLN D 171 0.46 -11.50 26.88
CA GLN D 171 -0.82 -11.53 26.18
C GLN D 171 -1.94 -11.09 27.13
N LYS D 172 -1.80 -11.45 28.43
CA LYS D 172 -2.72 -11.10 29.51
C LYS D 172 -2.60 -9.61 29.91
N CYS D 173 -1.53 -8.93 29.46
CA CYS D 173 -1.27 -7.51 29.73
C CYS D 173 -1.73 -6.63 28.56
N SER D 174 -1.63 -7.14 27.31
CA SER D 174 -2.01 -6.45 26.08
C SER D 174 -3.53 -6.28 25.94
N ASP D 175 -4.31 -7.34 26.25
CA ASP D 175 -5.77 -7.34 26.18
C ASP D 175 -6.40 -6.46 27.27
N VAL D 176 -5.71 -6.34 28.44
CA VAL D 176 -6.14 -5.51 29.57
C VAL D 176 -5.94 -4.03 29.25
N SER D 177 -4.78 -3.69 28.64
CA SER D 177 -4.40 -2.33 28.23
C SER D 177 -5.38 -1.71 27.21
N GLU D 178 -5.89 -2.53 26.26
CA GLU D 178 -6.82 -2.06 25.25
C GLU D 178 -8.27 -1.96 25.76
N LEU D 179 -8.70 -2.92 26.61
CA LEU D 179 -10.06 -2.94 27.18
C LEU D 179 -10.24 -1.87 28.25
N PRO D 186 -2.51 3.60 16.88
CA PRO D 186 -2.49 4.02 15.48
C PRO D 186 -2.03 5.47 15.30
N TYR D 187 -1.31 5.74 14.19
CA TYR D 187 -0.80 7.07 13.85
C TYR D 187 -1.92 8.00 13.41
N HIS D 188 -2.00 9.19 14.02
CA HIS D 188 -3.04 10.19 13.75
C HIS D 188 -2.46 11.58 13.45
N GLN D 189 -3.34 12.59 13.33
CA GLN D 189 -2.98 13.99 13.05
C GLN D 189 -3.66 14.96 14.02
N GLU D 190 -4.29 14.43 15.10
CA GLU D 190 -4.99 15.22 16.12
C GLU D 190 -4.04 15.71 17.23
N PRO D 191 -3.87 17.05 17.40
CA PRO D 191 -2.95 17.53 18.46
C PRO D 191 -3.44 17.31 19.88
N TYR D 192 -2.50 17.04 20.82
CA TYR D 192 -2.78 16.79 22.23
C TYR D 192 -3.30 18.04 22.95
N VAL D 193 -4.33 17.86 23.79
CA VAL D 193 -4.96 18.91 24.60
C VAL D 193 -4.75 18.56 26.09
N CYS D 194 -4.35 19.57 26.89
CA CYS D 194 -4.09 19.44 28.33
C CYS D 194 -5.38 19.19 29.11
N ARG D 201 2.03 20.11 32.75
CA ARG D 201 3.40 19.78 33.17
C ARG D 201 4.45 20.66 32.48
N ALA D 202 5.66 20.74 33.08
CA ALA D 202 6.80 21.50 32.57
C ALA D 202 7.74 20.56 31.78
N PRO D 203 8.46 21.05 30.73
CA PRO D 203 9.37 20.17 29.97
C PRO D 203 10.52 19.57 30.79
N PRO D 204 11.01 18.34 30.46
CA PRO D 204 12.13 17.77 31.24
C PRO D 204 13.42 18.56 31.02
N ILE D 205 14.28 18.64 32.03
CA ILE D 205 15.56 19.35 31.93
C ILE D 205 16.52 18.59 31.00
N LEU D 206 17.18 19.34 30.08
CA LEU D 206 18.11 18.80 29.09
C LEU D 206 19.36 18.13 29.74
N PRO D 207 19.62 16.84 29.41
CA PRO D 207 20.82 16.18 29.98
C PRO D 207 22.13 16.78 29.47
N PRO D 208 23.16 16.97 30.34
CA PRO D 208 24.41 17.60 29.88
C PRO D 208 25.23 16.80 28.86
N HIS D 209 24.92 15.49 28.74
CA HIS D 209 25.55 14.54 27.82
C HIS D 209 25.31 14.94 26.37
N LEU D 210 24.10 15.45 26.06
CA LEU D 210 23.70 15.90 24.72
C LEU D 210 24.43 17.18 24.29
N LEU D 211 25.01 17.93 25.24
CA LEU D 211 25.76 19.16 24.93
C LEU D 211 27.25 18.87 24.67
N GLN D 212 27.63 17.57 24.65
CA GLN D 212 28.98 17.12 24.33
C GLN D 212 29.02 16.86 22.84
N VAL D 213 29.18 17.95 22.06
CA VAL D 213 29.19 17.91 20.59
C VAL D 213 30.51 17.34 20.10
N ILE D 214 30.44 16.22 19.37
CA ILE D 214 31.60 15.50 18.83
C ILE D 214 32.34 16.29 17.73
N LEU D 215 31.61 17.13 16.95
CA LEU D 215 32.18 17.92 15.85
C LEU D 215 32.79 19.26 16.29
N ASN D 216 32.58 19.66 17.56
CA ASN D 216 33.14 20.90 18.10
C ASN D 216 34.48 20.68 18.82
N LYS D 217 34.87 19.40 19.03
CA LYS D 217 36.13 19.01 19.67
C LYS D 217 37.22 18.77 18.62
N ASP D 218 38.45 19.23 18.92
CA ASP D 218 39.63 19.08 18.05
C ASP D 218 40.27 17.71 18.30
N THR D 219 40.69 17.04 17.23
CA THR D 219 41.23 15.67 17.27
C THR D 219 42.75 15.56 17.49
N GLY D 220 43.51 16.61 17.18
CA GLY D 220 44.96 16.56 17.34
C GLY D 220 45.63 16.16 16.04
N ILE D 221 46.39 17.12 15.49
CA ILE D 221 47.11 17.12 14.21
C ILE D 221 47.77 15.79 13.78
N SER D 222 48.28 14.98 14.72
CA SER D 222 49.00 13.73 14.41
C SER D 222 48.15 12.62 13.75
N CYS D 223 46.82 12.60 13.96
CA CYS D 223 45.97 11.55 13.42
C CYS D 223 45.17 11.94 12.17
N ASP D 224 44.62 10.92 11.47
CA ASP D 224 43.78 11.02 10.26
C ASP D 224 42.59 11.98 10.52
N PRO D 225 42.32 12.95 9.61
CA PRO D 225 41.24 13.91 9.87
C PRO D 225 39.82 13.33 9.96
N ALA D 226 39.60 12.13 9.40
CA ALA D 226 38.30 11.47 9.43
C ALA D 226 38.00 10.87 10.80
N LEU D 227 39.04 10.44 11.55
CA LEU D 227 38.92 9.85 12.88
C LEU D 227 38.30 10.78 13.89
N LEU D 228 37.44 10.22 14.75
CA LEU D 228 36.74 10.92 15.83
C LEU D 228 36.90 10.13 17.16
N PRO D 229 36.66 10.75 18.34
CA PRO D 229 36.76 9.97 19.59
C PRO D 229 35.51 9.12 19.82
N GLU D 230 35.54 8.18 20.77
CA GLU D 230 34.41 7.30 21.06
C GLU D 230 33.18 8.03 21.61
N PRO D 231 32.01 7.94 20.93
CA PRO D 231 30.82 8.64 21.42
C PRO D 231 30.11 7.89 22.55
N ASN D 232 29.36 8.64 23.38
CA ASN D 232 28.54 8.06 24.44
C ASN D 232 27.29 7.50 23.74
N HIS D 233 26.77 6.34 24.19
CA HIS D 233 25.60 5.71 23.58
C HIS D 233 24.36 6.61 23.58
N VAL D 234 24.23 7.47 24.60
CA VAL D 234 23.09 8.38 24.78
C VAL D 234 23.01 9.47 23.71
N MET D 235 24.15 9.91 23.15
CA MET D 235 24.20 10.95 22.12
C MET D 235 23.90 10.41 20.70
N LEU D 236 23.92 9.07 20.52
CA LEU D 236 23.66 8.41 19.23
C LEU D 236 22.23 8.67 18.75
N ASN D 237 22.05 8.76 17.42
CA ASN D 237 20.77 8.95 16.71
C ASN D 237 20.17 10.37 16.87
N HIS D 238 20.80 11.26 17.68
CA HIS D 238 20.34 12.64 17.90
C HIS D 238 20.83 13.58 16.81
N LEU D 239 20.00 14.57 16.46
CA LEU D 239 20.31 15.54 15.41
C LEU D 239 21.07 16.77 15.92
N TYR D 240 22.16 17.09 15.23
CA TYR D 240 23.02 18.24 15.48
C TYR D 240 23.11 19.04 14.19
N ALA D 241 23.17 20.39 14.30
CA ALA D 241 23.20 21.26 13.13
C ALA D 241 24.03 22.54 13.34
N LEU D 242 24.34 23.23 12.22
CA LEU D 242 25.02 24.52 12.21
C LEU D 242 23.97 25.56 11.84
N SER D 243 24.21 26.84 12.20
CA SER D 243 23.29 27.93 11.84
C SER D 243 23.37 28.12 10.33
N ILE D 244 22.19 28.26 9.67
CA ILE D 244 22.06 28.44 8.21
C ILE D 244 22.88 29.63 7.71
N LYS D 245 23.87 29.36 6.85
CA LYS D 245 24.77 30.33 6.24
C LYS D 245 24.84 30.08 4.74
N ASP D 246 24.65 31.14 3.92
CA ASP D 246 24.65 31.14 2.45
C ASP D 246 23.52 30.28 1.84
N GLY D 247 22.42 30.16 2.57
CA GLY D 247 21.23 29.41 2.16
C GLY D 247 21.34 27.89 2.26
N VAL D 248 22.48 27.38 2.75
CA VAL D 248 22.69 25.94 2.88
C VAL D 248 22.52 25.48 4.34
N MET D 249 21.65 24.48 4.53
CA MET D 249 21.37 23.90 5.84
C MET D 249 22.13 22.60 5.96
N VAL D 250 22.91 22.47 7.06
CA VAL D 250 23.74 21.28 7.27
C VAL D 250 23.30 20.54 8.54
N LEU D 251 23.09 19.22 8.41
CA LEU D 251 22.64 18.37 9.52
C LEU D 251 23.61 17.23 9.75
N SER D 252 23.71 16.74 11.01
CA SER D 252 24.58 15.63 11.39
C SER D 252 24.01 14.80 12.54
N ALA D 253 24.46 13.53 12.62
CA ALA D 253 24.08 12.56 13.64
C ALA D 253 25.09 11.42 13.66
N THR D 254 25.33 10.86 14.85
CA THR D 254 26.23 9.73 15.03
C THR D 254 25.39 8.45 15.12
N HIS D 255 25.67 7.50 14.24
CA HIS D 255 24.91 6.27 14.18
C HIS D 255 25.85 5.10 14.36
N ARG D 256 25.33 3.98 14.84
CA ARG D 256 26.14 2.82 15.10
C ARG D 256 25.87 1.74 14.10
N TYR D 257 26.93 1.19 13.53
CA TYR D 257 26.82 -0.03 12.77
C TYR D 257 27.61 -1.07 13.54
N LYS D 258 26.94 -2.11 14.03
CA LYS D 258 27.64 -3.12 14.79
C LYS D 258 28.35 -2.46 15.96
N LYS D 259 29.67 -2.65 16.05
CA LYS D 259 30.47 -2.07 17.12
C LYS D 259 31.11 -0.73 16.77
N LYS D 260 30.78 -0.18 15.61
CA LYS D 260 31.43 1.03 15.12
C LYS D 260 30.47 2.18 14.90
N TYR D 261 31.01 3.40 14.95
CA TYR D 261 30.22 4.62 14.88
C TYR D 261 30.57 5.53 13.71
N VAL D 262 29.55 6.01 13.02
CA VAL D 262 29.70 6.91 11.88
C VAL D 262 28.95 8.21 12.15
N THR D 263 29.67 9.35 12.06
CA THR D 263 29.11 10.70 12.18
C THR D 263 28.98 11.23 10.76
N THR D 264 27.77 11.11 10.19
CA THR D 264 27.47 11.57 8.84
C THR D 264 27.00 13.02 8.87
N LEU D 265 27.44 13.81 7.91
CA LEU D 265 27.02 15.21 7.77
C LEU D 265 26.35 15.33 6.42
N LEU D 266 25.27 16.08 6.32
CA LEU D 266 24.58 16.28 5.05
C LEU D 266 24.48 17.76 4.71
N TYR D 267 24.93 18.12 3.51
CA TYR D 267 24.88 19.49 3.00
C TYR D 267 23.75 19.57 1.99
N LYS D 268 22.61 20.13 2.44
CA LYS D 268 21.40 20.30 1.63
C LYS D 268 21.14 21.80 1.38
N PRO D 269 20.95 22.24 0.11
CA PRO D 269 20.68 23.67 -0.13
C PRO D 269 19.22 24.03 0.10
N ASN E 31 -55.91 6.27 -48.53
CA ASN E 31 -55.32 5.19 -49.32
C ASN E 31 -53.79 5.23 -49.28
N SER E 32 -53.14 4.03 -49.35
CA SER E 32 -51.69 3.79 -49.32
C SER E 32 -51.00 4.36 -48.06
N VAL E 33 -51.77 4.50 -46.96
CA VAL E 33 -51.33 5.02 -45.65
C VAL E 33 -50.34 4.05 -45.00
N TYR E 34 -50.67 2.74 -45.00
CA TYR E 34 -49.85 1.69 -44.41
C TYR E 34 -48.54 1.49 -45.16
N THR E 35 -48.52 1.73 -46.48
CA THR E 35 -47.34 1.62 -47.35
C THR E 35 -46.31 2.69 -46.96
N SER E 36 -46.79 3.93 -46.69
CA SER E 36 -45.98 5.07 -46.27
C SER E 36 -45.42 4.87 -44.86
N PHE E 37 -46.20 4.20 -43.99
CA PHE E 37 -45.85 3.86 -42.61
C PHE E 37 -44.67 2.88 -42.61
N MET E 38 -44.72 1.84 -43.47
CA MET E 38 -43.69 0.81 -43.62
C MET E 38 -42.36 1.39 -44.07
N LYS E 39 -42.41 2.38 -44.98
CA LYS E 39 -41.24 3.04 -45.53
C LYS E 39 -40.53 3.91 -44.49
N SER E 40 -41.31 4.55 -43.59
CA SER E 40 -40.78 5.44 -42.54
C SER E 40 -40.16 4.68 -41.36
N HIS E 41 -40.75 3.54 -40.96
CA HIS E 41 -40.27 2.74 -39.84
C HIS E 41 -39.19 1.75 -40.24
N ARG E 42 -38.08 1.74 -39.49
CA ARG E 42 -36.95 0.82 -39.70
C ARG E 42 -37.27 -0.52 -39.02
N CYS E 43 -36.50 -1.58 -39.35
CA CYS E 43 -36.68 -2.92 -38.76
C CYS E 43 -36.37 -2.92 -37.26
N TYR E 44 -35.41 -2.08 -36.83
CA TYR E 44 -34.99 -1.91 -35.44
C TYR E 44 -36.19 -1.73 -34.49
N ASP E 45 -37.18 -0.90 -34.91
CA ASP E 45 -38.40 -0.59 -34.15
C ASP E 45 -39.26 -1.82 -33.79
N LEU E 46 -39.09 -2.94 -34.53
CA LEU E 46 -39.82 -4.20 -34.33
C LEU E 46 -39.10 -5.15 -33.38
N ILE E 47 -37.76 -5.08 -33.32
CA ILE E 47 -36.93 -5.94 -32.47
C ILE E 47 -37.33 -5.74 -30.99
N PRO E 48 -37.53 -6.82 -30.19
CA PRO E 48 -37.91 -6.63 -28.79
C PRO E 48 -36.76 -6.05 -27.98
N THR E 49 -37.07 -5.48 -26.80
CA THR E 49 -36.07 -4.91 -25.90
C THR E 49 -35.12 -6.03 -25.44
N SER E 50 -35.65 -7.23 -25.15
CA SER E 50 -34.85 -8.39 -24.75
C SER E 50 -35.44 -9.67 -25.35
N SER E 51 -34.62 -10.40 -26.13
CA SER E 51 -35.01 -11.65 -26.78
C SER E 51 -33.85 -12.64 -26.94
N LYS E 52 -34.17 -13.96 -27.10
CA LYS E 52 -33.15 -14.99 -27.29
C LYS E 52 -33.04 -15.46 -28.75
N LEU E 53 -31.83 -15.79 -29.19
CA LEU E 53 -31.57 -16.26 -30.55
C LEU E 53 -30.72 -17.53 -30.53
N VAL E 54 -31.26 -18.63 -31.06
CA VAL E 54 -30.55 -19.91 -31.08
C VAL E 54 -29.85 -20.08 -32.43
N VAL E 55 -28.52 -20.27 -32.40
CA VAL E 55 -27.66 -20.43 -33.57
C VAL E 55 -27.07 -21.85 -33.57
N PHE E 56 -27.01 -22.50 -34.74
CA PHE E 56 -26.42 -23.83 -34.88
C PHE E 56 -25.23 -23.79 -35.81
N ASP E 57 -24.17 -24.53 -35.46
CA ASP E 57 -22.99 -24.70 -36.30
C ASP E 57 -23.42 -25.73 -37.34
N THR E 58 -23.10 -25.52 -38.62
CA THR E 58 -23.51 -26.40 -39.73
C THR E 58 -22.99 -27.85 -39.59
N SER E 59 -21.98 -28.08 -38.74
CA SER E 59 -21.41 -29.41 -38.48
C SER E 59 -22.18 -30.20 -37.39
N LEU E 60 -23.22 -29.57 -36.80
CA LEU E 60 -24.05 -30.17 -35.75
C LEU E 60 -25.03 -31.18 -36.36
N GLN E 61 -25.23 -32.32 -35.68
CA GLN E 61 -26.18 -33.36 -36.09
C GLN E 61 -27.59 -32.76 -36.09
N VAL E 62 -28.34 -32.99 -37.19
CA VAL E 62 -29.67 -32.44 -37.44
C VAL E 62 -30.68 -32.82 -36.33
N LYS E 63 -30.58 -34.05 -35.75
CA LYS E 63 -31.45 -34.55 -34.68
C LYS E 63 -31.30 -33.69 -33.40
N LYS E 64 -30.05 -33.39 -33.01
CA LYS E 64 -29.73 -32.57 -31.84
C LYS E 64 -30.25 -31.15 -32.02
N ALA E 65 -30.19 -30.65 -33.27
CA ALA E 65 -30.65 -29.31 -33.67
C ALA E 65 -32.17 -29.16 -33.51
N PHE E 66 -32.96 -30.17 -33.92
CA PHE E 66 -34.41 -30.13 -33.78
C PHE E 66 -34.84 -30.25 -32.31
N PHE E 67 -34.06 -31.01 -31.50
CA PHE E 67 -34.32 -31.16 -30.06
C PHE E 67 -34.01 -29.88 -29.33
N ALA E 68 -32.99 -29.14 -29.83
CA ALA E 68 -32.57 -27.84 -29.28
C ALA E 68 -33.63 -26.77 -29.53
N LEU E 69 -34.36 -26.87 -30.66
CA LEU E 69 -35.44 -25.95 -31.01
C LEU E 69 -36.58 -26.11 -29.99
N VAL E 70 -36.80 -27.35 -29.52
CA VAL E 70 -37.82 -27.72 -28.54
C VAL E 70 -37.44 -27.24 -27.13
N THR E 71 -36.22 -27.56 -26.67
CA THR E 71 -35.72 -27.18 -25.33
C THR E 71 -35.61 -25.67 -25.14
N ASN E 72 -35.35 -24.92 -26.22
CA ASN E 72 -35.24 -23.45 -26.19
C ASN E 72 -36.54 -22.74 -26.60
N GLY E 73 -37.54 -23.53 -26.99
CA GLY E 73 -38.86 -23.06 -27.38
C GLY E 73 -38.90 -22.17 -28.59
N VAL E 74 -38.03 -22.43 -29.58
CA VAL E 74 -37.97 -21.64 -30.83
C VAL E 74 -38.30 -22.51 -32.06
N ARG E 75 -38.79 -21.89 -33.14
CA ARG E 75 -39.17 -22.57 -34.38
C ARG E 75 -38.05 -22.61 -35.40
N ALA E 76 -37.32 -21.50 -35.56
CA ALA E 76 -36.23 -21.34 -36.51
C ALA E 76 -34.92 -20.94 -35.85
N ALA E 77 -33.81 -21.18 -36.55
CA ALA E 77 -32.48 -20.87 -36.06
C ALA E 77 -31.52 -20.53 -37.20
N PRO E 78 -30.83 -19.37 -37.14
CA PRO E 78 -29.83 -19.08 -38.21
C PRO E 78 -28.69 -20.09 -38.19
N LEU E 79 -28.10 -20.36 -39.36
CA LEU E 79 -27.01 -21.34 -39.46
C LEU E 79 -25.68 -20.69 -39.68
N TRP E 80 -24.72 -21.01 -38.80
CA TRP E 80 -23.35 -20.49 -38.85
C TRP E 80 -22.38 -21.52 -39.37
N ASP E 81 -21.74 -21.22 -40.52
CA ASP E 81 -20.72 -22.06 -41.12
C ASP E 81 -19.39 -21.51 -40.57
N SER E 82 -18.79 -22.24 -39.62
CA SER E 82 -17.53 -21.84 -38.96
C SER E 82 -16.31 -21.80 -39.89
N LYS E 83 -16.35 -22.59 -41.00
CA LYS E 83 -15.26 -22.62 -41.99
C LYS E 83 -15.30 -21.36 -42.86
N LYS E 84 -16.48 -21.03 -43.38
CA LYS E 84 -16.72 -19.84 -44.22
C LYS E 84 -16.80 -18.57 -43.38
N GLN E 85 -16.99 -18.71 -42.04
CA GLN E 85 -17.15 -17.63 -41.05
C GLN E 85 -18.29 -16.70 -41.46
N SER E 86 -19.43 -17.30 -41.84
CA SER E 86 -20.62 -16.59 -42.32
C SER E 86 -21.92 -17.33 -42.04
N PHE E 87 -23.03 -16.58 -41.93
CA PHE E 87 -24.37 -17.12 -41.76
C PHE E 87 -24.82 -17.56 -43.16
N VAL E 88 -25.12 -18.85 -43.33
CA VAL E 88 -25.42 -19.44 -44.64
C VAL E 88 -26.91 -19.70 -44.88
N GLY E 89 -27.68 -19.86 -43.82
CA GLY E 89 -29.09 -20.13 -43.96
C GLY E 89 -29.84 -20.17 -42.65
N MET E 90 -30.96 -20.93 -42.66
CA MET E 90 -31.88 -21.08 -41.54
C MET E 90 -32.37 -22.52 -41.43
N LEU E 91 -32.48 -23.02 -40.19
CA LEU E 91 -33.05 -24.35 -39.95
C LEU E 91 -34.41 -24.15 -39.31
N THR E 92 -35.47 -24.56 -40.03
CA THR E 92 -36.85 -24.42 -39.58
C THR E 92 -37.48 -25.81 -39.42
N ILE E 93 -38.78 -25.86 -39.06
CA ILE E 93 -39.54 -27.10 -38.91
C ILE E 93 -39.80 -27.72 -40.29
N THR E 94 -39.73 -26.90 -41.37
CA THR E 94 -39.88 -27.33 -42.76
C THR E 94 -38.76 -28.30 -43.11
N ASP E 95 -37.55 -28.06 -42.57
CA ASP E 95 -36.40 -28.95 -42.77
C ASP E 95 -36.69 -30.32 -42.15
N PHE E 96 -37.33 -30.35 -40.95
CA PHE E 96 -37.75 -31.56 -40.23
C PHE E 96 -38.82 -32.33 -41.02
N ILE E 97 -39.84 -31.61 -41.55
CA ILE E 97 -40.92 -32.17 -42.38
C ILE E 97 -40.30 -32.84 -43.62
N ASN E 98 -39.38 -32.12 -44.30
CA ASN E 98 -38.68 -32.60 -45.49
C ASN E 98 -37.82 -33.84 -45.23
N ILE E 99 -37.08 -33.87 -44.09
CA ILE E 99 -36.23 -35.01 -43.70
C ILE E 99 -37.09 -36.26 -43.46
N LEU E 100 -38.18 -36.11 -42.69
CA LEU E 100 -39.11 -37.19 -42.35
C LEU E 100 -39.76 -37.79 -43.60
N HIS E 101 -40.41 -36.96 -44.46
CA HIS E 101 -41.08 -37.44 -45.66
C HIS E 101 -40.12 -38.11 -46.67
N ARG E 102 -38.88 -37.64 -46.74
CA ARG E 102 -37.87 -38.18 -47.66
C ARG E 102 -37.29 -39.50 -47.15
N TYR E 103 -37.00 -39.59 -45.84
CA TYR E 103 -36.29 -40.75 -45.29
C TYR E 103 -37.12 -41.76 -44.47
N TYR E 104 -38.37 -41.45 -44.08
CA TYR E 104 -39.22 -42.40 -43.35
C TYR E 104 -39.53 -43.60 -44.21
N LYS E 105 -39.35 -44.80 -43.65
CA LYS E 105 -39.62 -46.05 -44.34
C LYS E 105 -40.67 -46.87 -43.62
N SER E 106 -40.54 -47.01 -42.28
CA SER E 106 -41.46 -47.80 -41.46
C SER E 106 -41.33 -47.47 -39.99
N ALA E 107 -42.33 -47.87 -39.19
CA ALA E 107 -42.32 -47.73 -37.74
C ALA E 107 -41.40 -48.82 -37.16
N LEU E 108 -41.13 -49.88 -37.95
CA LEU E 108 -40.28 -51.03 -37.61
C LEU E 108 -38.78 -50.76 -37.76
N VAL E 109 -38.40 -49.76 -38.57
CA VAL E 109 -37.01 -49.42 -38.87
C VAL E 109 -36.76 -47.93 -38.58
N GLN E 110 -35.62 -47.59 -37.93
CA GLN E 110 -35.29 -46.20 -37.61
C GLN E 110 -34.85 -45.40 -38.85
N ILE E 111 -35.16 -44.09 -38.85
CA ILE E 111 -34.83 -43.14 -39.92
C ILE E 111 -33.33 -42.77 -39.78
N TYR E 112 -32.44 -43.64 -40.30
CA TYR E 112 -30.97 -43.52 -40.25
C TYR E 112 -30.43 -42.11 -40.50
N GLU E 113 -30.90 -41.46 -41.58
CA GLU E 113 -30.46 -40.12 -41.96
C GLU E 113 -30.75 -39.08 -40.90
N LEU E 114 -31.95 -39.13 -40.27
CA LEU E 114 -32.32 -38.22 -39.18
C LEU E 114 -31.39 -38.41 -37.96
N GLU E 115 -30.97 -39.66 -37.70
CA GLU E 115 -30.10 -40.05 -36.60
C GLU E 115 -28.62 -39.68 -36.79
N GLU E 116 -28.09 -39.80 -38.04
CA GLU E 116 -26.67 -39.58 -38.30
C GLU E 116 -26.29 -38.33 -39.12
N HIS E 117 -27.23 -37.73 -39.90
CA HIS E 117 -26.93 -36.54 -40.72
C HIS E 117 -26.60 -35.28 -39.93
N LYS E 118 -25.58 -34.55 -40.39
CA LYS E 118 -25.18 -33.25 -39.86
C LYS E 118 -25.99 -32.23 -40.67
N ILE E 119 -26.12 -30.99 -40.18
CA ILE E 119 -26.87 -29.94 -40.88
C ILE E 119 -26.34 -29.72 -42.31
N GLU E 120 -25.00 -29.65 -42.45
CA GLU E 120 -24.32 -29.44 -43.74
C GLU E 120 -24.58 -30.54 -44.77
N THR E 121 -24.56 -31.83 -44.35
CA THR E 121 -24.80 -32.98 -45.23
C THR E 121 -26.25 -33.00 -45.73
N TRP E 122 -27.20 -32.63 -44.86
CA TRP E 122 -28.62 -32.55 -45.20
C TRP E 122 -28.86 -31.44 -46.23
N ARG E 123 -28.27 -30.27 -46.03
CA ARG E 123 -28.38 -29.11 -46.92
C ARG E 123 -27.85 -29.40 -48.32
N GLU E 124 -26.77 -30.22 -48.42
CA GLU E 124 -26.16 -30.64 -49.68
C GLU E 124 -27.15 -31.41 -50.57
N VAL E 125 -27.94 -32.33 -49.98
CA VAL E 125 -28.91 -33.15 -50.70
C VAL E 125 -30.22 -32.36 -50.93
N TYR E 126 -30.59 -31.46 -49.99
CA TYR E 126 -31.79 -30.63 -50.04
C TYR E 126 -31.68 -29.54 -51.12
N LEU E 127 -30.58 -28.76 -51.12
CA LEU E 127 -30.30 -27.69 -52.08
C LEU E 127 -29.77 -28.20 -53.43
N GLN E 128 -29.37 -29.50 -53.49
CA GLN E 128 -28.83 -30.21 -54.66
C GLN E 128 -27.64 -29.51 -55.31
N SER E 130 -30.00 -25.77 -56.60
CA SER E 130 -30.54 -24.56 -56.01
C SER E 130 -29.68 -24.06 -54.83
N PHE E 131 -28.55 -23.40 -55.14
CA PHE E 131 -27.62 -22.82 -54.16
C PHE E 131 -28.16 -21.47 -53.68
N LYS E 132 -29.22 -21.52 -52.83
CA LYS E 132 -29.91 -20.34 -52.30
C LYS E 132 -29.04 -19.48 -51.36
N PRO E 133 -28.82 -18.19 -51.70
CA PRO E 133 -28.03 -17.35 -50.79
C PRO E 133 -28.84 -16.94 -49.56
N LEU E 134 -28.15 -16.48 -48.50
CA LEU E 134 -28.79 -16.07 -47.25
C LEU E 134 -29.70 -14.86 -47.48
N VAL E 135 -31.01 -15.05 -47.27
CA VAL E 135 -32.01 -13.98 -47.42
C VAL E 135 -32.10 -13.31 -46.07
N CYS E 136 -31.59 -12.07 -45.96
CA CYS E 136 -31.57 -11.33 -44.70
C CYS E 136 -31.95 -9.86 -44.87
N ILE E 137 -32.11 -9.14 -43.74
CA ILE E 137 -32.46 -7.73 -43.69
C ILE E 137 -31.60 -7.01 -42.65
N SER E 138 -31.24 -5.75 -42.91
CA SER E 138 -30.46 -4.94 -41.99
C SER E 138 -31.42 -4.29 -40.98
N PRO E 139 -31.02 -4.05 -39.71
CA PRO E 139 -31.93 -3.38 -38.76
C PRO E 139 -32.26 -1.93 -39.13
N ASN E 140 -31.48 -1.33 -40.06
CA ASN E 140 -31.67 0.05 -40.53
C ASN E 140 -32.60 0.14 -41.74
N ALA E 141 -32.85 -1.02 -42.40
CA ALA E 141 -33.75 -1.12 -43.55
C ALA E 141 -35.21 -0.98 -43.09
N SER E 142 -36.07 -0.43 -43.95
CA SER E 142 -37.48 -0.19 -43.67
C SER E 142 -38.30 -1.50 -43.57
N LEU E 143 -39.52 -1.43 -43.00
CA LEU E 143 -40.44 -2.57 -42.89
C LEU E 143 -40.99 -2.95 -44.26
N PHE E 144 -41.02 -1.96 -45.19
CA PHE E 144 -41.44 -2.14 -46.57
C PHE E 144 -40.50 -3.13 -47.27
N ASP E 145 -39.18 -2.99 -47.02
CA ASP E 145 -38.15 -3.87 -47.59
C ASP E 145 -38.25 -5.28 -47.01
N ALA E 146 -38.60 -5.40 -45.72
CA ALA E 146 -38.77 -6.68 -45.02
C ALA E 146 -40.00 -7.44 -45.52
N VAL E 147 -41.13 -6.73 -45.70
CA VAL E 147 -42.39 -7.29 -46.20
C VAL E 147 -42.23 -7.72 -47.67
N SER E 148 -41.59 -6.87 -48.49
CA SER E 148 -41.30 -7.16 -49.89
C SER E 148 -40.40 -8.39 -50.02
N SER E 149 -39.44 -8.57 -49.08
CA SER E 149 -38.52 -9.70 -49.05
C SER E 149 -39.25 -10.99 -48.65
N LEU E 150 -40.16 -10.91 -47.66
CA LEU E 150 -40.95 -12.05 -47.19
C LEU E 150 -41.91 -12.58 -48.27
N ILE E 151 -42.44 -11.68 -49.12
CA ILE E 151 -43.38 -12.04 -50.19
C ILE E 151 -42.63 -12.59 -51.41
N ARG E 152 -41.68 -11.83 -51.97
CA ARG E 152 -40.88 -12.21 -53.15
C ARG E 152 -40.28 -13.61 -53.01
N ASN E 153 -39.56 -13.85 -51.89
CA ASN E 153 -38.87 -15.09 -51.60
C ASN E 153 -39.77 -16.20 -51.04
N LYS E 154 -41.07 -15.87 -50.82
CA LYS E 154 -42.10 -16.78 -50.28
C LYS E 154 -41.66 -17.45 -48.97
N ILE E 155 -41.14 -16.62 -48.03
CA ILE E 155 -40.63 -17.06 -46.73
C ILE E 155 -41.48 -16.52 -45.57
N HIS E 156 -41.31 -17.11 -44.36
CA HIS E 156 -42.02 -16.75 -43.15
C HIS E 156 -41.13 -16.13 -42.09
N ARG E 157 -39.85 -16.54 -42.05
CA ARG E 157 -38.85 -16.10 -41.08
C ARG E 157 -37.64 -15.47 -41.78
N LEU E 158 -37.41 -14.17 -41.52
CA LEU E 158 -36.33 -13.38 -42.12
C LEU E 158 -35.34 -12.85 -41.06
N PRO E 159 -34.07 -13.33 -41.05
CA PRO E 159 -33.11 -12.86 -40.03
C PRO E 159 -32.62 -11.42 -40.23
N VAL E 160 -32.64 -10.65 -39.13
CA VAL E 160 -32.19 -9.25 -39.06
C VAL E 160 -30.73 -9.30 -38.61
N ILE E 161 -29.80 -8.97 -39.52
CA ILE E 161 -28.36 -9.03 -39.26
C ILE E 161 -27.73 -7.64 -39.35
N ASP E 162 -27.04 -7.21 -38.27
CA ASP E 162 -26.35 -5.92 -38.24
C ASP E 162 -25.16 -5.95 -39.18
N PRO E 163 -25.11 -5.09 -40.24
CA PRO E 163 -23.96 -5.11 -41.15
C PRO E 163 -22.62 -4.67 -40.53
N GLU E 164 -22.68 -3.88 -39.43
CA GLU E 164 -21.49 -3.38 -38.73
C GLU E 164 -20.78 -4.47 -37.91
N SER E 165 -21.52 -5.20 -37.05
CA SER E 165 -20.98 -6.26 -36.19
C SER E 165 -21.05 -7.66 -36.82
N GLY E 166 -21.97 -7.85 -37.76
CA GLY E 166 -22.19 -9.13 -38.42
C GLY E 166 -23.07 -10.08 -37.62
N ASN E 167 -23.58 -9.60 -36.47
CA ASN E 167 -24.42 -10.36 -35.56
C ASN E 167 -25.86 -10.46 -36.01
N THR E 168 -26.47 -11.64 -35.80
CA THR E 168 -27.90 -11.85 -36.07
C THR E 168 -28.59 -11.38 -34.80
N LEU E 169 -29.53 -10.45 -34.95
CA LEU E 169 -30.22 -9.83 -33.83
C LEU E 169 -31.59 -10.42 -33.55
N TYR E 170 -32.40 -10.62 -34.60
CA TYR E 170 -33.77 -11.09 -34.46
C TYR E 170 -34.26 -11.81 -35.72
N ILE E 171 -35.20 -12.76 -35.54
CA ILE E 171 -35.85 -13.49 -36.64
C ILE E 171 -37.20 -12.81 -36.84
N LEU E 172 -37.31 -12.01 -37.91
CA LEU E 172 -38.53 -11.25 -38.22
C LEU E 172 -39.56 -12.11 -38.94
N THR E 173 -40.83 -12.02 -38.49
CA THR E 173 -41.96 -12.77 -39.07
C THR E 173 -43.12 -11.85 -39.47
N HIS E 174 -44.14 -12.44 -40.17
CA HIS E 174 -45.37 -11.77 -40.59
C HIS E 174 -46.21 -11.37 -39.36
N LYS E 175 -46.21 -12.21 -38.31
CA LYS E 175 -46.93 -12.00 -37.05
C LYS E 175 -46.44 -10.74 -36.36
N ARG E 176 -45.12 -10.65 -36.16
CA ARG E 176 -44.44 -9.51 -35.54
C ARG E 176 -44.74 -8.21 -36.29
N ILE E 177 -44.63 -8.23 -37.64
CA ILE E 177 -44.92 -7.10 -38.52
C ILE E 177 -46.37 -6.64 -38.42
N LEU E 178 -47.34 -7.57 -38.53
CA LEU E 178 -48.77 -7.24 -38.44
C LEU E 178 -49.18 -6.73 -37.05
N LYS E 179 -48.66 -7.34 -35.97
CA LYS E 179 -48.95 -6.91 -34.59
C LYS E 179 -48.44 -5.49 -34.34
N PHE E 180 -47.31 -5.11 -34.98
CA PHE E 180 -46.69 -3.78 -34.87
C PHE E 180 -47.59 -2.72 -35.50
N LEU E 181 -48.20 -3.04 -36.67
CA LEU E 181 -49.14 -2.16 -37.38
C LEU E 181 -50.40 -1.95 -36.56
N LYS E 182 -50.87 -3.01 -35.85
CA LYS E 182 -52.05 -2.98 -34.99
C LYS E 182 -51.94 -1.93 -33.88
N LEU E 183 -50.71 -1.69 -33.39
CA LEU E 183 -50.41 -0.71 -32.34
C LEU E 183 -50.48 0.72 -32.87
N PHE E 184 -50.27 0.91 -34.19
CA PHE E 184 -50.26 2.23 -34.84
C PHE E 184 -51.50 2.53 -35.73
N ILE E 185 -52.57 1.69 -35.65
CA ILE E 185 -53.80 1.87 -36.43
C ILE E 185 -54.50 3.20 -36.06
N THR E 186 -54.52 3.54 -34.76
CA THR E 186 -55.11 4.77 -34.22
C THR E 186 -54.29 6.03 -34.54
N GLU E 187 -53.02 5.86 -34.92
CA GLU E 187 -52.08 6.95 -35.20
C GLU E 187 -52.22 7.59 -36.58
N PHE E 188 -52.93 6.93 -37.51
CA PHE E 188 -53.12 7.39 -38.88
C PHE E 188 -54.57 7.20 -39.32
N PRO E 189 -55.08 7.97 -40.33
CA PRO E 189 -56.48 7.76 -40.77
C PRO E 189 -56.64 6.40 -41.46
N LYS E 190 -57.71 5.67 -41.10
CA LYS E 190 -57.99 4.35 -41.66
C LYS E 190 -58.46 4.44 -43.12
N PRO E 191 -57.78 3.72 -44.05
CA PRO E 191 -58.19 3.80 -45.47
C PRO E 191 -59.52 3.11 -45.76
N GLU E 192 -60.15 3.48 -46.88
CA GLU E 192 -61.44 2.97 -47.36
C GLU E 192 -61.52 1.44 -47.52
N PHE E 193 -60.37 0.78 -47.79
CA PHE E 193 -60.32 -0.67 -47.96
C PHE E 193 -60.48 -1.44 -46.66
N MET E 194 -60.14 -0.83 -45.50
CA MET E 194 -60.26 -1.44 -44.17
C MET E 194 -61.72 -1.69 -43.80
N SER E 195 -62.62 -0.82 -44.26
CA SER E 195 -64.07 -0.89 -44.03
C SER E 195 -64.76 -1.81 -45.04
N LYS E 196 -64.05 -2.17 -46.12
CA LYS E 196 -64.57 -3.05 -47.17
C LYS E 196 -64.54 -4.51 -46.75
N SER E 197 -65.51 -5.29 -47.26
CA SER E 197 -65.67 -6.72 -47.01
C SER E 197 -64.51 -7.53 -47.64
N LEU E 198 -64.25 -8.75 -47.12
CA LEU E 198 -63.21 -9.64 -47.63
C LEU E 198 -63.58 -10.17 -49.02
N GLU E 199 -64.90 -10.36 -49.26
CA GLU E 199 -65.46 -10.82 -50.53
C GLU E 199 -65.25 -9.73 -51.60
N GLU E 200 -65.41 -8.45 -51.22
CA GLU E 200 -65.23 -7.28 -52.10
C GLU E 200 -63.76 -7.11 -52.50
N LEU E 201 -62.83 -7.29 -51.53
CA LEU E 201 -61.39 -7.14 -51.71
C LEU E 201 -60.72 -8.35 -52.37
N GLN E 202 -61.26 -9.57 -52.11
CA GLN E 202 -60.76 -10.85 -52.60
C GLN E 202 -59.28 -11.07 -52.21
N ILE E 203 -59.04 -11.25 -50.90
CA ILE E 203 -57.70 -11.46 -50.32
C ILE E 203 -57.60 -12.87 -49.76
N GLY E 204 -56.72 -13.67 -50.34
CA GLY E 204 -56.49 -15.05 -49.93
C GLY E 204 -56.76 -16.04 -51.04
N THR E 205 -56.59 -17.34 -50.74
CA THR E 205 -56.83 -18.41 -51.70
C THR E 205 -58.22 -19.00 -51.51
N TYR E 206 -58.95 -19.21 -52.62
CA TYR E 206 -60.31 -19.74 -52.60
C TYR E 206 -60.50 -20.91 -53.59
N ALA E 207 -59.37 -21.43 -54.13
CA ALA E 207 -59.31 -22.54 -55.06
C ALA E 207 -58.12 -23.44 -54.73
N ASN E 208 -58.27 -24.75 -54.97
CA ASN E 208 -57.27 -25.81 -54.74
C ASN E 208 -56.74 -25.79 -53.29
N ILE E 209 -57.67 -25.72 -52.31
CA ILE E 209 -57.36 -25.70 -50.89
C ILE E 209 -56.88 -27.09 -50.43
N ALA E 210 -55.61 -27.17 -50.02
CA ALA E 210 -54.97 -28.40 -49.55
C ALA E 210 -55.48 -28.72 -48.15
N MET E 211 -56.17 -29.87 -48.02
CA MET E 211 -56.76 -30.32 -46.76
C MET E 211 -56.33 -31.74 -46.36
N VAL E 212 -56.67 -32.10 -45.12
CA VAL E 212 -56.35 -33.38 -44.49
C VAL E 212 -57.63 -33.96 -43.84
N ARG E 213 -57.81 -35.28 -43.90
CA ARG E 213 -58.96 -35.96 -43.28
C ARG E 213 -58.62 -36.31 -41.83
N THR E 214 -59.64 -36.62 -41.01
CA THR E 214 -59.46 -36.98 -39.60
C THR E 214 -58.54 -38.22 -39.43
N THR E 215 -58.62 -39.17 -40.39
CA THR E 215 -57.86 -40.43 -40.42
C THR E 215 -56.63 -40.41 -41.34
N THR E 216 -56.20 -39.22 -41.82
CA THR E 216 -55.03 -39.09 -42.69
C THR E 216 -53.75 -39.39 -41.91
N PRO E 217 -52.89 -40.34 -42.38
CA PRO E 217 -51.64 -40.60 -41.66
C PRO E 217 -50.71 -39.39 -41.74
N VAL E 218 -49.90 -39.17 -40.67
CA VAL E 218 -48.95 -38.05 -40.54
C VAL E 218 -48.02 -37.94 -41.78
N TYR E 219 -47.50 -39.08 -42.27
CA TYR E 219 -46.63 -39.16 -43.45
C TYR E 219 -47.27 -38.53 -44.69
N VAL E 220 -48.57 -38.80 -44.91
CA VAL E 220 -49.36 -38.27 -46.02
C VAL E 220 -49.49 -36.75 -45.86
N ALA E 221 -49.83 -36.27 -44.64
CA ALA E 221 -49.96 -34.85 -44.31
C ALA E 221 -48.65 -34.10 -44.58
N LEU E 222 -47.49 -34.77 -44.30
CA LEU E 222 -46.15 -34.21 -44.55
C LEU E 222 -45.88 -34.08 -46.05
N GLY E 223 -46.41 -35.02 -46.84
CA GLY E 223 -46.27 -35.02 -48.29
C GLY E 223 -47.02 -33.86 -48.93
N ILE E 224 -48.21 -33.54 -48.39
CA ILE E 224 -49.06 -32.42 -48.83
C ILE E 224 -48.37 -31.08 -48.52
N PHE E 225 -47.58 -31.03 -47.42
CA PHE E 225 -46.82 -29.84 -47.03
C PHE E 225 -45.69 -29.58 -48.05
N VAL E 226 -44.91 -30.64 -48.37
CA VAL E 226 -43.78 -30.63 -49.31
C VAL E 226 -44.24 -30.22 -50.72
N GLN E 227 -45.31 -30.86 -51.23
CA GLN E 227 -45.87 -30.62 -52.57
C GLN E 227 -46.52 -29.26 -52.77
N HIS E 228 -47.37 -28.81 -51.82
CA HIS E 228 -48.12 -27.56 -51.94
C HIS E 228 -47.46 -26.32 -51.31
N ARG E 229 -46.42 -26.52 -50.46
CA ARG E 229 -45.67 -25.43 -49.79
C ARG E 229 -46.59 -24.46 -49.01
N VAL E 230 -47.50 -25.03 -48.21
CA VAL E 230 -48.47 -24.29 -47.37
C VAL E 230 -48.10 -24.51 -45.88
N SER E 231 -48.43 -23.55 -45.00
CA SER E 231 -48.03 -23.65 -43.58
C SER E 231 -49.04 -24.39 -42.67
N ALA E 232 -50.26 -24.68 -43.15
CA ALA E 232 -51.27 -25.42 -42.38
C ALA E 232 -52.31 -26.12 -43.24
N LEU E 233 -52.79 -27.27 -42.75
CA LEU E 233 -53.79 -28.09 -43.41
C LEU E 233 -55.04 -28.27 -42.51
N PRO E 234 -56.22 -27.81 -42.95
CA PRO E 234 -57.42 -28.01 -42.13
C PRO E 234 -57.84 -29.48 -42.07
N VAL E 235 -58.25 -29.95 -40.88
CA VAL E 235 -58.67 -31.33 -40.62
C VAL E 235 -60.19 -31.46 -40.81
N VAL E 236 -60.62 -32.39 -41.68
CA VAL E 236 -62.03 -32.60 -42.04
C VAL E 236 -62.54 -33.99 -41.62
N ASP E 237 -63.71 -34.06 -40.95
CA ASP E 237 -64.32 -35.33 -40.53
C ASP E 237 -65.10 -36.00 -41.68
N GLU E 238 -65.59 -37.24 -41.44
CA GLU E 238 -66.35 -38.04 -42.41
C GLU E 238 -67.61 -37.32 -42.91
N LYS E 239 -68.28 -36.57 -42.02
CA LYS E 239 -69.49 -35.80 -42.32
C LYS E 239 -69.18 -34.55 -43.18
N GLY E 240 -67.95 -34.06 -43.10
CA GLY E 240 -67.50 -32.90 -43.86
C GLY E 240 -67.05 -31.71 -43.02
N ARG E 241 -67.38 -31.71 -41.71
CA ARG E 241 -67.05 -30.63 -40.78
C ARG E 241 -65.55 -30.53 -40.46
N VAL E 242 -65.06 -29.27 -40.28
CA VAL E 242 -63.66 -28.96 -39.96
C VAL E 242 -63.47 -28.98 -38.43
N VAL E 243 -62.95 -30.10 -37.91
CA VAL E 243 -62.76 -30.35 -36.48
C VAL E 243 -61.45 -29.72 -35.96
N ASP E 244 -60.32 -29.96 -36.64
CA ASP E 244 -59.03 -29.43 -36.22
C ASP E 244 -58.25 -28.75 -37.36
N ILE E 245 -56.98 -28.38 -37.09
CA ILE E 245 -56.05 -27.75 -38.02
C ILE E 245 -54.63 -28.26 -37.73
N TYR E 246 -53.96 -28.81 -38.76
CA TYR E 246 -52.60 -29.32 -38.61
C TYR E 246 -51.61 -28.36 -39.26
N SER E 247 -50.90 -27.59 -38.43
CA SER E 247 -49.91 -26.61 -38.87
C SER E 247 -48.51 -27.22 -38.90
N LYS E 248 -47.58 -26.57 -39.64
CA LYS E 248 -46.17 -26.96 -39.73
C LYS E 248 -45.55 -26.97 -38.33
N PHE E 249 -45.99 -26.04 -37.46
CA PHE E 249 -45.54 -25.94 -36.07
C PHE E 249 -45.85 -27.22 -35.28
N ASP E 250 -47.06 -27.80 -35.48
CA ASP E 250 -47.53 -29.00 -34.79
C ASP E 250 -46.64 -30.22 -35.02
N VAL E 251 -45.94 -30.27 -36.17
CA VAL E 251 -45.03 -31.35 -36.56
C VAL E 251 -43.87 -31.51 -35.57
N ILE E 252 -43.40 -30.40 -34.96
CA ILE E 252 -42.29 -30.42 -34.00
C ILE E 252 -42.62 -31.24 -32.73
N ASN E 253 -43.91 -31.49 -32.45
CA ASN E 253 -44.35 -32.30 -31.31
C ASN E 253 -43.87 -33.76 -31.46
N LEU E 254 -43.60 -34.19 -32.72
CA LEU E 254 -43.07 -35.52 -33.05
C LEU E 254 -41.64 -35.66 -32.51
N ALA E 255 -40.91 -34.53 -32.42
CA ALA E 255 -39.56 -34.48 -31.87
C ALA E 255 -39.60 -34.41 -30.32
N ALA E 256 -40.47 -33.54 -29.76
CA ALA E 256 -40.66 -33.35 -28.31
C ALA E 256 -41.12 -34.65 -27.63
N GLU E 257 -42.17 -35.30 -28.18
CA GLU E 257 -42.72 -36.54 -27.66
C GLU E 257 -41.90 -37.77 -28.12
N LYS E 258 -40.97 -37.55 -29.06
CA LYS E 258 -40.09 -38.56 -29.67
C LYS E 258 -40.92 -39.68 -30.35
N THR E 259 -41.93 -39.24 -31.12
CA THR E 259 -42.89 -40.08 -31.84
C THR E 259 -42.73 -39.97 -33.37
N TYR E 260 -41.62 -39.34 -33.82
CA TYR E 260 -41.26 -39.13 -35.23
C TYR E 260 -41.02 -40.44 -36.00
N ASN E 261 -40.71 -41.54 -35.28
CA ASN E 261 -40.42 -42.84 -35.90
C ASN E 261 -41.66 -43.58 -36.38
N ASN E 262 -42.86 -43.17 -35.93
CA ASN E 262 -44.13 -43.77 -36.34
C ASN E 262 -45.03 -42.70 -37.00
N LEU E 263 -44.92 -42.59 -38.34
CA LEU E 263 -45.68 -41.61 -39.13
C LEU E 263 -46.93 -42.24 -39.80
N ASP E 264 -47.30 -43.45 -39.35
CA ASP E 264 -48.47 -44.22 -39.83
C ASP E 264 -49.73 -43.77 -39.08
N VAL E 265 -49.56 -43.20 -37.87
CA VAL E 265 -50.64 -42.69 -37.01
C VAL E 265 -51.41 -41.56 -37.68
N SER E 266 -52.69 -41.39 -37.34
CA SER E 266 -53.55 -40.34 -37.88
C SER E 266 -53.13 -38.94 -37.39
N VAL E 267 -53.62 -37.89 -38.09
CA VAL E 267 -53.41 -36.49 -37.75
C VAL E 267 -54.14 -36.17 -36.41
N THR E 268 -55.28 -36.83 -36.17
CA THR E 268 -56.08 -36.71 -34.95
C THR E 268 -55.26 -37.20 -33.74
N LYS E 269 -54.58 -38.36 -33.90
CA LYS E 269 -53.71 -38.95 -32.87
C LYS E 269 -52.49 -38.05 -32.61
N ALA E 270 -51.97 -37.40 -33.67
CA ALA E 270 -50.83 -36.48 -33.58
C ALA E 270 -51.21 -35.16 -32.92
N LEU E 271 -52.50 -34.79 -32.94
CA LEU E 271 -53.00 -33.56 -32.33
C LEU E 271 -53.67 -33.80 -30.97
N GLN E 272 -53.70 -35.08 -30.51
CA GLN E 272 -54.30 -35.48 -29.23
C GLN E 272 -53.62 -34.84 -28.01
N HIS E 273 -52.32 -34.49 -28.12
CA HIS E 273 -51.52 -33.88 -27.06
C HIS E 273 -52.08 -32.51 -26.61
N ARG E 274 -52.75 -31.80 -27.52
CA ARG E 274 -53.33 -30.48 -27.28
C ARG E 274 -54.88 -30.48 -27.27
N SER E 275 -55.51 -31.69 -27.22
CA SER E 275 -56.97 -31.87 -27.19
C SER E 275 -57.59 -31.08 -26.03
N HIS E 276 -56.96 -31.15 -24.84
CA HIS E 276 -57.36 -30.37 -23.66
C HIS E 276 -56.81 -28.95 -23.85
N TYR E 277 -57.64 -27.93 -23.53
CA TYR E 277 -57.35 -26.50 -23.66
C TYR E 277 -57.14 -26.07 -25.12
N PHE E 278 -58.17 -26.34 -25.96
CA PHE E 278 -58.24 -26.01 -27.38
C PHE E 278 -59.66 -25.52 -27.71
N GLU E 279 -59.79 -24.21 -27.97
CA GLU E 279 -61.07 -23.53 -28.27
C GLU E 279 -61.75 -23.99 -29.57
N GLY E 280 -60.94 -24.28 -30.59
CA GLY E 280 -61.43 -24.72 -31.89
C GLY E 280 -60.71 -24.05 -33.04
N VAL E 281 -61.15 -24.32 -34.28
CA VAL E 281 -60.55 -23.76 -35.49
C VAL E 281 -61.00 -22.31 -35.64
N LEU E 282 -60.04 -21.37 -35.54
CA LEU E 282 -60.29 -19.94 -35.68
C LEU E 282 -60.59 -19.63 -37.14
N LYS E 283 -61.85 -19.31 -37.41
CA LYS E 283 -62.38 -19.04 -38.74
C LYS E 283 -62.84 -17.58 -38.91
N CYS E 284 -63.18 -17.19 -40.16
CA CYS E 284 -63.70 -15.88 -40.50
C CYS E 284 -64.75 -15.97 -41.61
N TYR E 285 -65.58 -14.93 -41.75
CA TYR E 285 -66.64 -14.88 -42.75
C TYR E 285 -66.30 -13.99 -43.94
N LEU E 286 -66.85 -14.31 -45.13
CA LEU E 286 -66.64 -13.52 -46.35
C LEU E 286 -67.26 -12.13 -46.26
N HIS E 287 -68.32 -11.97 -45.44
CA HIS E 287 -69.00 -10.67 -45.22
C HIS E 287 -68.25 -9.75 -44.24
N GLU E 288 -67.34 -10.30 -43.42
CA GLU E 288 -66.55 -9.57 -42.42
C GLU E 288 -65.52 -8.64 -43.05
N THR E 289 -65.39 -7.42 -42.48
CA THR E 289 -64.46 -6.37 -42.91
C THR E 289 -63.01 -6.76 -42.70
N LEU E 290 -62.08 -6.17 -43.47
CA LEU E 290 -60.63 -6.43 -43.38
C LEU E 290 -60.06 -6.06 -42.00
N GLU E 291 -60.60 -4.99 -41.36
CA GLU E 291 -60.20 -4.53 -40.03
C GLU E 291 -60.40 -5.62 -38.97
N THR E 292 -61.57 -6.29 -38.99
CA THR E 292 -61.92 -7.36 -38.04
C THR E 292 -61.04 -8.61 -38.23
N ILE E 293 -60.71 -8.96 -39.49
CA ILE E 293 -59.83 -10.09 -39.85
C ILE E 293 -58.43 -9.85 -39.25
N ILE E 294 -57.89 -8.63 -39.43
CA ILE E 294 -56.60 -8.20 -38.89
C ILE E 294 -56.59 -8.28 -37.37
N ASN E 295 -57.63 -7.74 -36.70
CA ASN E 295 -57.77 -7.76 -35.24
C ASN E 295 -57.85 -9.19 -34.68
N ARG E 296 -58.64 -10.06 -35.33
CA ARG E 296 -58.81 -11.46 -34.93
C ARG E 296 -57.49 -12.24 -35.05
N LEU E 297 -56.73 -12.00 -36.15
CA LEU E 297 -55.44 -12.65 -36.40
C LEU E 297 -54.38 -12.18 -35.41
N VAL E 298 -54.34 -10.87 -35.10
CA VAL E 298 -53.39 -10.27 -34.15
C VAL E 298 -53.64 -10.77 -32.72
N GLU E 299 -54.92 -10.77 -32.27
CA GLU E 299 -55.32 -11.25 -30.94
C GLU E 299 -55.01 -12.74 -30.76
N ALA E 300 -55.28 -13.56 -31.79
CA ALA E 300 -55.04 -15.01 -31.75
C ALA E 300 -53.55 -15.40 -31.84
N GLU E 301 -52.68 -14.50 -32.38
CA GLU E 301 -51.23 -14.70 -32.58
C GLU E 301 -50.95 -15.94 -33.44
N VAL E 302 -51.89 -16.20 -34.38
CA VAL E 302 -51.94 -17.32 -35.31
C VAL E 302 -51.70 -16.80 -36.75
N HIS E 303 -51.13 -17.65 -37.64
CA HIS E 303 -50.78 -17.26 -39.01
C HIS E 303 -51.96 -17.17 -40.00
N ARG E 304 -53.05 -17.96 -39.82
CA ARG E 304 -54.17 -17.89 -40.77
C ARG E 304 -55.53 -18.25 -40.17
N LEU E 305 -56.61 -17.82 -40.85
CA LEU E 305 -58.01 -18.11 -40.55
C LEU E 305 -58.59 -18.85 -41.74
N VAL E 306 -59.56 -19.73 -41.50
CA VAL E 306 -60.26 -20.47 -42.55
C VAL E 306 -61.49 -19.62 -42.93
N VAL E 307 -61.62 -19.18 -44.19
CA VAL E 307 -62.77 -18.37 -44.58
C VAL E 307 -64.01 -19.27 -44.84
N VAL E 308 -65.18 -18.71 -44.59
CA VAL E 308 -66.46 -19.38 -44.76
C VAL E 308 -67.50 -18.39 -45.27
N ASP E 309 -68.54 -18.90 -45.91
CA ASP E 309 -69.60 -18.04 -46.45
C ASP E 309 -70.68 -17.74 -45.42
N GLU E 310 -71.84 -17.27 -45.87
CA GLU E 310 -72.90 -16.89 -44.95
C GLU E 310 -73.26 -18.14 -44.15
N ASN E 311 -73.35 -19.27 -44.85
CA ASN E 311 -73.39 -20.57 -44.21
C ASN E 311 -71.98 -20.90 -43.76
N ASP E 312 -71.84 -21.78 -42.77
CA ASP E 312 -70.50 -22.10 -42.31
C ASP E 312 -69.96 -23.13 -43.29
N VAL E 313 -69.74 -22.67 -44.51
CA VAL E 313 -69.20 -23.51 -45.57
C VAL E 313 -67.81 -23.01 -45.95
N VAL E 314 -66.84 -23.91 -45.93
CA VAL E 314 -65.44 -23.58 -46.25
C VAL E 314 -65.29 -23.05 -47.67
N LYS E 315 -64.88 -21.78 -47.79
CA LYS E 315 -64.68 -21.10 -49.07
C LYS E 315 -63.20 -20.96 -49.44
N GLY E 316 -62.32 -21.08 -48.43
CA GLY E 316 -60.88 -20.95 -48.62
C GLY E 316 -60.11 -20.61 -47.37
N ILE E 317 -58.96 -19.93 -47.55
CA ILE E 317 -58.03 -19.53 -46.48
C ILE E 317 -57.48 -18.10 -46.69
N VAL E 318 -57.21 -17.39 -45.57
CA VAL E 318 -56.64 -16.05 -45.55
C VAL E 318 -55.51 -15.99 -44.50
N SER E 319 -54.25 -15.92 -44.97
CA SER E 319 -53.07 -15.87 -44.11
C SER E 319 -52.46 -14.47 -44.04
N LEU E 320 -51.47 -14.27 -43.14
CA LEU E 320 -50.77 -12.99 -42.95
C LEU E 320 -49.99 -12.55 -44.19
N SER E 321 -49.53 -13.53 -45.00
CA SER E 321 -48.82 -13.26 -46.26
C SER E 321 -49.77 -12.61 -47.27
N ASP E 322 -51.06 -13.01 -47.27
CA ASP E 322 -52.13 -12.45 -48.11
C ASP E 322 -52.48 -11.05 -47.61
N ILE E 323 -52.62 -10.89 -46.27
CA ILE E 323 -52.94 -9.65 -45.59
C ILE E 323 -51.87 -8.58 -45.83
N LEU E 324 -50.59 -8.92 -45.56
CA LEU E 324 -49.47 -7.98 -45.73
C LEU E 324 -49.21 -7.61 -47.19
N GLN E 325 -49.55 -8.50 -48.14
CA GLN E 325 -49.42 -8.23 -49.56
C GLN E 325 -50.44 -7.16 -49.99
N ALA E 326 -51.68 -7.27 -49.49
CA ALA E 326 -52.78 -6.34 -49.78
C ALA E 326 -52.57 -4.96 -49.13
N LEU E 327 -52.11 -4.94 -47.87
CA LEU E 327 -51.87 -3.74 -47.08
C LEU E 327 -50.68 -2.91 -47.53
N VAL E 328 -49.56 -3.58 -47.88
CA VAL E 328 -48.30 -2.93 -48.20
C VAL E 328 -47.94 -2.93 -49.71
N LEU E 329 -47.68 -4.12 -50.30
CA LEU E 329 -47.24 -4.31 -51.68
C LEU E 329 -48.13 -3.63 -52.76
N THR E 330 -49.47 -3.75 -52.65
CA THR E 330 -50.40 -3.15 -53.61
C THR E 330 -50.68 -1.68 -53.28
N ASN F 30 54.78 -20.10 0.51
CA ASN F 30 54.50 -19.07 1.51
C ASN F 30 54.16 -17.69 0.89
N ASN F 31 54.18 -17.60 -0.46
CA ASN F 31 53.91 -16.36 -1.20
C ASN F 31 52.45 -15.90 -1.18
N SER F 32 51.49 -16.82 -0.96
CA SER F 32 50.06 -16.50 -0.95
C SER F 32 49.48 -16.14 0.44
N VAL F 33 50.36 -15.86 1.44
CA VAL F 33 49.91 -15.53 2.81
C VAL F 33 49.11 -14.22 2.86
N TYR F 34 49.45 -13.22 2.02
CA TYR F 34 48.75 -11.92 1.99
C TYR F 34 47.45 -11.94 1.19
N THR F 35 47.36 -12.79 0.16
CA THR F 35 46.13 -12.95 -0.63
C THR F 35 45.06 -13.66 0.21
N SER F 36 45.47 -14.69 0.99
CA SER F 36 44.61 -15.46 1.87
C SER F 36 44.19 -14.66 3.10
N PHE F 37 45.07 -13.77 3.60
CA PHE F 37 44.79 -12.88 4.73
C PHE F 37 43.67 -11.92 4.33
N MET F 38 43.79 -11.34 3.12
CA MET F 38 42.83 -10.41 2.55
C MET F 38 41.51 -11.06 2.20
N LYS F 39 41.53 -12.36 1.85
CA LYS F 39 40.32 -13.12 1.54
C LYS F 39 39.54 -13.45 2.81
N SER F 40 40.25 -13.69 3.93
CA SER F 40 39.65 -14.01 5.22
C SER F 40 39.07 -12.77 5.92
N HIS F 41 39.81 -11.64 5.90
CA HIS F 41 39.39 -10.38 6.50
C HIS F 41 38.39 -9.62 5.65
N ARG F 42 37.27 -9.23 6.26
CA ARG F 42 36.24 -8.45 5.60
C ARG F 42 36.54 -6.96 5.78
N CYS F 43 35.93 -6.09 4.94
CA CYS F 43 36.10 -4.64 4.95
C CYS F 43 35.82 -3.97 6.29
N TYR F 44 34.83 -4.51 7.05
CA TYR F 44 34.39 -4.02 8.36
C TYR F 44 35.54 -3.84 9.37
N ASP F 45 36.50 -4.79 9.41
CA ASP F 45 37.64 -4.79 10.34
C ASP F 45 38.58 -3.58 10.22
N LEU F 46 38.54 -2.90 9.06
CA LEU F 46 39.34 -1.71 8.74
C LEU F 46 38.63 -0.42 9.11
N ILE F 47 37.28 -0.44 9.17
CA ILE F 47 36.46 0.72 9.49
C ILE F 47 36.86 1.22 10.89
N PRO F 48 37.18 2.53 11.06
CA PRO F 48 37.54 3.03 12.40
C PRO F 48 36.40 2.84 13.40
N THR F 49 36.74 2.76 14.70
CA THR F 49 35.77 2.62 15.78
C THR F 49 34.80 3.82 15.74
N SER F 50 35.32 5.02 15.48
CA SER F 50 34.52 6.24 15.35
C SER F 50 35.13 7.12 14.26
N SER F 51 34.31 7.53 13.25
CA SER F 51 34.76 8.35 12.13
C SER F 51 33.68 9.30 11.58
N LYS F 52 34.13 10.36 10.86
CA LYS F 52 33.33 11.42 10.25
C LYS F 52 33.23 11.23 8.74
N LEU F 53 32.00 11.40 8.20
CA LEU F 53 31.69 11.27 6.78
C LEU F 53 30.85 12.47 6.33
N VAL F 54 31.31 13.18 5.30
CA VAL F 54 30.59 14.35 4.77
C VAL F 54 29.90 13.95 3.47
N VAL F 55 28.57 14.18 3.39
CA VAL F 55 27.73 13.83 2.24
C VAL F 55 27.15 15.12 1.63
N PHE F 56 27.14 15.22 0.28
CA PHE F 56 26.62 16.36 -0.45
C PHE F 56 25.45 15.98 -1.34
N ASP F 57 24.43 16.86 -1.40
CA ASP F 57 23.28 16.69 -2.28
C ASP F 57 23.71 17.17 -3.67
N THR F 58 23.19 16.54 -4.74
CA THR F 58 23.53 16.88 -6.13
C THR F 58 23.18 18.34 -6.49
N SER F 59 22.11 18.89 -5.87
CA SER F 59 21.64 20.28 -6.08
C SER F 59 22.54 21.34 -5.44
N LEU F 60 23.51 20.94 -4.60
CA LEU F 60 24.46 21.83 -3.94
C LEU F 60 25.50 22.38 -4.93
N GLN F 61 25.85 23.67 -4.77
CA GLN F 61 26.85 24.38 -5.57
C GLN F 61 28.24 23.75 -5.33
N VAL F 62 28.97 23.40 -6.41
CA VAL F 62 30.31 22.77 -6.35
C VAL F 62 31.33 23.61 -5.59
N LYS F 63 31.25 24.94 -5.66
CA LYS F 63 32.14 25.87 -4.96
C LYS F 63 31.99 25.71 -3.44
N LYS F 64 30.73 25.66 -2.96
CA LYS F 64 30.38 25.48 -1.54
C LYS F 64 30.82 24.10 -1.05
N ALA F 65 30.83 23.10 -1.95
CA ALA F 65 31.23 21.72 -1.68
C ALA F 65 32.73 21.60 -1.45
N PHE F 66 33.56 22.29 -2.28
CA PHE F 66 35.02 22.27 -2.14
C PHE F 66 35.48 23.02 -0.88
N PHE F 67 34.73 24.07 -0.48
CA PHE F 67 35.01 24.79 0.76
C PHE F 67 34.62 23.94 1.98
N ALA F 68 33.54 23.13 1.84
CA ALA F 68 33.06 22.22 2.89
C ALA F 68 34.02 21.06 3.15
N LEU F 69 34.78 20.64 2.12
CA LEU F 69 35.81 19.60 2.25
C LEU F 69 36.97 20.18 3.08
N VAL F 70 37.32 21.47 2.84
CA VAL F 70 38.36 22.20 3.56
C VAL F 70 37.93 22.42 5.03
N THR F 71 36.70 22.94 5.24
CA THR F 71 36.10 23.22 6.57
C THR F 71 36.05 21.95 7.44
N ASN F 72 35.61 20.81 6.88
CA ASN F 72 35.44 19.55 7.61
C ASN F 72 36.71 18.66 7.69
N GLY F 73 37.76 19.00 6.93
CA GLY F 73 39.01 18.25 6.98
C GLY F 73 39.11 17.03 6.08
N VAL F 74 38.01 16.63 5.42
CA VAL F 74 37.99 15.46 4.53
C VAL F 74 38.32 15.87 3.08
N ARG F 75 38.76 14.91 2.26
CA ARG F 75 39.13 15.20 0.86
C ARG F 75 38.12 14.66 -0.17
N ALA F 76 37.32 13.65 0.22
CA ALA F 76 36.31 13.05 -0.65
C ALA F 76 34.95 13.03 0.05
N ALA F 77 33.84 13.01 -0.74
CA ALA F 77 32.49 13.02 -0.20
C ALA F 77 31.47 12.26 -1.07
N PRO F 78 30.74 11.26 -0.53
CA PRO F 78 29.72 10.57 -1.34
C PRO F 78 28.59 11.51 -1.74
N LEU F 79 28.10 11.40 -2.97
CA LEU F 79 27.04 12.26 -3.49
C LEU F 79 25.70 11.57 -3.44
N TRP F 80 24.69 12.27 -2.89
CA TRP F 80 23.32 11.78 -2.72
C TRP F 80 22.35 12.53 -3.62
N ASP F 81 21.53 11.79 -4.38
CA ASP F 81 20.50 12.37 -5.25
C ASP F 81 19.19 12.22 -4.51
N SER F 82 18.53 13.35 -4.19
CA SER F 82 17.26 13.36 -3.46
C SER F 82 16.12 12.80 -4.31
N LYS F 83 16.07 13.17 -5.61
CA LYS F 83 15.05 12.73 -6.57
C LYS F 83 15.08 11.21 -6.80
N LYS F 84 16.30 10.65 -7.01
CA LYS F 84 16.52 9.23 -7.25
C LYS F 84 16.48 8.42 -5.96
N GLN F 85 16.85 9.06 -4.81
CA GLN F 85 16.96 8.47 -3.46
C GLN F 85 18.06 7.39 -3.41
N SER F 86 19.24 7.70 -3.99
CA SER F 86 20.40 6.79 -4.05
C SER F 86 21.73 7.53 -4.21
N PHE F 87 22.84 6.90 -3.77
CA PHE F 87 24.19 7.47 -3.88
C PHE F 87 24.64 7.41 -5.35
N VAL F 88 24.94 8.60 -5.93
CA VAL F 88 25.32 8.79 -7.34
C VAL F 88 26.79 8.48 -7.60
N GLY F 89 27.66 9.10 -6.83
CA GLY F 89 29.11 8.95 -6.98
C GLY F 89 29.89 9.59 -5.86
N MET F 90 31.06 10.13 -6.20
CA MET F 90 31.97 10.75 -5.25
C MET F 90 32.44 12.11 -5.75
N LEU F 91 32.62 13.07 -4.83
CA LEU F 91 33.18 14.37 -5.17
C LEU F 91 34.55 14.41 -4.52
N THR F 92 35.60 14.51 -5.33
CA THR F 92 37.00 14.51 -4.87
C THR F 92 37.72 15.77 -5.32
N ILE F 93 39.05 15.84 -5.05
CA ILE F 93 39.89 16.98 -5.47
C ILE F 93 40.16 16.87 -6.98
N THR F 94 39.99 15.65 -7.56
CA THR F 94 40.12 15.38 -8.99
C THR F 94 39.05 16.21 -9.74
N ASP F 95 37.84 16.32 -9.16
CA ASP F 95 36.73 17.12 -9.69
C ASP F 95 37.12 18.61 -9.70
N PHE F 96 37.81 19.09 -8.63
CA PHE F 96 38.31 20.46 -8.49
C PHE F 96 39.41 20.73 -9.52
N ILE F 97 40.30 19.74 -9.76
CA ILE F 97 41.37 19.82 -10.77
C ILE F 97 40.74 19.96 -12.15
N ASN F 98 39.74 19.11 -12.45
CA ASN F 98 39.02 19.07 -13.71
C ASN F 98 38.20 20.35 -13.98
N ILE F 99 37.52 20.91 -12.95
CA ILE F 99 36.74 22.15 -13.08
C ILE F 99 37.69 23.33 -13.42
N LEU F 100 38.78 23.47 -12.64
CA LEU F 100 39.77 24.52 -12.82
C LEU F 100 40.44 24.49 -14.19
N HIS F 101 40.94 23.32 -14.62
CA HIS F 101 41.62 23.17 -15.92
C HIS F 101 40.71 23.42 -17.13
N ARG F 102 39.45 22.97 -17.06
CA ARG F 102 38.49 23.10 -18.15
C ARG F 102 38.00 24.54 -18.35
N TYR F 103 37.75 25.28 -17.25
CA TYR F 103 37.13 26.59 -17.33
C TYR F 103 38.01 27.83 -17.05
N TYR F 104 39.27 27.66 -16.60
CA TYR F 104 40.16 28.81 -16.33
C TYR F 104 40.55 29.55 -17.61
N LYS F 105 40.53 30.90 -17.55
CA LYS F 105 40.90 31.78 -18.67
C LYS F 105 42.14 32.61 -18.31
N SER F 106 42.06 33.38 -17.19
CA SER F 106 43.15 34.22 -16.66
C SER F 106 42.82 34.71 -15.26
N ALA F 107 43.81 35.32 -14.58
CA ALA F 107 43.66 35.88 -13.23
C ALA F 107 42.80 37.15 -13.22
N LEU F 108 42.49 37.68 -14.41
CA LEU F 108 41.69 38.89 -14.62
C LEU F 108 40.21 38.61 -14.82
N VAL F 109 39.86 37.38 -15.23
CA VAL F 109 38.49 36.96 -15.50
C VAL F 109 38.09 35.87 -14.51
N GLN F 110 36.94 36.06 -13.84
CA GLN F 110 36.38 35.14 -12.87
C GLN F 110 36.01 33.81 -13.54
N ILE F 111 36.18 32.68 -12.81
CA ILE F 111 35.84 31.35 -13.32
C ILE F 111 34.31 31.18 -13.14
N TYR F 112 33.54 31.71 -14.11
CA TYR F 112 32.06 31.75 -14.13
C TYR F 112 31.38 30.43 -13.82
N GLU F 113 31.85 29.32 -14.44
CA GLU F 113 31.27 27.99 -14.23
C GLU F 113 31.43 27.49 -12.80
N LEU F 114 32.62 27.63 -12.21
CA LEU F 114 32.92 27.25 -10.83
C LEU F 114 32.04 28.01 -9.80
N GLU F 115 31.72 29.28 -10.09
CA GLU F 115 30.91 30.16 -9.25
C GLU F 115 29.40 29.88 -9.31
N GLU F 116 28.88 29.41 -10.47
CA GLU F 116 27.44 29.19 -10.67
C GLU F 116 26.98 27.71 -10.75
N HIS F 117 27.90 26.77 -11.10
CA HIS F 117 27.58 25.35 -11.27
C HIS F 117 27.15 24.64 -9.99
N LYS F 118 26.31 23.61 -10.14
CA LYS F 118 25.84 22.71 -9.10
C LYS F 118 26.59 21.39 -9.34
N ILE F 119 26.57 20.47 -8.34
CA ILE F 119 27.22 19.16 -8.48
C ILE F 119 26.58 18.37 -9.63
N GLU F 120 25.22 18.39 -9.71
CA GLU F 120 24.39 17.73 -10.71
C GLU F 120 24.72 18.19 -12.14
N THR F 121 24.86 19.52 -12.35
CA THR F 121 25.17 20.11 -13.66
C THR F 121 26.58 19.76 -14.13
N TRP F 122 27.58 19.86 -13.24
CA TRP F 122 28.98 19.55 -13.53
C TRP F 122 29.19 18.08 -13.94
N ARG F 123 28.51 17.14 -13.25
CA ARG F 123 28.56 15.70 -13.52
C ARG F 123 28.01 15.35 -14.90
N GLU F 124 26.98 16.08 -15.37
CA GLU F 124 26.35 15.91 -16.69
C GLU F 124 27.33 16.34 -17.80
N VAL F 125 28.24 17.28 -17.47
CA VAL F 125 29.27 17.81 -18.37
C VAL F 125 30.50 16.86 -18.35
N TYR F 126 30.99 16.53 -17.15
CA TYR F 126 32.16 15.68 -16.89
C TYR F 126 31.98 14.23 -17.37
N LEU F 127 30.81 13.62 -17.09
CA LEU F 127 30.50 12.24 -17.49
C LEU F 127 29.45 12.27 -18.62
N GLN F 128 29.93 12.47 -19.86
CA GLN F 128 29.08 12.56 -21.06
C GLN F 128 28.47 11.22 -21.43
N SER F 130 29.51 8.14 -21.41
CA SER F 130 28.21 7.56 -21.10
C SER F 130 27.96 7.49 -19.58
N PHE F 131 26.75 7.05 -19.17
CA PHE F 131 26.36 6.91 -17.77
C PHE F 131 27.05 5.67 -17.15
N LYS F 132 27.82 5.89 -16.07
CA LYS F 132 28.54 4.83 -15.34
C LYS F 132 28.02 4.73 -13.89
N PRO F 133 27.60 3.52 -13.43
CA PRO F 133 27.07 3.42 -12.05
C PRO F 133 28.13 3.58 -10.96
N LEU F 134 27.66 3.90 -9.72
CA LEU F 134 28.48 4.10 -8.53
C LEU F 134 29.24 2.82 -8.14
N VAL F 135 30.56 2.97 -7.95
CA VAL F 135 31.43 1.88 -7.53
C VAL F 135 31.42 1.91 -6.00
N CYS F 136 31.02 0.79 -5.36
CA CYS F 136 30.96 0.65 -3.90
C CYS F 136 31.21 -0.79 -3.44
N ILE F 137 31.51 -0.96 -2.14
CA ILE F 137 31.79 -2.26 -1.54
C ILE F 137 30.94 -2.46 -0.25
N SER F 138 30.59 -3.71 0.04
CA SER F 138 29.80 -4.09 1.22
C SER F 138 30.74 -4.24 2.44
N PRO F 139 30.28 -3.97 3.69
CA PRO F 139 31.17 -4.16 4.86
C PRO F 139 31.55 -5.64 5.07
N ASN F 140 30.70 -6.56 4.57
CA ASN F 140 30.88 -8.00 4.67
C ASN F 140 31.71 -8.58 3.52
N ALA F 141 32.07 -7.74 2.53
CA ALA F 141 32.93 -8.15 1.42
C ALA F 141 34.38 -8.17 1.90
N SER F 142 35.19 -9.10 1.37
CA SER F 142 36.60 -9.28 1.76
C SER F 142 37.49 -8.10 1.37
N LEU F 143 38.71 -8.05 1.94
CA LEU F 143 39.72 -7.04 1.63
C LEU F 143 40.21 -7.24 0.20
N PHE F 144 40.28 -8.50 -0.26
CA PHE F 144 40.65 -8.91 -1.61
C PHE F 144 39.70 -8.30 -2.65
N ASP F 145 38.38 -8.28 -2.33
CA ASP F 145 37.34 -7.72 -3.19
C ASP F 145 37.47 -6.19 -3.28
N ALA F 146 37.93 -5.55 -2.19
CA ALA F 146 38.14 -4.11 -2.12
C ALA F 146 39.38 -3.70 -2.92
N VAL F 147 40.49 -4.48 -2.80
CA VAL F 147 41.74 -4.26 -3.54
C VAL F 147 41.46 -4.41 -5.05
N SER F 148 40.69 -5.46 -5.42
CA SER F 148 40.30 -5.74 -6.81
C SER F 148 39.47 -4.61 -7.41
N SER F 149 38.53 -4.04 -6.64
CA SER F 149 37.67 -2.93 -7.06
C SER F 149 38.47 -1.64 -7.33
N LEU F 150 39.47 -1.34 -6.49
CA LEU F 150 40.30 -0.14 -6.65
C LEU F 150 41.19 -0.20 -7.89
N ILE F 151 41.65 -1.40 -8.28
CA ILE F 151 42.51 -1.60 -9.46
C ILE F 151 41.66 -1.68 -10.75
N ARG F 152 40.65 -2.57 -10.76
CA ARG F 152 39.72 -2.81 -11.87
C ARG F 152 38.96 -1.55 -12.29
N ASN F 153 38.57 -0.71 -11.31
CA ASN F 153 37.83 0.54 -11.57
C ASN F 153 38.74 1.78 -11.62
N LYS F 154 40.07 1.57 -11.42
CA LYS F 154 41.13 2.61 -11.44
C LYS F 154 40.78 3.82 -10.55
N ILE F 155 40.35 3.53 -9.31
CA ILE F 155 39.95 4.54 -8.31
C ILE F 155 40.83 4.49 -7.05
N HIS F 156 40.69 5.53 -6.19
CA HIS F 156 41.45 5.69 -4.95
C HIS F 156 40.56 5.71 -3.71
N ARG F 157 39.30 6.18 -3.88
CA ARG F 157 38.30 6.29 -2.83
C ARG F 157 37.13 5.34 -3.14
N LEU F 158 36.95 4.31 -2.32
CA LEU F 158 35.89 3.30 -2.48
C LEU F 158 34.91 3.37 -1.30
N PRO F 159 33.67 3.86 -1.52
CA PRO F 159 32.71 3.95 -0.40
C PRO F 159 32.19 2.60 0.08
N VAL F 160 32.19 2.40 1.42
CA VAL F 160 31.69 1.19 2.07
C VAL F 160 30.23 1.45 2.45
N ILE F 161 29.30 0.91 1.66
CA ILE F 161 27.86 1.08 1.88
C ILE F 161 27.24 -0.22 2.37
N ASP F 162 26.51 -0.14 3.49
CA ASP F 162 25.81 -1.26 4.10
C ASP F 162 24.55 -1.57 3.27
N PRO F 163 24.39 -2.79 2.70
CA PRO F 163 23.18 -3.07 1.90
C PRO F 163 21.87 -3.14 2.68
N GLU F 164 21.93 -3.41 4.00
CA GLU F 164 20.77 -3.51 4.87
C GLU F 164 20.10 -2.16 5.15
N SER F 165 20.89 -1.15 5.58
CA SER F 165 20.39 0.19 5.90
C SER F 165 20.55 1.20 4.75
N GLY F 166 21.43 0.89 3.80
CA GLY F 166 21.73 1.74 2.65
C GLY F 166 22.65 2.90 2.98
N ASN F 167 23.23 2.89 4.19
CA ASN F 167 24.10 3.96 4.67
C ASN F 167 25.57 3.77 4.31
N THR F 168 26.24 4.88 3.95
CA THR F 168 27.67 4.92 3.65
C THR F 168 28.34 5.00 5.03
N LEU F 169 29.30 4.11 5.27
CA LEU F 169 29.97 3.98 6.56
C LEU F 169 31.39 4.55 6.57
N TYR F 170 32.16 4.28 5.52
CA TYR F 170 33.56 4.69 5.43
C TYR F 170 34.02 4.81 3.97
N ILE F 171 35.02 5.66 3.72
CA ILE F 171 35.62 5.82 2.39
C ILE F 171 36.98 5.11 2.44
N LEU F 172 37.05 3.92 1.82
CA LEU F 172 38.25 3.09 1.81
C LEU F 172 39.29 3.53 0.79
N THR F 173 40.57 3.46 1.18
CA THR F 173 41.73 3.87 0.37
C THR F 173 42.86 2.83 0.41
N HIS F 174 43.86 2.97 -0.49
CA HIS F 174 45.04 2.11 -0.56
C HIS F 174 45.86 2.24 0.73
N LYS F 175 45.93 3.48 1.30
CA LYS F 175 46.62 3.82 2.55
C LYS F 175 46.10 2.97 3.70
N ARG F 176 44.76 2.92 3.85
CA ARG F 176 44.04 2.19 4.88
C ARG F 176 44.28 0.69 4.82
N ILE F 177 44.25 0.12 3.59
CA ILE F 177 44.46 -1.31 3.36
C ILE F 177 45.90 -1.72 3.69
N LEU F 178 46.91 -0.96 3.20
CA LEU F 178 48.32 -1.27 3.48
C LEU F 178 48.69 -1.11 4.97
N LYS F 179 48.16 -0.07 5.67
CA LYS F 179 48.41 0.14 7.10
C LYS F 179 47.83 -1.02 7.92
N PHE F 180 46.64 -1.52 7.52
CA PHE F 180 45.97 -2.66 8.17
C PHE F 180 46.81 -3.93 7.96
N LEU F 181 47.35 -4.14 6.73
CA LEU F 181 48.20 -5.29 6.42
C LEU F 181 49.50 -5.23 7.26
N LYS F 182 50.11 -4.02 7.39
CA LYS F 182 51.32 -3.76 8.16
C LYS F 182 51.20 -4.24 9.62
N LEU F 183 50.03 -4.02 10.24
CA LEU F 183 49.75 -4.44 11.62
C LEU F 183 49.76 -5.97 11.82
N PHE F 184 49.47 -6.74 10.75
CA PHE F 184 49.38 -8.20 10.78
C PHE F 184 50.59 -8.93 10.14
N ILE F 185 51.63 -8.18 9.73
CA ILE F 185 52.88 -8.69 9.14
C ILE F 185 53.58 -9.68 10.10
N THR F 186 53.58 -9.35 11.40
CA THR F 186 54.18 -10.12 12.50
C THR F 186 53.42 -11.42 12.81
N GLU F 187 52.16 -11.52 12.37
CA GLU F 187 51.25 -12.65 12.65
C GLU F 187 51.41 -13.86 11.73
N PHE F 188 52.09 -13.69 10.59
CA PHE F 188 52.30 -14.75 9.59
C PHE F 188 53.77 -14.78 9.16
N PRO F 189 54.31 -15.94 8.70
CA PRO F 189 55.71 -15.94 8.22
C PRO F 189 55.85 -15.06 6.97
N LYS F 190 56.91 -14.23 6.90
CA LYS F 190 57.13 -13.33 5.77
C LYS F 190 57.51 -14.09 4.50
N PRO F 191 56.89 -13.78 3.38
CA PRO F 191 57.25 -14.40 2.09
C PRO F 191 58.61 -13.96 1.55
N GLU F 192 59.26 -14.83 0.79
CA GLU F 192 60.59 -14.54 0.21
C GLU F 192 60.69 -13.20 -0.53
N PHE F 193 59.60 -12.74 -1.19
CA PHE F 193 59.59 -11.50 -1.95
C PHE F 193 59.73 -10.22 -1.08
N MET F 194 59.38 -10.30 0.23
CA MET F 194 59.49 -9.17 1.16
C MET F 194 60.93 -8.75 1.41
N SER F 195 61.87 -9.72 1.34
CA SER F 195 63.31 -9.54 1.52
C SER F 195 64.05 -9.32 0.18
N LYS F 196 63.28 -9.16 -0.93
CA LYS F 196 63.83 -8.93 -2.27
C LYS F 196 63.82 -7.44 -2.59
N SER F 197 64.83 -6.98 -3.35
CA SER F 197 64.97 -5.59 -3.75
C SER F 197 63.87 -5.13 -4.72
N LEU F 198 63.67 -3.80 -4.81
CA LEU F 198 62.69 -3.15 -5.68
C LEU F 198 63.01 -3.37 -7.16
N GLU F 199 64.32 -3.47 -7.50
CA GLU F 199 64.80 -3.72 -8.86
C GLU F 199 64.46 -5.15 -9.31
N GLU F 200 64.71 -6.15 -8.42
CA GLU F 200 64.45 -7.56 -8.69
C GLU F 200 62.96 -7.87 -8.86
N LEU F 201 62.12 -7.21 -8.07
CA LEU F 201 60.67 -7.40 -8.09
C LEU F 201 59.99 -6.65 -9.22
N GLN F 202 60.62 -5.56 -9.74
CA GLN F 202 60.12 -4.70 -10.82
C GLN F 202 58.69 -4.18 -10.54
N ILE F 203 58.51 -3.53 -9.38
CA ILE F 203 57.23 -2.95 -8.94
C ILE F 203 57.28 -1.44 -9.14
N GLY F 204 56.27 -0.90 -9.82
CA GLY F 204 56.15 0.52 -10.09
C GLY F 204 56.42 0.87 -11.55
N THR F 205 56.37 2.16 -11.87
CA THR F 205 56.64 2.65 -13.22
C THR F 205 58.04 3.27 -13.30
N TYR F 206 58.81 2.92 -14.35
CA TYR F 206 60.18 3.41 -14.53
C TYR F 206 60.41 4.08 -15.89
N ALA F 207 59.31 4.35 -16.61
CA ALA F 207 59.31 5.01 -17.91
C ALA F 207 58.16 6.02 -18.00
N ASN F 208 58.41 7.14 -18.73
CA ASN F 208 57.48 8.25 -18.95
C ASN F 208 56.90 8.81 -17.64
N ILE F 209 57.79 9.23 -16.72
CA ILE F 209 57.41 9.81 -15.43
C ILE F 209 56.96 11.26 -15.61
N ALA F 210 55.69 11.53 -15.23
CA ALA F 210 55.06 12.85 -15.32
C ALA F 210 55.60 13.76 -14.20
N MET F 211 56.50 14.68 -14.58
CA MET F 211 57.14 15.63 -13.67
C MET F 211 56.88 17.08 -14.09
N VAL F 212 57.19 18.01 -13.18
CA VAL F 212 57.05 19.45 -13.37
C VAL F 212 58.35 20.14 -12.92
N ARG F 213 58.60 21.36 -13.42
CA ARG F 213 59.76 22.15 -13.01
C ARG F 213 59.32 23.01 -11.82
N THR F 214 60.26 23.71 -11.17
CA THR F 214 60.00 24.60 -10.04
C THR F 214 59.17 25.80 -10.50
N THR F 215 59.43 26.28 -11.73
CA THR F 215 58.79 27.43 -12.37
C THR F 215 57.48 27.09 -13.11
N THR F 216 57.14 25.79 -13.24
CA THR F 216 55.94 25.31 -13.95
C THR F 216 54.65 25.90 -13.37
N PRO F 217 53.86 26.67 -14.17
CA PRO F 217 52.60 27.23 -13.64
C PRO F 217 51.59 26.15 -13.24
N VAL F 218 50.77 26.43 -12.20
CA VAL F 218 49.76 25.52 -11.63
C VAL F 218 48.83 24.94 -12.72
N TYR F 219 48.37 25.77 -13.67
CA TYR F 219 47.49 25.35 -14.76
C TYR F 219 48.08 24.17 -15.54
N VAL F 220 49.38 24.26 -15.89
CA VAL F 220 50.12 23.22 -16.62
C VAL F 220 50.14 21.92 -15.81
N ALA F 221 50.39 22.01 -14.49
CA ALA F 221 50.40 20.89 -13.55
C ALA F 221 49.02 20.20 -13.48
N LEU F 222 47.93 21.00 -13.53
CA LEU F 222 46.55 20.50 -13.48
C LEU F 222 46.22 19.70 -14.73
N GLY F 223 46.74 20.15 -15.88
CA GLY F 223 46.58 19.49 -17.17
C GLY F 223 47.27 18.15 -17.21
N ILE F 224 48.47 18.06 -16.60
CA ILE F 224 49.28 16.85 -16.48
C ILE F 224 48.50 15.81 -15.66
N PHE F 225 47.77 16.28 -14.62
CA PHE F 225 46.91 15.42 -13.79
C PHE F 225 45.72 14.88 -14.60
N VAL F 226 45.17 15.71 -15.52
CA VAL F 226 44.02 15.35 -16.37
C VAL F 226 44.40 14.31 -17.44
N GLN F 227 45.43 14.59 -18.27
CA GLN F 227 45.85 13.71 -19.37
C GLN F 227 46.54 12.42 -18.92
N HIS F 228 47.38 12.45 -17.86
CA HIS F 228 48.13 11.28 -17.40
C HIS F 228 47.39 10.44 -16.36
N ARG F 229 46.43 11.06 -15.62
CA ARG F 229 45.62 10.40 -14.58
C ARG F 229 46.51 9.74 -13.50
N VAL F 230 47.41 10.54 -12.91
CA VAL F 230 48.35 10.14 -11.84
C VAL F 230 48.10 11.02 -10.61
N SER F 231 48.30 10.49 -9.39
CA SER F 231 47.98 11.22 -8.16
C SER F 231 49.01 12.27 -7.70
N ALA F 232 50.27 12.25 -8.21
CA ALA F 232 51.30 13.23 -7.84
C ALA F 232 52.41 13.37 -8.86
N LEU F 233 52.91 14.61 -9.04
CA LEU F 233 53.98 14.93 -9.97
C LEU F 233 55.19 15.53 -9.23
N PRO F 234 56.39 14.90 -9.33
CA PRO F 234 57.57 15.45 -8.63
C PRO F 234 58.02 16.78 -9.21
N VAL F 235 58.61 17.64 -8.36
CA VAL F 235 59.10 18.97 -8.73
C VAL F 235 60.63 18.91 -8.83
N VAL F 236 61.17 19.12 -10.04
CA VAL F 236 62.60 19.04 -10.34
C VAL F 236 63.22 20.38 -10.75
N ASP F 237 64.56 20.50 -10.58
CA ASP F 237 65.36 21.67 -10.96
C ASP F 237 65.81 21.54 -12.44
N GLU F 238 66.78 22.39 -12.86
CA GLU F 238 67.33 22.39 -14.22
C GLU F 238 68.06 21.09 -14.60
N LYS F 239 68.71 20.43 -13.62
CA LYS F 239 69.45 19.18 -13.83
C LYS F 239 68.54 17.94 -13.87
N GLY F 240 67.59 17.85 -12.95
CA GLY F 240 66.63 16.73 -12.89
C GLY F 240 66.43 16.11 -11.53
N ARG F 241 66.96 16.74 -10.47
CA ARG F 241 66.86 16.27 -9.08
C ARG F 241 65.62 16.80 -8.37
N VAL F 242 64.94 15.93 -7.59
CA VAL F 242 63.71 16.25 -6.83
C VAL F 242 64.00 17.22 -5.67
N VAL F 243 63.24 18.32 -5.61
CA VAL F 243 63.35 19.34 -4.56
C VAL F 243 62.03 19.40 -3.77
N ASP F 244 60.91 19.19 -4.47
CA ASP F 244 59.55 19.19 -3.91
C ASP F 244 58.66 18.16 -4.65
N ILE F 245 57.39 18.04 -4.23
CA ILE F 245 56.41 17.14 -4.84
C ILE F 245 55.02 17.80 -4.84
N TYR F 246 54.33 17.76 -5.99
CA TYR F 246 53.00 18.33 -6.15
C TYR F 246 51.95 17.24 -6.32
N SER F 247 51.24 16.94 -5.23
CA SER F 247 50.19 15.94 -5.17
C SER F 247 48.83 16.56 -5.54
N LYS F 248 47.83 15.69 -5.82
CA LYS F 248 46.45 16.12 -6.12
C LYS F 248 45.85 16.74 -4.85
N PHE F 249 46.29 16.29 -3.64
CA PHE F 249 45.86 16.82 -2.35
C PHE F 249 46.28 18.28 -2.19
N ASP F 250 47.50 18.63 -2.65
CA ASP F 250 48.06 19.98 -2.57
C ASP F 250 47.27 21.03 -3.34
N VAL F 251 46.44 20.60 -4.30
CA VAL F 251 45.57 21.44 -5.13
C VAL F 251 44.44 22.10 -4.30
N ILE F 252 43.91 21.37 -3.29
CA ILE F 252 42.82 21.86 -2.44
C ILE F 252 43.21 23.12 -1.63
N ASN F 253 44.52 23.46 -1.57
CA ASN F 253 45.03 24.65 -0.89
C ASN F 253 44.62 25.92 -1.63
N LEU F 254 44.29 25.79 -2.93
CA LEU F 254 43.80 26.87 -3.78
C LEU F 254 42.38 27.29 -3.34
N ALA F 255 41.61 26.34 -2.80
CA ALA F 255 40.26 26.59 -2.27
C ALA F 255 40.37 27.11 -0.84
N ALA F 256 41.32 26.55 -0.04
CA ALA F 256 41.60 26.91 1.35
C ALA F 256 42.06 28.37 1.50
N GLU F 257 43.02 28.79 0.65
CA GLU F 257 43.58 30.16 0.65
C GLU F 257 42.80 31.08 -0.29
N LYS F 258 41.81 30.52 -1.03
CA LYS F 258 40.94 31.20 -2.02
C LYS F 258 41.79 31.89 -3.10
N THR F 259 42.81 31.15 -3.60
CA THR F 259 43.78 31.58 -4.62
C THR F 259 43.58 30.85 -5.96
N TYR F 260 42.48 30.07 -6.09
CA TYR F 260 42.11 29.28 -7.28
C TYR F 260 41.93 30.09 -8.57
N ASN F 261 41.68 31.41 -8.47
CA ASN F 261 41.46 32.28 -9.63
C ASN F 261 42.77 32.72 -10.31
N ASN F 262 43.94 32.34 -9.76
CA ASN F 262 45.25 32.65 -10.34
C ASN F 262 46.09 31.37 -10.43
N LEU F 263 45.94 30.66 -11.55
CA LEU F 263 46.65 29.41 -11.81
C LEU F 263 47.89 29.62 -12.70
N ASP F 264 48.33 30.88 -12.81
CA ASP F 264 49.50 31.30 -13.59
C ASP F 264 50.78 31.20 -12.75
N VAL F 265 50.62 31.18 -11.40
CA VAL F 265 51.71 31.07 -10.44
C VAL F 265 52.42 29.71 -10.53
N SER F 266 53.70 29.66 -10.13
CA SER F 266 54.50 28.43 -10.17
C SER F 266 54.06 27.43 -9.09
N VAL F 267 54.43 26.15 -9.27
CA VAL F 267 54.17 25.05 -8.34
C VAL F 267 54.85 25.38 -6.98
N THR F 268 56.04 26.04 -7.04
CA THR F 268 56.83 26.49 -5.89
C THR F 268 56.07 27.54 -5.08
N LYS F 269 55.44 28.52 -5.76
CA LYS F 269 54.64 29.58 -5.14
C LYS F 269 53.40 28.99 -4.47
N ALA F 270 52.82 27.95 -5.07
CA ALA F 270 51.63 27.24 -4.56
C ALA F 270 51.95 26.36 -3.34
N LEU F 271 53.20 25.89 -3.21
CA LEU F 271 53.67 25.03 -2.10
C LEU F 271 54.41 25.78 -0.98
N GLN F 272 54.32 27.13 -0.95
CA GLN F 272 54.97 28.00 0.05
C GLN F 272 54.52 27.76 1.49
N HIS F 273 53.21 27.54 1.71
CA HIS F 273 52.57 27.30 3.02
C HIS F 273 53.15 26.08 3.76
N ARG F 274 53.60 25.07 3.00
CA ARG F 274 54.16 23.80 3.45
C ARG F 274 55.57 23.94 4.04
N SER F 275 56.42 24.82 3.44
CA SER F 275 57.84 25.09 3.79
C SER F 275 58.17 25.13 5.29
N HIS F 276 57.25 25.67 6.13
CA HIS F 276 57.40 25.78 7.58
C HIS F 276 57.38 24.43 8.31
N TYR F 277 56.76 23.40 7.71
CA TYR F 277 56.65 22.07 8.30
C TYR F 277 57.07 20.91 7.35
N PHE F 278 57.48 21.22 6.12
CA PHE F 278 57.92 20.23 5.13
C PHE F 278 59.34 19.74 5.47
N GLU F 279 59.45 18.43 5.74
CA GLU F 279 60.70 17.75 6.11
C GLU F 279 61.58 17.39 4.90
N GLY F 280 60.95 17.11 3.77
CA GLY F 280 61.62 16.73 2.53
C GLY F 280 60.86 15.69 1.73
N VAL F 281 61.29 15.45 0.49
CA VAL F 281 60.67 14.47 -0.41
C VAL F 281 61.05 13.05 0.03
N LEU F 282 60.04 12.24 0.32
CA LEU F 282 60.20 10.86 0.76
C LEU F 282 60.52 10.02 -0.47
N LYS F 283 61.76 9.50 -0.50
CA LYS F 283 62.29 8.73 -1.60
C LYS F 283 62.72 7.31 -1.21
N CYS F 284 63.14 6.50 -2.21
CA CYS F 284 63.62 5.12 -2.05
C CYS F 284 64.61 4.73 -3.17
N TYR F 285 65.41 3.68 -2.93
CA TYR F 285 66.39 3.16 -3.89
C TYR F 285 65.99 1.78 -4.38
N LEU F 286 66.47 1.40 -5.59
CA LEU F 286 66.18 0.11 -6.22
C LEU F 286 66.70 -1.10 -5.45
N HIS F 287 67.80 -0.93 -4.67
CA HIS F 287 68.41 -2.00 -3.87
C HIS F 287 67.68 -2.26 -2.54
N GLU F 288 66.81 -1.32 -2.12
CA GLU F 288 66.03 -1.44 -0.87
C GLU F 288 64.94 -2.50 -0.99
N THR F 289 64.80 -3.33 0.06
CA THR F 289 63.82 -4.42 0.12
C THR F 289 62.38 -3.88 0.14
N LEU F 290 61.42 -4.71 -0.33
CA LEU F 290 60.00 -4.35 -0.37
C LEU F 290 59.46 -4.02 1.02
N GLU F 291 59.93 -4.73 2.07
CA GLU F 291 59.56 -4.51 3.47
C GLU F 291 59.96 -3.10 3.94
N THR F 292 61.19 -2.65 3.57
CA THR F 292 61.72 -1.31 3.90
C THR F 292 60.82 -0.23 3.29
N ILE F 293 60.40 -0.44 2.02
CA ILE F 293 59.53 0.47 1.26
C ILE F 293 58.10 0.50 1.88
N ILE F 294 57.53 -0.67 2.21
CA ILE F 294 56.21 -0.78 2.85
C ILE F 294 56.18 -0.03 4.20
N ASN F 295 57.14 -0.32 5.10
CA ASN F 295 57.26 0.33 6.41
C ASN F 295 57.38 1.85 6.28
N ARG F 296 58.20 2.32 5.32
CA ARG F 296 58.41 3.75 5.06
C ARG F 296 57.11 4.45 4.61
N LEU F 297 56.36 3.82 3.69
CA LEU F 297 55.11 4.35 3.17
C LEU F 297 54.00 4.36 4.21
N VAL F 298 53.95 3.33 5.08
CA VAL F 298 52.96 3.21 6.15
C VAL F 298 53.24 4.25 7.25
N GLU F 299 54.52 4.41 7.64
CA GLU F 299 54.96 5.39 8.64
C GLU F 299 54.73 6.84 8.18
N ALA F 300 55.11 7.15 6.92
CA ALA F 300 54.97 8.49 6.34
C ALA F 300 53.54 8.90 6.06
N GLU F 301 52.63 7.92 5.84
CA GLU F 301 51.20 8.10 5.55
C GLU F 301 50.97 8.83 4.21
N VAL F 302 51.85 8.55 3.23
CA VAL F 302 51.82 9.09 1.87
C VAL F 302 51.40 8.00 0.87
N HIS F 303 51.06 8.39 -0.37
CA HIS F 303 50.60 7.44 -1.38
C HIS F 303 51.73 6.87 -2.27
N ARG F 304 52.89 7.56 -2.34
CA ARG F 304 54.02 7.09 -3.15
C ARG F 304 55.38 7.60 -2.65
N LEU F 305 56.44 6.90 -3.09
CA LEU F 305 57.83 7.24 -2.86
C LEU F 305 58.45 7.45 -4.24
N VAL F 306 59.40 8.38 -4.34
CA VAL F 306 60.07 8.66 -5.61
C VAL F 306 61.31 7.78 -5.65
N VAL F 307 61.46 6.94 -6.70
CA VAL F 307 62.63 6.08 -6.84
C VAL F 307 63.72 6.95 -7.49
N VAL F 308 64.81 7.19 -6.75
CA VAL F 308 65.89 8.07 -7.22
C VAL F 308 67.24 7.35 -7.29
N ASP F 309 68.14 7.84 -8.16
CA ASP F 309 69.50 7.30 -8.28
C ASP F 309 70.42 7.99 -7.27
N GLU F 310 71.72 7.65 -7.25
CA GLU F 310 72.70 8.21 -6.32
C GLU F 310 72.84 9.74 -6.43
N ASN F 311 72.69 10.29 -7.65
CA ASN F 311 72.76 11.73 -7.94
C ASN F 311 71.40 12.46 -7.76
N ASP F 312 70.45 11.82 -7.04
CA ASP F 312 69.10 12.28 -6.68
C ASP F 312 68.14 12.59 -7.87
N VAL F 313 68.51 12.16 -9.09
CA VAL F 313 67.68 12.33 -10.30
C VAL F 313 66.60 11.22 -10.31
N VAL F 314 65.35 11.57 -10.68
CA VAL F 314 64.20 10.65 -10.73
C VAL F 314 64.46 9.47 -11.68
N LYS F 315 64.38 8.24 -11.11
CA LYS F 315 64.54 6.98 -11.83
C LYS F 315 63.20 6.29 -12.02
N GLY F 316 62.24 6.56 -11.13
CA GLY F 316 60.91 5.98 -11.19
C GLY F 316 60.00 6.40 -10.04
N ILE F 317 58.87 5.69 -9.91
CA ILE F 317 57.87 5.93 -8.86
C ILE F 317 57.24 4.62 -8.37
N VAL F 318 57.01 4.53 -7.04
CA VAL F 318 56.38 3.38 -6.40
C VAL F 318 55.19 3.85 -5.56
N SER F 319 53.99 3.64 -6.12
CA SER F 319 52.71 4.00 -5.54
C SER F 319 52.16 2.84 -4.70
N LEU F 320 51.13 3.10 -3.86
CA LEU F 320 50.49 2.06 -3.04
C LEU F 320 49.63 1.15 -3.92
N SER F 321 49.24 1.65 -5.10
CA SER F 321 48.46 0.93 -6.10
C SER F 321 49.34 -0.15 -6.72
N ASP F 322 50.65 0.13 -6.88
CA ASP F 322 51.66 -0.78 -7.40
C ASP F 322 51.93 -1.92 -6.44
N ILE F 323 52.02 -1.59 -5.13
CA ILE F 323 52.30 -2.56 -4.06
C ILE F 323 51.13 -3.51 -3.85
N LEU F 324 49.90 -2.97 -3.69
CA LEU F 324 48.70 -3.77 -3.47
C LEU F 324 48.35 -4.66 -4.67
N GLN F 325 48.70 -4.23 -5.89
CA GLN F 325 48.50 -5.02 -7.11
C GLN F 325 49.48 -6.21 -7.10
N ALA F 326 50.70 -6.00 -6.57
CA ALA F 326 51.72 -7.04 -6.48
C ALA F 326 51.45 -8.05 -5.36
N LEU F 327 50.85 -7.60 -4.24
CA LEU F 327 50.53 -8.45 -3.09
C LEU F 327 49.27 -9.31 -3.30
N VAL F 328 48.19 -8.70 -3.86
CA VAL F 328 46.90 -9.36 -4.09
C VAL F 328 46.81 -10.12 -5.42
N LEU F 329 47.53 -9.64 -6.47
CA LEU F 329 47.57 -10.23 -7.82
C LEU F 329 46.19 -10.38 -8.46
#